data_4LIZ
# 
_entry.id   4LIZ 
# 
_audit_conform.dict_name       mmcif_pdbx.dic 
_audit_conform.dict_version    5.397 
_audit_conform.dict_location   http://mmcif.pdb.org/dictionaries/ascii/mmcif_pdbx.dic 
# 
loop_
_database_2.database_id 
_database_2.database_code 
_database_2.pdbx_database_accession 
_database_2.pdbx_DOI 
PDB   4LIZ         pdb_00004liz 10.2210/pdb4liz/pdb 
RCSB  RCSB080688   ?            ?                   
WWPDB D_1000080688 ?            ?                   
# 
loop_
_pdbx_audit_revision_history.ordinal 
_pdbx_audit_revision_history.data_content_type 
_pdbx_audit_revision_history.major_revision 
_pdbx_audit_revision_history.minor_revision 
_pdbx_audit_revision_history.revision_date 
1 'Structure model' 1 0 2014-07-23 
2 'Structure model' 1 1 2015-02-11 
3 'Structure model' 1 2 2017-11-15 
4 'Structure model' 1 3 2024-10-16 
# 
_pdbx_audit_revision_details.ordinal             1 
_pdbx_audit_revision_details.revision_ordinal    1 
_pdbx_audit_revision_details.data_content_type   'Structure model' 
_pdbx_audit_revision_details.provider            repository 
_pdbx_audit_revision_details.type                'Initial release' 
_pdbx_audit_revision_details.description         ? 
_pdbx_audit_revision_details.details             ? 
# 
loop_
_pdbx_audit_revision_group.ordinal 
_pdbx_audit_revision_group.revision_ordinal 
_pdbx_audit_revision_group.data_content_type 
_pdbx_audit_revision_group.group 
1 2 'Structure model' 'Database references'    
2 3 'Structure model' 'Refinement description' 
3 4 'Structure model' 'Data collection'        
4 4 'Structure model' 'Database references'    
5 4 'Structure model' 'Derived calculations'   
6 4 'Structure model' 'Structure summary'      
# 
loop_
_pdbx_audit_revision_category.ordinal 
_pdbx_audit_revision_category.revision_ordinal 
_pdbx_audit_revision_category.data_content_type 
_pdbx_audit_revision_category.category 
1  3 'Structure model' software                  
2  4 'Structure model' chem_comp_atom            
3  4 'Structure model' chem_comp_bond            
4  4 'Structure model' database_2                
5  4 'Structure model' pdbx_entry_details        
6  4 'Structure model' pdbx_modification_feature 
7  4 'Structure model' pdbx_struct_conn_angle    
8  4 'Structure model' struct_conn               
9  4 'Structure model' struct_ref_seq_dif        
10 4 'Structure model' struct_site               
# 
loop_
_pdbx_audit_revision_item.ordinal 
_pdbx_audit_revision_item.revision_ordinal 
_pdbx_audit_revision_item.data_content_type 
_pdbx_audit_revision_item.item 
1  3 'Structure model' '_software.classification'                    
2  3 'Structure model' '_software.contact_author'                    
3  3 'Structure model' '_software.contact_author_email'              
4  3 'Structure model' '_software.date'                              
5  3 'Structure model' '_software.language'                          
6  3 'Structure model' '_software.location'                          
7  3 'Structure model' '_software.name'                              
8  3 'Structure model' '_software.type'                              
9  3 'Structure model' '_software.version'                           
10 4 'Structure model' '_database_2.pdbx_DOI'                        
11 4 'Structure model' '_database_2.pdbx_database_accession'         
12 4 'Structure model' '_pdbx_struct_conn_angle.ptnr1_auth_comp_id'  
13 4 'Structure model' '_pdbx_struct_conn_angle.ptnr1_auth_seq_id'   
14 4 'Structure model' '_pdbx_struct_conn_angle.ptnr1_label_asym_id' 
15 4 'Structure model' '_pdbx_struct_conn_angle.ptnr1_label_comp_id' 
16 4 'Structure model' '_pdbx_struct_conn_angle.ptnr1_label_seq_id'  
17 4 'Structure model' '_pdbx_struct_conn_angle.ptnr3_auth_comp_id'  
18 4 'Structure model' '_pdbx_struct_conn_angle.ptnr3_auth_seq_id'   
19 4 'Structure model' '_pdbx_struct_conn_angle.ptnr3_label_asym_id' 
20 4 'Structure model' '_pdbx_struct_conn_angle.ptnr3_label_comp_id' 
21 4 'Structure model' '_pdbx_struct_conn_angle.ptnr3_label_seq_id'  
22 4 'Structure model' '_pdbx_struct_conn_angle.value'               
23 4 'Structure model' '_struct_conn.pdbx_dist_value'                
24 4 'Structure model' '_struct_conn.pdbx_leaving_atom_flag'         
25 4 'Structure model' '_struct_conn.ptnr1_auth_comp_id'             
26 4 'Structure model' '_struct_conn.ptnr1_auth_seq_id'              
27 4 'Structure model' '_struct_conn.ptnr1_label_asym_id'            
28 4 'Structure model' '_struct_conn.ptnr1_label_atom_id'            
29 4 'Structure model' '_struct_conn.ptnr1_label_comp_id'            
30 4 'Structure model' '_struct_conn.ptnr1_label_seq_id'             
31 4 'Structure model' '_struct_conn.ptnr2_auth_comp_id'             
32 4 'Structure model' '_struct_conn.ptnr2_auth_seq_id'              
33 4 'Structure model' '_struct_conn.ptnr2_label_asym_id'            
34 4 'Structure model' '_struct_conn.ptnr2_label_atom_id'            
35 4 'Structure model' '_struct_conn.ptnr2_label_comp_id'            
36 4 'Structure model' '_struct_ref_seq_dif.details'                 
37 4 'Structure model' '_struct_site.pdbx_auth_asym_id'              
38 4 'Structure model' '_struct_site.pdbx_auth_comp_id'              
39 4 'Structure model' '_struct_site.pdbx_auth_seq_id'               
# 
_pdbx_database_status.entry_id                        4LIZ 
_pdbx_database_status.status_code                     REL 
_pdbx_database_status.deposit_site                    RCSB 
_pdbx_database_status.process_site                    RCSB 
_pdbx_database_status.recvd_initial_deposition_date   2013-07-04 
_pdbx_database_status.status_code_sf                  REL 
_pdbx_database_status.status_code_mr                  ? 
_pdbx_database_status.SG_entry                        ? 
_pdbx_database_status.status_code_cs                  ? 
_pdbx_database_status.methods_development_category    ? 
_pdbx_database_status.pdb_format_compatible           Y 
_pdbx_database_status.status_code_nmr_data            ? 
# 
loop_
_pdbx_database_related.db_name 
_pdbx_database_related.db_id 
_pdbx_database_related.details 
_pdbx_database_related.content_type 
PDB 1T2l 'Crystal structure of human coactosin-like protein.'                     unspecified 
PDB 1VFQ 'Crystal structure of human coactosin-like protein at 1.9 A resolution.' unspecified 
# 
loop_
_audit_author.name 
_audit_author.pdbx_ordinal 
'Gourinath, S.' 1 
'Kumar, N.'     2 
# 
_citation.id                        primary 
_citation.title                     'EhCoactosin stabilizes actin filaments in the protist parasite Entamoeba histolytica.' 
_citation.journal_abbrev            'Plos Pathog.' 
_citation.journal_volume            10 
_citation.page_first                e1004362 
_citation.page_last                 e1004362 
_citation.year                      2014 
_citation.journal_id_ASTM           ? 
_citation.country                   US 
_citation.journal_id_ISSN           1553-7366 
_citation.journal_id_CSD            ? 
_citation.book_publisher            ? 
_citation.pdbx_database_id_PubMed   25210743 
_citation.pdbx_database_id_DOI      10.1371/journal.ppat.1004362 
# 
loop_
_citation_author.citation_id 
_citation_author.name 
_citation_author.ordinal 
_citation_author.identifier_ORCID 
primary 'Kumar, N.'     1 ? 
primary Somlata         2 ? 
primary 'Mazumder, M.'  3 ? 
primary 'Dutta, P.'     4 ? 
primary 'Maiti, S.'     5 ? 
primary 'Gourinath, S.' 6 ? 
# 
loop_
_entity.id 
_entity.type 
_entity.src_method 
_entity.pdbx_description 
_entity.formula_weight 
_entity.pdbx_number_of_molecules 
_entity.pdbx_ec 
_entity.pdbx_mutation 
_entity.pdbx_fragment 
_entity.details 
1 polymer     man 'Actin-binding protein, cofilin/tropomyosin family protein, putative' 15883.747 1   ? ? ? ? 
2 non-polymer syn '4-(2-HYDROXYETHYL)-1-PIPERAZINE ETHANESULFONIC ACID'                 238.305   1   ? ? ? ? 
3 non-polymer syn 'SODIUM ION'                                                          22.990    1   ? ? ? ? 
4 water       nat water                                                                 18.015    227 ? ? ? ? 
# 
_entity_poly.entity_id                      1 
_entity_poly.type                           'polypeptide(L)' 
_entity_poly.nstd_linkage                   no 
_entity_poly.nstd_monomer                   yes 
_entity_poly.pdbx_seq_one_letter_code       
;(MSE)SGFDLSEVAGPVAEVIDDKNEEVEFVVFGVQTQPNKLVVDAKGKGGLEEVKAALKEDALQFAYYRTISGDEESKR
VKFVFISWAGEGIKKPKLRAV(MSE)SILKGDVKNVINNFHIELHATSLDDLVEDEIAAKIKLEHHAHHH
;
_entity_poly.pdbx_seq_one_letter_code_can   
;MSGFDLSEVAGPVAEVIDDKNEEVEFVVFGVQTQPNKLVVDAKGKGGLEEVKAALKEDALQFAYYRTISGDEESKRVKFV
FISWAGEGIKKPKLRAVMSILKGDVKNVINNFHIELHATSLDDLVEDEIAAKIKLEHHAHHH
;
_entity_poly.pdbx_strand_id                 A 
_entity_poly.pdbx_target_identifier         ? 
# 
loop_
_pdbx_entity_nonpoly.entity_id 
_pdbx_entity_nonpoly.name 
_pdbx_entity_nonpoly.comp_id 
2 '4-(2-HYDROXYETHYL)-1-PIPERAZINE ETHANESULFONIC ACID' EPE 
3 'SODIUM ION'                                          NA  
4 water                                                 HOH 
# 
loop_
_entity_poly_seq.entity_id 
_entity_poly_seq.num 
_entity_poly_seq.mon_id 
_entity_poly_seq.hetero 
1 1   MSE n 
1 2   SER n 
1 3   GLY n 
1 4   PHE n 
1 5   ASP n 
1 6   LEU n 
1 7   SER n 
1 8   GLU n 
1 9   VAL n 
1 10  ALA n 
1 11  GLY n 
1 12  PRO n 
1 13  VAL n 
1 14  ALA n 
1 15  GLU n 
1 16  VAL n 
1 17  ILE n 
1 18  ASP n 
1 19  ASP n 
1 20  LYS n 
1 21  ASN n 
1 22  GLU n 
1 23  GLU n 
1 24  VAL n 
1 25  GLU n 
1 26  PHE n 
1 27  VAL n 
1 28  VAL n 
1 29  PHE n 
1 30  GLY n 
1 31  VAL n 
1 32  GLN n 
1 33  THR n 
1 34  GLN n 
1 35  PRO n 
1 36  ASN n 
1 37  LYS n 
1 38  LEU n 
1 39  VAL n 
1 40  VAL n 
1 41  ASP n 
1 42  ALA n 
1 43  LYS n 
1 44  GLY n 
1 45  LYS n 
1 46  GLY n 
1 47  GLY n 
1 48  LEU n 
1 49  GLU n 
1 50  GLU n 
1 51  VAL n 
1 52  LYS n 
1 53  ALA n 
1 54  ALA n 
1 55  LEU n 
1 56  LYS n 
1 57  GLU n 
1 58  ASP n 
1 59  ALA n 
1 60  LEU n 
1 61  GLN n 
1 62  PHE n 
1 63  ALA n 
1 64  TYR n 
1 65  TYR n 
1 66  ARG n 
1 67  THR n 
1 68  ILE n 
1 69  SER n 
1 70  GLY n 
1 71  ASP n 
1 72  GLU n 
1 73  GLU n 
1 74  SER n 
1 75  LYS n 
1 76  ARG n 
1 77  VAL n 
1 78  LYS n 
1 79  PHE n 
1 80  VAL n 
1 81  PHE n 
1 82  ILE n 
1 83  SER n 
1 84  TRP n 
1 85  ALA n 
1 86  GLY n 
1 87  GLU n 
1 88  GLY n 
1 89  ILE n 
1 90  LYS n 
1 91  LYS n 
1 92  PRO n 
1 93  LYS n 
1 94  LEU n 
1 95  ARG n 
1 96  ALA n 
1 97  VAL n 
1 98  MSE n 
1 99  SER n 
1 100 ILE n 
1 101 LEU n 
1 102 LYS n 
1 103 GLY n 
1 104 ASP n 
1 105 VAL n 
1 106 LYS n 
1 107 ASN n 
1 108 VAL n 
1 109 ILE n 
1 110 ASN n 
1 111 ASN n 
1 112 PHE n 
1 113 HIS n 
1 114 ILE n 
1 115 GLU n 
1 116 LEU n 
1 117 HIS n 
1 118 ALA n 
1 119 THR n 
1 120 SER n 
1 121 LEU n 
1 122 ASP n 
1 123 ASP n 
1 124 LEU n 
1 125 VAL n 
1 126 GLU n 
1 127 ASP n 
1 128 GLU n 
1 129 ILE n 
1 130 ALA n 
1 131 ALA n 
1 132 LYS n 
1 133 ILE n 
1 134 LYS n 
1 135 LEU n 
1 136 GLU n 
1 137 HIS n 
1 138 HIS n 
1 139 ALA n 
1 140 HIS n 
1 141 HIS n 
1 142 HIS n 
# 
_entity_src_gen.entity_id                          1 
_entity_src_gen.pdbx_src_id                        1 
_entity_src_gen.pdbx_alt_source_flag               sample 
_entity_src_gen.pdbx_seq_type                      ? 
_entity_src_gen.pdbx_beg_seq_num                   ? 
_entity_src_gen.pdbx_end_seq_num                   ? 
_entity_src_gen.gene_src_common_name               ? 
_entity_src_gen.gene_src_genus                     ? 
_entity_src_gen.pdbx_gene_src_gene                 'Actin binding protein, Cofilin/tropomyosin family, EHI7A_006660' 
_entity_src_gen.gene_src_species                   ? 
_entity_src_gen.gene_src_strain                    HM1:IMSS 
_entity_src_gen.gene_src_tissue                    ? 
_entity_src_gen.gene_src_tissue_fraction           ? 
_entity_src_gen.gene_src_details                   ? 
_entity_src_gen.pdbx_gene_src_fragment             ? 
_entity_src_gen.pdbx_gene_src_scientific_name      'Entamoeba histolytica' 
_entity_src_gen.pdbx_gene_src_ncbi_taxonomy_id     885318 
_entity_src_gen.pdbx_gene_src_variant              ? 
_entity_src_gen.pdbx_gene_src_cell_line            ? 
_entity_src_gen.pdbx_gene_src_atcc                 ? 
_entity_src_gen.pdbx_gene_src_organ                ? 
_entity_src_gen.pdbx_gene_src_organelle            ? 
_entity_src_gen.pdbx_gene_src_cell                 ? 
_entity_src_gen.pdbx_gene_src_cellular_location    ? 
_entity_src_gen.host_org_common_name               ? 
_entity_src_gen.pdbx_host_org_scientific_name      'Escherichia coli' 
_entity_src_gen.pdbx_host_org_ncbi_taxonomy_id     562 
_entity_src_gen.host_org_genus                     ? 
_entity_src_gen.pdbx_host_org_gene                 ? 
_entity_src_gen.pdbx_host_org_organ                ? 
_entity_src_gen.host_org_species                   ? 
_entity_src_gen.pdbx_host_org_tissue               ? 
_entity_src_gen.pdbx_host_org_tissue_fraction      ? 
_entity_src_gen.pdbx_host_org_strain               'BL21(DE3)' 
_entity_src_gen.pdbx_host_org_variant              ? 
_entity_src_gen.pdbx_host_org_cell_line            ? 
_entity_src_gen.pdbx_host_org_atcc                 ? 
_entity_src_gen.pdbx_host_org_culture_collection   ? 
_entity_src_gen.pdbx_host_org_cell                 ? 
_entity_src_gen.pdbx_host_org_organelle            ? 
_entity_src_gen.pdbx_host_org_cellular_location    ? 
_entity_src_gen.pdbx_host_org_vector_type          plasmid 
_entity_src_gen.pdbx_host_org_vector               ? 
_entity_src_gen.host_org_details                   ? 
_entity_src_gen.expression_system_id               ? 
_entity_src_gen.plasmid_name                       pET28 
_entity_src_gen.plasmid_details                    ? 
_entity_src_gen.pdbx_description                   ? 
# 
loop_
_chem_comp.id 
_chem_comp.type 
_chem_comp.mon_nstd_flag 
_chem_comp.name 
_chem_comp.pdbx_synonyms 
_chem_comp.formula 
_chem_comp.formula_weight 
ALA 'L-peptide linking' y ALANINE                                               ?     'C3 H7 N O2'     89.093  
ARG 'L-peptide linking' y ARGININE                                              ?     'C6 H15 N4 O2 1' 175.209 
ASN 'L-peptide linking' y ASPARAGINE                                            ?     'C4 H8 N2 O3'    132.118 
ASP 'L-peptide linking' y 'ASPARTIC ACID'                                       ?     'C4 H7 N O4'     133.103 
EPE non-polymer         . '4-(2-HYDROXYETHYL)-1-PIPERAZINE ETHANESULFONIC ACID' HEPES 'C8 H18 N2 O4 S' 238.305 
GLN 'L-peptide linking' y GLUTAMINE                                             ?     'C5 H10 N2 O3'   146.144 
GLU 'L-peptide linking' y 'GLUTAMIC ACID'                                       ?     'C5 H9 N O4'     147.129 
GLY 'peptide linking'   y GLYCINE                                               ?     'C2 H5 N O2'     75.067  
HIS 'L-peptide linking' y HISTIDINE                                             ?     'C6 H10 N3 O2 1' 156.162 
HOH non-polymer         . WATER                                                 ?     'H2 O'           18.015  
ILE 'L-peptide linking' y ISOLEUCINE                                            ?     'C6 H13 N O2'    131.173 
LEU 'L-peptide linking' y LEUCINE                                               ?     'C6 H13 N O2'    131.173 
LYS 'L-peptide linking' y LYSINE                                                ?     'C6 H15 N2 O2 1' 147.195 
MSE 'L-peptide linking' n SELENOMETHIONINE                                      ?     'C5 H11 N O2 Se' 196.106 
NA  non-polymer         . 'SODIUM ION'                                          ?     'Na 1'           22.990  
PHE 'L-peptide linking' y PHENYLALANINE                                         ?     'C9 H11 N O2'    165.189 
PRO 'L-peptide linking' y PROLINE                                               ?     'C5 H9 N O2'     115.130 
SER 'L-peptide linking' y SERINE                                                ?     'C3 H7 N O3'     105.093 
THR 'L-peptide linking' y THREONINE                                             ?     'C4 H9 N O3'     119.119 
TRP 'L-peptide linking' y TRYPTOPHAN                                            ?     'C11 H12 N2 O2'  204.225 
TYR 'L-peptide linking' y TYROSINE                                              ?     'C9 H11 N O3'    181.189 
VAL 'L-peptide linking' y VALINE                                                ?     'C5 H11 N O2'    117.146 
# 
loop_
_pdbx_poly_seq_scheme.asym_id 
_pdbx_poly_seq_scheme.entity_id 
_pdbx_poly_seq_scheme.seq_id 
_pdbx_poly_seq_scheme.mon_id 
_pdbx_poly_seq_scheme.ndb_seq_num 
_pdbx_poly_seq_scheme.pdb_seq_num 
_pdbx_poly_seq_scheme.auth_seq_num 
_pdbx_poly_seq_scheme.pdb_mon_id 
_pdbx_poly_seq_scheme.auth_mon_id 
_pdbx_poly_seq_scheme.pdb_strand_id 
_pdbx_poly_seq_scheme.pdb_ins_code 
_pdbx_poly_seq_scheme.hetero 
A 1 1   MSE 1   1   1   MSE MSE A . n 
A 1 2   SER 2   2   2   SER SER A . n 
A 1 3   GLY 3   3   3   GLY GLY A . n 
A 1 4   PHE 4   4   4   PHE PHE A . n 
A 1 5   ASP 5   5   5   ASP ASP A . n 
A 1 6   LEU 6   6   6   LEU LEU A . n 
A 1 7   SER 7   7   7   SER SER A . n 
A 1 8   GLU 8   8   8   GLU GLU A . n 
A 1 9   VAL 9   9   9   VAL VAL A . n 
A 1 10  ALA 10  10  10  ALA ALA A . n 
A 1 11  GLY 11  11  11  GLY GLY A . n 
A 1 12  PRO 12  12  12  PRO PRO A . n 
A 1 13  VAL 13  13  13  VAL VAL A . n 
A 1 14  ALA 14  14  14  ALA ALA A . n 
A 1 15  GLU 15  15  15  GLU GLU A . n 
A 1 16  VAL 16  16  16  VAL VAL A . n 
A 1 17  ILE 17  17  17  ILE ILE A . n 
A 1 18  ASP 18  18  18  ASP ASP A . n 
A 1 19  ASP 19  19  19  ASP ASP A . n 
A 1 20  LYS 20  20  20  LYS LYS A . n 
A 1 21  ASN 21  21  21  ASN ASN A . n 
A 1 22  GLU 22  22  22  GLU GLU A . n 
A 1 23  GLU 23  23  23  GLU GLU A . n 
A 1 24  VAL 24  24  24  VAL VAL A . n 
A 1 25  GLU 25  25  25  GLU GLU A . n 
A 1 26  PHE 26  26  26  PHE PHE A . n 
A 1 27  VAL 27  27  27  VAL VAL A . n 
A 1 28  VAL 28  28  28  VAL VAL A . n 
A 1 29  PHE 29  29  29  PHE PHE A . n 
A 1 30  GLY 30  30  30  GLY GLY A . n 
A 1 31  VAL 31  31  31  VAL VAL A . n 
A 1 32  GLN 32  32  32  GLN GLN A . n 
A 1 33  THR 33  33  33  THR THR A . n 
A 1 34  GLN 34  34  34  GLN GLN A . n 
A 1 35  PRO 35  35  35  PRO PRO A . n 
A 1 36  ASN 36  36  36  ASN ASN A . n 
A 1 37  LYS 37  37  37  LYS LYS A . n 
A 1 38  LEU 38  38  38  LEU LEU A . n 
A 1 39  VAL 39  39  39  VAL VAL A . n 
A 1 40  VAL 40  40  40  VAL VAL A . n 
A 1 41  ASP 41  41  41  ASP ASP A . n 
A 1 42  ALA 42  42  42  ALA ALA A . n 
A 1 43  LYS 43  43  43  LYS LYS A . n 
A 1 44  GLY 44  44  44  GLY GLY A . n 
A 1 45  LYS 45  45  45  LYS LYS A . n 
A 1 46  GLY 46  46  46  GLY GLY A . n 
A 1 47  GLY 47  47  47  GLY GLY A . n 
A 1 48  LEU 48  48  48  LEU LEU A . n 
A 1 49  GLU 49  49  49  GLU GLU A . n 
A 1 50  GLU 50  50  50  GLU GLU A . n 
A 1 51  VAL 51  51  51  VAL VAL A . n 
A 1 52  LYS 52  52  52  LYS LYS A . n 
A 1 53  ALA 53  53  53  ALA ALA A . n 
A 1 54  ALA 54  54  54  ALA ALA A . n 
A 1 55  LEU 55  55  55  LEU LEU A . n 
A 1 56  LYS 56  56  56  LYS LYS A . n 
A 1 57  GLU 57  57  57  GLU GLU A . n 
A 1 58  ASP 58  58  58  ASP ASP A . n 
A 1 59  ALA 59  59  59  ALA ALA A . n 
A 1 60  LEU 60  60  60  LEU LEU A . n 
A 1 61  GLN 61  61  61  GLN GLN A . n 
A 1 62  PHE 62  62  62  PHE PHE A . n 
A 1 63  ALA 63  63  63  ALA ALA A . n 
A 1 64  TYR 64  64  64  TYR TYR A . n 
A 1 65  TYR 65  65  65  TYR TYR A . n 
A 1 66  ARG 66  66  66  ARG ARG A . n 
A 1 67  THR 67  67  67  THR THR A . n 
A 1 68  ILE 68  68  68  ILE ILE A . n 
A 1 69  SER 69  69  69  SER SER A . n 
A 1 70  GLY 70  70  70  GLY GLY A . n 
A 1 71  ASP 71  71  71  ASP ASP A . n 
A 1 72  GLU 72  72  72  GLU GLU A . n 
A 1 73  GLU 73  73  73  GLU GLU A . n 
A 1 74  SER 74  74  74  SER SER A . n 
A 1 75  LYS 75  75  75  LYS LYS A . n 
A 1 76  ARG 76  76  76  ARG ARG A . n 
A 1 77  VAL 77  77  77  VAL VAL A . n 
A 1 78  LYS 78  78  78  LYS LYS A . n 
A 1 79  PHE 79  79  79  PHE PHE A . n 
A 1 80  VAL 80  80  80  VAL VAL A . n 
A 1 81  PHE 81  81  81  PHE PHE A . n 
A 1 82  ILE 82  82  82  ILE ILE A . n 
A 1 83  SER 83  83  83  SER SER A . n 
A 1 84  TRP 84  84  84  TRP TRP A . n 
A 1 85  ALA 85  85  85  ALA ALA A . n 
A 1 86  GLY 86  86  86  GLY GLY A . n 
A 1 87  GLU 87  87  87  GLU GLU A . n 
A 1 88  GLY 88  88  88  GLY GLY A . n 
A 1 89  ILE 89  89  89  ILE ILE A . n 
A 1 90  LYS 90  90  90  LYS LYS A . n 
A 1 91  LYS 91  91  91  LYS LYS A . n 
A 1 92  PRO 92  92  92  PRO PRO A . n 
A 1 93  LYS 93  93  93  LYS LYS A . n 
A 1 94  LEU 94  94  94  LEU LEU A . n 
A 1 95  ARG 95  95  95  ARG ARG A . n 
A 1 96  ALA 96  96  96  ALA ALA A . n 
A 1 97  VAL 97  97  97  VAL VAL A . n 
A 1 98  MSE 98  98  98  MSE MSE A . n 
A 1 99  SER 99  99  99  SER SER A . n 
A 1 100 ILE 100 100 100 ILE ILE A . n 
A 1 101 LEU 101 101 101 LEU LEU A . n 
A 1 102 LYS 102 102 102 LYS LYS A . n 
A 1 103 GLY 103 103 103 GLY GLY A . n 
A 1 104 ASP 104 104 104 ASP ASP A . n 
A 1 105 VAL 105 105 105 VAL VAL A . n 
A 1 106 LYS 106 106 106 LYS LYS A . n 
A 1 107 ASN 107 107 107 ASN ASN A . n 
A 1 108 VAL 108 108 108 VAL VAL A . n 
A 1 109 ILE 109 109 109 ILE ILE A . n 
A 1 110 ASN 110 110 110 ASN ASN A . n 
A 1 111 ASN 111 111 111 ASN ASN A . n 
A 1 112 PHE 112 112 112 PHE PHE A . n 
A 1 113 HIS 113 113 113 HIS HIS A . n 
A 1 114 ILE 114 114 114 ILE ILE A . n 
A 1 115 GLU 115 115 115 GLU GLU A . n 
A 1 116 LEU 116 116 116 LEU LEU A . n 
A 1 117 HIS 117 117 117 HIS HIS A . n 
A 1 118 ALA 118 118 118 ALA ALA A . n 
A 1 119 THR 119 119 119 THR THR A . n 
A 1 120 SER 120 120 120 SER SER A . n 
A 1 121 LEU 121 121 121 LEU LEU A . n 
A 1 122 ASP 122 122 122 ASP ASP A . n 
A 1 123 ASP 123 123 123 ASP ASP A . n 
A 1 124 LEU 124 124 124 LEU LEU A . n 
A 1 125 VAL 125 125 125 VAL VAL A . n 
A 1 126 GLU 126 126 126 GLU GLU A . n 
A 1 127 ASP 127 127 127 ASP ASP A . n 
A 1 128 GLU 128 128 128 GLU GLU A . n 
A 1 129 ILE 129 129 129 ILE ILE A . n 
A 1 130 ALA 130 130 130 ALA ALA A . n 
A 1 131 ALA 131 131 131 ALA ALA A . n 
A 1 132 LYS 132 132 132 LYS LYS A . n 
A 1 133 ILE 133 133 133 ILE ILE A . n 
A 1 134 LYS 134 134 134 LYS LYS A . n 
A 1 135 LEU 135 135 135 LEU LEU A . n 
A 1 136 GLU 136 136 136 GLU GLU A . n 
A 1 137 HIS 137 137 137 HIS HIS A . n 
A 1 138 HIS 138 138 138 HIS HIS A . n 
A 1 139 ALA 139 139 139 ALA ALA A . n 
A 1 140 HIS 140 140 ?   ?   ?   A . n 
A 1 141 HIS 141 141 ?   ?   ?   A . n 
A 1 142 HIS 142 142 ?   ?   ?   A . n 
# 
loop_
_pdbx_nonpoly_scheme.asym_id 
_pdbx_nonpoly_scheme.entity_id 
_pdbx_nonpoly_scheme.mon_id 
_pdbx_nonpoly_scheme.ndb_seq_num 
_pdbx_nonpoly_scheme.pdb_seq_num 
_pdbx_nonpoly_scheme.auth_seq_num 
_pdbx_nonpoly_scheme.pdb_mon_id 
_pdbx_nonpoly_scheme.auth_mon_id 
_pdbx_nonpoly_scheme.pdb_strand_id 
_pdbx_nonpoly_scheme.pdb_ins_code 
B 2 EPE 1   201 1   EPE EPE A . 
C 3 NA  1   202 2   NA  NA  A . 
D 4 HOH 1   301 1   HOH HOH A . 
D 4 HOH 2   302 2   HOH HOH A . 
D 4 HOH 3   303 3   HOH HOH A . 
D 4 HOH 4   304 4   HOH HOH A . 
D 4 HOH 5   305 5   HOH HOH A . 
D 4 HOH 6   306 6   HOH HOH A . 
D 4 HOH 7   307 7   HOH HOH A . 
D 4 HOH 8   308 8   HOH HOH A . 
D 4 HOH 9   309 9   HOH HOH A . 
D 4 HOH 10  310 10  HOH HOH A . 
D 4 HOH 11  311 11  HOH HOH A . 
D 4 HOH 12  312 12  HOH HOH A . 
D 4 HOH 13  313 13  HOH HOH A . 
D 4 HOH 14  314 14  HOH HOH A . 
D 4 HOH 15  315 15  HOH HOH A . 
D 4 HOH 16  316 16  HOH HOH A . 
D 4 HOH 17  317 17  HOH HOH A . 
D 4 HOH 18  318 18  HOH HOH A . 
D 4 HOH 19  319 19  HOH HOH A . 
D 4 HOH 20  320 21  HOH HOH A . 
D 4 HOH 21  321 22  HOH HOH A . 
D 4 HOH 22  322 23  HOH HOH A . 
D 4 HOH 23  323 24  HOH HOH A . 
D 4 HOH 24  324 25  HOH HOH A . 
D 4 HOH 25  325 26  HOH HOH A . 
D 4 HOH 26  326 27  HOH HOH A . 
D 4 HOH 27  327 28  HOH HOH A . 
D 4 HOH 28  328 29  HOH HOH A . 
D 4 HOH 29  329 30  HOH HOH A . 
D 4 HOH 30  330 31  HOH HOH A . 
D 4 HOH 31  331 32  HOH HOH A . 
D 4 HOH 32  332 33  HOH HOH A . 
D 4 HOH 33  333 34  HOH HOH A . 
D 4 HOH 34  334 35  HOH HOH A . 
D 4 HOH 35  335 36  HOH HOH A . 
D 4 HOH 36  336 37  HOH HOH A . 
D 4 HOH 37  337 38  HOH HOH A . 
D 4 HOH 38  338 39  HOH HOH A . 
D 4 HOH 39  339 40  HOH HOH A . 
D 4 HOH 40  340 41  HOH HOH A . 
D 4 HOH 41  341 42  HOH HOH A . 
D 4 HOH 42  342 43  HOH HOH A . 
D 4 HOH 43  343 44  HOH HOH A . 
D 4 HOH 44  344 45  HOH HOH A . 
D 4 HOH 45  345 46  HOH HOH A . 
D 4 HOH 46  346 47  HOH HOH A . 
D 4 HOH 47  347 48  HOH HOH A . 
D 4 HOH 48  348 49  HOH HOH A . 
D 4 HOH 49  349 50  HOH HOH A . 
D 4 HOH 50  350 51  HOH HOH A . 
D 4 HOH 51  351 52  HOH HOH A . 
D 4 HOH 52  352 53  HOH HOH A . 
D 4 HOH 53  353 54  HOH HOH A . 
D 4 HOH 54  354 55  HOH HOH A . 
D 4 HOH 55  355 56  HOH HOH A . 
D 4 HOH 56  356 57  HOH HOH A . 
D 4 HOH 57  357 58  HOH HOH A . 
D 4 HOH 58  358 59  HOH HOH A . 
D 4 HOH 59  359 60  HOH HOH A . 
D 4 HOH 60  360 61  HOH HOH A . 
D 4 HOH 61  361 62  HOH HOH A . 
D 4 HOH 62  362 63  HOH HOH A . 
D 4 HOH 63  363 64  HOH HOH A . 
D 4 HOH 64  364 65  HOH HOH A . 
D 4 HOH 65  365 66  HOH HOH A . 
D 4 HOH 66  366 67  HOH HOH A . 
D 4 HOH 67  367 68  HOH HOH A . 
D 4 HOH 68  368 69  HOH HOH A . 
D 4 HOH 69  369 70  HOH HOH A . 
D 4 HOH 70  370 71  HOH HOH A . 
D 4 HOH 71  371 72  HOH HOH A . 
D 4 HOH 72  372 73  HOH HOH A . 
D 4 HOH 73  373 74  HOH HOH A . 
D 4 HOH 74  374 75  HOH HOH A . 
D 4 HOH 75  375 76  HOH HOH A . 
D 4 HOH 76  376 77  HOH HOH A . 
D 4 HOH 77  377 78  HOH HOH A . 
D 4 HOH 78  378 79  HOH HOH A . 
D 4 HOH 79  379 80  HOH HOH A . 
D 4 HOH 80  380 81  HOH HOH A . 
D 4 HOH 81  381 82  HOH HOH A . 
D 4 HOH 82  382 83  HOH HOH A . 
D 4 HOH 83  383 84  HOH HOH A . 
D 4 HOH 84  384 85  HOH HOH A . 
D 4 HOH 85  385 86  HOH HOH A . 
D 4 HOH 86  386 87  HOH HOH A . 
D 4 HOH 87  387 88  HOH HOH A . 
D 4 HOH 88  388 90  HOH HOH A . 
D 4 HOH 89  389 91  HOH HOH A . 
D 4 HOH 90  390 92  HOH HOH A . 
D 4 HOH 91  391 93  HOH HOH A . 
D 4 HOH 92  392 94  HOH HOH A . 
D 4 HOH 93  393 95  HOH HOH A . 
D 4 HOH 94  394 96  HOH HOH A . 
D 4 HOH 95  395 97  HOH HOH A . 
D 4 HOH 96  396 98  HOH HOH A . 
D 4 HOH 97  397 99  HOH HOH A . 
D 4 HOH 98  398 100 HOH HOH A . 
D 4 HOH 99  399 101 HOH HOH A . 
D 4 HOH 100 400 102 HOH HOH A . 
D 4 HOH 101 401 103 HOH HOH A . 
D 4 HOH 102 402 104 HOH HOH A . 
D 4 HOH 103 403 105 HOH HOH A . 
D 4 HOH 104 404 106 HOH HOH A . 
D 4 HOH 105 405 107 HOH HOH A . 
D 4 HOH 106 406 108 HOH HOH A . 
D 4 HOH 107 407 109 HOH HOH A . 
D 4 HOH 108 408 110 HOH HOH A . 
D 4 HOH 109 409 111 HOH HOH A . 
D 4 HOH 110 410 112 HOH HOH A . 
D 4 HOH 111 411 113 HOH HOH A . 
D 4 HOH 112 412 114 HOH HOH A . 
D 4 HOH 113 413 115 HOH HOH A . 
D 4 HOH 114 414 116 HOH HOH A . 
D 4 HOH 115 415 117 HOH HOH A . 
D 4 HOH 116 416 118 HOH HOH A . 
D 4 HOH 117 417 119 HOH HOH A . 
D 4 HOH 118 418 120 HOH HOH A . 
D 4 HOH 119 419 121 HOH HOH A . 
D 4 HOH 120 420 122 HOH HOH A . 
D 4 HOH 121 421 123 HOH HOH A . 
D 4 HOH 122 422 124 HOH HOH A . 
D 4 HOH 123 423 125 HOH HOH A . 
D 4 HOH 124 424 126 HOH HOH A . 
D 4 HOH 125 425 127 HOH HOH A . 
D 4 HOH 126 426 128 HOH HOH A . 
D 4 HOH 127 427 129 HOH HOH A . 
D 4 HOH 128 428 130 HOH HOH A . 
D 4 HOH 129 429 131 HOH HOH A . 
D 4 HOH 130 430 132 HOH HOH A . 
D 4 HOH 131 431 133 HOH HOH A . 
D 4 HOH 132 432 134 HOH HOH A . 
D 4 HOH 133 433 135 HOH HOH A . 
D 4 HOH 134 434 136 HOH HOH A . 
D 4 HOH 135 435 137 HOH HOH A . 
D 4 HOH 136 436 138 HOH HOH A . 
D 4 HOH 137 437 139 HOH HOH A . 
D 4 HOH 138 438 140 HOH HOH A . 
D 4 HOH 139 439 141 HOH HOH A . 
D 4 HOH 140 440 142 HOH HOH A . 
D 4 HOH 141 441 143 HOH HOH A . 
D 4 HOH 142 442 144 HOH HOH A . 
D 4 HOH 143 443 145 HOH HOH A . 
D 4 HOH 144 444 146 HOH HOH A . 
D 4 HOH 145 445 147 HOH HOH A . 
D 4 HOH 146 446 148 HOH HOH A . 
D 4 HOH 147 447 149 HOH HOH A . 
D 4 HOH 148 448 150 HOH HOH A . 
D 4 HOH 149 449 151 HOH HOH A . 
D 4 HOH 150 450 152 HOH HOH A . 
D 4 HOH 151 451 153 HOH HOH A . 
D 4 HOH 152 452 154 HOH HOH A . 
D 4 HOH 153 453 155 HOH HOH A . 
D 4 HOH 154 454 156 HOH HOH A . 
D 4 HOH 155 455 157 HOH HOH A . 
D 4 HOH 156 456 158 HOH HOH A . 
D 4 HOH 157 457 160 HOH HOH A . 
D 4 HOH 158 458 161 HOH HOH A . 
D 4 HOH 159 459 162 HOH HOH A . 
D 4 HOH 160 460 163 HOH HOH A . 
D 4 HOH 161 461 164 HOH HOH A . 
D 4 HOH 162 462 165 HOH HOH A . 
D 4 HOH 163 463 166 HOH HOH A . 
D 4 HOH 164 464 167 HOH HOH A . 
D 4 HOH 165 465 168 HOH HOH A . 
D 4 HOH 166 466 169 HOH HOH A . 
D 4 HOH 167 467 170 HOH HOH A . 
D 4 HOH 168 468 171 HOH HOH A . 
D 4 HOH 169 469 172 HOH HOH A . 
D 4 HOH 170 470 173 HOH HOH A . 
D 4 HOH 171 471 174 HOH HOH A . 
D 4 HOH 172 472 175 HOH HOH A . 
D 4 HOH 173 473 176 HOH HOH A . 
D 4 HOH 174 474 177 HOH HOH A . 
D 4 HOH 175 475 178 HOH HOH A . 
D 4 HOH 176 476 179 HOH HOH A . 
D 4 HOH 177 477 180 HOH HOH A . 
D 4 HOH 178 478 181 HOH HOH A . 
D 4 HOH 179 479 182 HOH HOH A . 
D 4 HOH 180 480 183 HOH HOH A . 
D 4 HOH 181 481 184 HOH HOH A . 
D 4 HOH 182 482 185 HOH HOH A . 
D 4 HOH 183 483 186 HOH HOH A . 
D 4 HOH 184 484 187 HOH HOH A . 
D 4 HOH 185 485 188 HOH HOH A . 
D 4 HOH 186 486 189 HOH HOH A . 
D 4 HOH 187 487 190 HOH HOH A . 
D 4 HOH 188 488 191 HOH HOH A . 
D 4 HOH 189 489 192 HOH HOH A . 
D 4 HOH 190 490 193 HOH HOH A . 
D 4 HOH 191 491 194 HOH HOH A . 
D 4 HOH 192 492 195 HOH HOH A . 
D 4 HOH 193 493 196 HOH HOH A . 
D 4 HOH 194 494 197 HOH HOH A . 
D 4 HOH 195 495 198 HOH HOH A . 
D 4 HOH 196 496 199 HOH HOH A . 
D 4 HOH 197 497 200 HOH HOH A . 
D 4 HOH 198 498 201 HOH HOH A . 
D 4 HOH 199 499 202 HOH HOH A . 
D 4 HOH 200 500 203 HOH HOH A . 
D 4 HOH 201 501 204 HOH HOH A . 
D 4 HOH 202 502 205 HOH HOH A . 
D 4 HOH 203 503 206 HOH HOH A . 
D 4 HOH 204 504 207 HOH HOH A . 
D 4 HOH 205 505 208 HOH HOH A . 
D 4 HOH 206 506 210 HOH HOH A . 
D 4 HOH 207 507 211 HOH HOH A . 
D 4 HOH 208 508 212 HOH HOH A . 
D 4 HOH 209 509 213 HOH HOH A . 
D 4 HOH 210 510 215 HOH HOH A . 
D 4 HOH 211 511 216 HOH HOH A . 
D 4 HOH 212 512 217 HOH HOH A . 
D 4 HOH 213 513 218 HOH HOH A . 
D 4 HOH 214 514 219 HOH HOH A . 
D 4 HOH 215 515 220 HOH HOH A . 
D 4 HOH 216 516 222 HOH HOH A . 
D 4 HOH 217 517 223 HOH HOH A . 
D 4 HOH 218 518 224 HOH HOH A . 
D 4 HOH 219 519 225 HOH HOH A . 
D 4 HOH 220 520 226 HOH HOH A . 
D 4 HOH 221 521 227 HOH HOH A . 
D 4 HOH 222 522 228 HOH HOH A . 
D 4 HOH 223 523 229 HOH HOH A . 
D 4 HOH 224 524 230 HOH HOH A . 
D 4 HOH 225 525 231 HOH HOH A . 
D 4 HOH 226 526 232 HOH HOH A . 
D 4 HOH 227 527 233 HOH HOH A . 
# 
loop_
_software.pdbx_ordinal 
_software.name 
_software.version 
_software.date 
_software.type 
_software.contact_author 
_software.contact_author_email 
_software.classification 
_software.location 
_software.language 
_software.citation_id 
1 DENZO       .    ?                package 'Zbyszek Otwinowski'  hkl@hkl-xray.com             'data reduction'  
http://www.hkl-xray.com/                     ?          ? 
2 SCALEPACK   .    ?                package 'Zbyszek Otwinowski'  hkl@hkl-xray.com             'data scaling'    
http://www.hkl-xray.com/                     ?          ? 
3 SHELX       .    ?                package 'George M. Sheldrick' gsheldr@shelx.uni-ac.gwdg.de phasing           
http://shelx.uni-ac.gwdg.de/SHELX/           Fortran_77 ? 
4 REFMAC      .    ?                program 'Garib N. Murshudov'  garib@ysbl.york.ac.uk        refinement        
http://www.ccp4.ac.uk/dist/html/refmac5.html Fortran_77 ? 
5 PDB_EXTRACT 3.11 'April 22, 2011' package PDB                   deposit@deposit.rcsb.org     'data extraction' 
http://sw-tools.pdb.org/apps/PDB_EXTRACT/    C++        ? 
6 HKL-2000    .    ?                ?       ?                     ?                            'data collection' ? ?          ? 
7 SHELXD      .    ?                ?       ?                     ?                            phasing           ? ?          ? 
# 
_cell.entry_id           4LIZ 
_cell.length_a           76.601 
_cell.length_b           76.601 
_cell.length_c           54.647 
_cell.angle_alpha        90.00 
_cell.angle_beta         90.00 
_cell.angle_gamma        120.00 
_cell.Z_PDB              6 
_cell.pdbx_unique_axis   ? 
_cell.length_a_esd       ? 
_cell.length_b_esd       ? 
_cell.length_c_esd       ? 
_cell.angle_alpha_esd    ? 
_cell.angle_beta_esd     ? 
_cell.angle_gamma_esd    ? 
# 
_symmetry.entry_id                         4LIZ 
_symmetry.space_group_name_H-M             'P 65' 
_symmetry.pdbx_full_space_group_name_H-M   ? 
_symmetry.cell_setting                     ? 
_symmetry.Int_Tables_number                170 
_symmetry.space_group_name_Hall            ? 
# 
_exptl.entry_id          4LIZ 
_exptl.method            'X-RAY DIFFRACTION' 
_exptl.crystals_number   1 
# 
_exptl_crystal.id                    1 
_exptl_crystal.density_meas          ? 
_exptl_crystal.density_Matthews      2.92 
_exptl_crystal.density_percent_sol   57.91 
_exptl_crystal.description           ? 
_exptl_crystal.F_000                 ? 
_exptl_crystal.preparation           ? 
# 
_exptl_crystal_grow.crystal_id      1 
_exptl_crystal_grow.method          'VAPOR DIFFUSION, HANGING DROP' 
_exptl_crystal_grow.temp            289 
_exptl_crystal_grow.temp_details    ? 
_exptl_crystal_grow.pH              ? 
_exptl_crystal_grow.pdbx_pH_range   '7.3 - 7.5' 
_exptl_crystal_grow.pdbx_details    
;100 mM HEPES, 33 % PEG 3350, 100mM Sodium acetate, 0.2 mM CaCl2, 10mM MgCl2, pH 7.3 - 7.5, vapor diffusion, hanging drop, temperature 289K
;
# 
_diffrn.id                     1 
_diffrn.ambient_temp           100 
_diffrn.ambient_temp_details   ? 
_diffrn.crystal_id             1 
# 
_diffrn_detector.diffrn_id              1 
_diffrn_detector.detector               CCD 
_diffrn_detector.type                   'MARmosaic 225' 
_diffrn_detector.pdbx_collection_date   2009-10-28 
_diffrn_detector.details                ? 
# 
_diffrn_radiation.diffrn_id                        1 
_diffrn_radiation.wavelength_id                    1 
_diffrn_radiation.pdbx_monochromatic_or_laue_m_l   M 
_diffrn_radiation.monochromator                    Si111 
_diffrn_radiation.pdbx_diffrn_protocol             'SINGLE WAVELENGTH' 
_diffrn_radiation.pdbx_scattering_type             x-ray 
# 
_diffrn_radiation_wavelength.id           1 
_diffrn_radiation_wavelength.wavelength   0.97372 
_diffrn_radiation_wavelength.wt           1.0 
# 
_diffrn_source.diffrn_id                   1 
_diffrn_source.source                      SYNCHROTRON 
_diffrn_source.type                        'ESRF BEAMLINE BM14' 
_diffrn_source.pdbx_synchrotron_site       ESRF 
_diffrn_source.pdbx_synchrotron_beamline   BM14 
_diffrn_source.pdbx_wavelength             ? 
_diffrn_source.pdbx_wavelength_list        0.97372 
# 
_reflns.pdbx_diffrn_id               1 
_reflns.pdbx_ordinal                 1 
_reflns.entry_id                     4LIZ 
_reflns.observed_criterion_sigma_I   ? 
_reflns.observed_criterion_sigma_F   ? 
_reflns.d_resolution_low             50.000 
_reflns.d_resolution_high            1.499 
_reflns.number_obs                   28852 
_reflns.number_all                   ? 
_reflns.percent_possible_obs         98.200 
_reflns.pdbx_Rmerge_I_obs            0.054 
_reflns.pdbx_Rsym_value              ? 
_reflns.pdbx_netI_over_sigmaI        17.600 
_reflns.B_iso_Wilson_estimate        ? 
_reflns.pdbx_redundancy              8.600 
_reflns.R_free_details               ? 
_reflns.limit_h_max                  ? 
_reflns.limit_h_min                  ? 
_reflns.limit_k_max                  ? 
_reflns.limit_k_min                  ? 
_reflns.limit_l_max                  ? 
_reflns.limit_l_min                  ? 
_reflns.observed_criterion_F_max     ? 
_reflns.observed_criterion_F_min     ? 
_reflns.pdbx_chi_squared             ? 
_reflns.pdbx_scaling_rejects         ? 
# 
loop_
_reflns_shell.pdbx_diffrn_id 
_reflns_shell.pdbx_ordinal 
_reflns_shell.d_res_high 
_reflns_shell.d_res_low 
_reflns_shell.percent_possible_all 
_reflns_shell.Rmerge_I_obs 
_reflns_shell.pdbx_Rsym_value 
_reflns_shell.meanI_over_sigI_obs 
_reflns_shell.pdbx_redundancy 
_reflns_shell.percent_possible_obs 
_reflns_shell.number_unique_all 
_reflns_shell.number_measured_all 
_reflns_shell.number_measured_obs 
_reflns_shell.number_unique_obs 
_reflns_shell.pdbx_chi_squared 
1 1  1.499 1.550  85.200  0.331 ? ? 3.500  ? ? ? ? ? ? 
1 2  1.550 1.620  97.100  0.278 ? ? 4.800  ? ? ? ? ? ? 
1 3  1.620 1.690  100.000 0.246 ? ? 7.000  ? ? ? ? ? ? 
1 4  1.690 1.780  100.000 0.182 ? ? 9.800  ? ? ? ? ? ? 
1 5  1.780 1.890  100.000 0.127 ? ? 10.000 ? ? ? ? ? ? 
1 6  1.890 2.040  100.000 0.085 ? ? 10.000 ? ? ? ? ? ? 
1 7  2.040 2.240  100.000 0.065 ? ? 10.000 ? ? ? ? ? ? 
1 8  2.240 2.560  100.000 0.054 ? ? 10.100 ? ? ? ? ? ? 
1 9  2.560 3.230  100.000 0.054 ? ? 10.000 ? ? ? ? ? ? 
1 10 3.230 50.000 99.200  0.041 ? ? 9.800  ? ? ? ? ? ? 
# 
_refine.pdbx_refine_id                           'X-RAY DIFFRACTION' 
_refine.entry_id                                 4LIZ 
_refine.pdbx_diffrn_id                           1 
_refine.pdbx_TLS_residual_ADP_flag               ? 
_refine.ls_number_reflns_obs                     27365 
_refine.ls_number_reflns_all                     ? 
_refine.pdbx_ls_sigma_I                          ? 
_refine.pdbx_ls_sigma_F                          . 
_refine.pdbx_data_cutoff_high_absF               ? 
_refine.pdbx_data_cutoff_low_absF                ? 
_refine.pdbx_data_cutoff_high_rms_absF           ? 
_refine.ls_d_res_low                             42.21 
_refine.ls_d_res_high                            1.499 
_refine.ls_percent_reflns_obs                    98.10 
_refine.ls_R_factor_obs                          0.16336 
_refine.ls_R_factor_all                          ? 
_refine.ls_R_factor_R_work                       0.16204 
_refine.ls_R_factor_R_free                       0.18827 
_refine.ls_R_factor_R_free_error                 ? 
_refine.ls_R_factor_R_free_error_details         ? 
_refine.ls_percent_reflns_R_free                 5.1 
_refine.ls_number_reflns_R_free                  1458 
_refine.ls_number_parameters                     ? 
_refine.ls_number_restraints                     ? 
_refine.occupancy_min                            0.120 
_refine.occupancy_max                            1.000 
_refine.correlation_coeff_Fo_to_Fc               0.971 
_refine.correlation_coeff_Fo_to_Fc_free          0.964 
_refine.B_iso_mean                               25.250 
_refine.aniso_B[1][1]                            -0.22 
_refine.aniso_B[2][2]                            -0.22 
_refine.aniso_B[3][3]                            0.72 
_refine.aniso_B[1][2]                            -0.22 
_refine.aniso_B[1][3]                            -0.00 
_refine.aniso_B[2][3]                            -0.00 
_refine.solvent_model_details                    MASK 
_refine.solvent_model_param_ksol                 ? 
_refine.solvent_model_param_bsol                 ? 
_refine.pdbx_solvent_vdw_probe_radii             1.20 
_refine.pdbx_solvent_ion_probe_radii             0.80 
_refine.pdbx_solvent_shrinkage_radii             0.80 
_refine.pdbx_ls_cross_valid_method               THROUGHOUT 
_refine.details                                  'HYDROGENS HAVE BEEN ADDED IN THE RIDING POSITIONS' 
_refine.pdbx_starting_model                      ? 
_refine.pdbx_method_to_determine_struct          SAD 
_refine.pdbx_isotropic_thermal_model             ? 
_refine.pdbx_stereochemistry_target_values       'MAXIMUM LIKELIHOOD' 
_refine.pdbx_stereochem_target_val_spec_case     ? 
_refine.pdbx_R_Free_selection_details            RANDOM 
_refine.pdbx_overall_ESU_R                       0.061 
_refine.pdbx_overall_ESU_R_Free                  0.064 
_refine.overall_SU_ML                            0.038 
_refine.pdbx_overall_phase_error                 ? 
_refine.overall_SU_B                             0.985 
_refine.overall_SU_R_Cruickshank_DPI             0.0615 
_refine.pdbx_overall_SU_R_free_Cruickshank_DPI   ? 
_refine.pdbx_overall_SU_R_Blow_DPI               ? 
_refine.pdbx_overall_SU_R_free_Blow_DPI          ? 
_refine.ls_redundancy_reflns_obs                 ? 
_refine.B_iso_min                                ? 
_refine.B_iso_max                                ? 
_refine.overall_SU_R_free                        ? 
_refine.ls_wR_factor_R_free                      ? 
_refine.ls_wR_factor_R_work                      ? 
_refine.overall_FOM_free_R_set                   ? 
_refine.overall_FOM_work_R_set                   ? 
# 
_refine_hist.pdbx_refine_id                   'X-RAY DIFFRACTION' 
_refine_hist.cycle_id                         LAST 
_refine_hist.pdbx_number_atoms_protein        1082 
_refine_hist.pdbx_number_atoms_nucleic_acid   0 
_refine_hist.pdbx_number_atoms_ligand         16 
_refine_hist.number_atoms_solvent             227 
_refine_hist.number_atoms_total               1325 
_refine_hist.d_res_high                       1.499 
_refine_hist.d_res_low                        42.21 
# 
loop_
_refine_ls_restr.type 
_refine_ls_restr.dev_ideal 
_refine_ls_restr.dev_ideal_target 
_refine_ls_restr.weight 
_refine_ls_restr.number 
_refine_ls_restr.pdbx_refine_id 
_refine_ls_restr.pdbx_restraint_function 
r_bond_refined_d             0.027  0.019  ? 1128 'X-RAY DIFFRACTION' ? 
r_bond_other_d               0.001  0.020  ? 1111 'X-RAY DIFFRACTION' ? 
r_angle_refined_deg          2.680  1.980  ? 1521 'X-RAY DIFFRACTION' ? 
r_angle_other_deg            1.074  3.000  ? 2576 'X-RAY DIFFRACTION' ? 
r_dihedral_angle_1_deg       6.040  5.000  ? 142  'X-RAY DIFFRACTION' ? 
r_dihedral_angle_2_deg       34.590 26.154 ? 52   'X-RAY DIFFRACTION' ? 
r_dihedral_angle_3_deg       13.618 15.000 ? 207  'X-RAY DIFFRACTION' ? 
r_dihedral_angle_4_deg       28.491 15.000 ? 3    'X-RAY DIFFRACTION' ? 
r_chiral_restr               0.176  0.200  ? 170  'X-RAY DIFFRACTION' ? 
r_gen_planes_refined         0.012  0.020  ? 1261 'X-RAY DIFFRACTION' ? 
r_gen_planes_other           0.001  0.020  ? 230  'X-RAY DIFFRACTION' ? 
r_nbd_refined                ?      ?      ? ?    'X-RAY DIFFRACTION' ? 
r_nbd_other                  ?      ?      ? ?    'X-RAY DIFFRACTION' ? 
r_nbtor_refined              ?      ?      ? ?    'X-RAY DIFFRACTION' ? 
r_nbtor_other                ?      ?      ? ?    'X-RAY DIFFRACTION' ? 
r_xyhbond_nbd_refined        ?      ?      ? ?    'X-RAY DIFFRACTION' ? 
r_xyhbond_nbd_other          ?      ?      ? ?    'X-RAY DIFFRACTION' ? 
r_metal_ion_refined          ?      ?      ? ?    'X-RAY DIFFRACTION' ? 
r_metal_ion_other            ?      ?      ? ?    'X-RAY DIFFRACTION' ? 
r_symmetry_vdw_refined       ?      ?      ? ?    'X-RAY DIFFRACTION' ? 
r_symmetry_vdw_other         ?      ?      ? ?    'X-RAY DIFFRACTION' ? 
r_symmetry_hbond_refined     ?      ?      ? ?    'X-RAY DIFFRACTION' ? 
r_symmetry_hbond_other       ?      ?      ? ?    'X-RAY DIFFRACTION' ? 
r_symmetry_metal_ion_refined ?      ?      ? ?    'X-RAY DIFFRACTION' ? 
r_symmetry_metal_ion_other   ?      ?      ? ?    'X-RAY DIFFRACTION' ? 
r_mcbond_it                  3.130  2.113  ? 559  'X-RAY DIFFRACTION' ? 
r_mcbond_other               3.119  2.106  ? 558  'X-RAY DIFFRACTION' ? 
r_mcangle_it                 5.094  3.161  ? 698  'X-RAY DIFFRACTION' ? 
r_mcangle_other              ?      ?      ? ?    'X-RAY DIFFRACTION' ? 
r_scbond_it                  4.153  2.635  ? 569  'X-RAY DIFFRACTION' ? 
r_scbond_other               ?      ?      ? ?    'X-RAY DIFFRACTION' ? 
r_scangle_it                 ?      ?      ? ?    'X-RAY DIFFRACTION' ? 
r_scangle_other              ?      ?      ? ?    'X-RAY DIFFRACTION' ? 
r_long_range_B_refined       ?      ?      ? ?    'X-RAY DIFFRACTION' ? 
r_long_range_B_other         ?      ?      ? ?    'X-RAY DIFFRACTION' ? 
r_rigid_bond_restr           ?      ?      ? ?    'X-RAY DIFFRACTION' ? 
r_sphericity_free            ?      ?      ? ?    'X-RAY DIFFRACTION' ? 
r_sphericity_bonded          ?      ?      ? ?    'X-RAY DIFFRACTION' ? 
# 
_refine_ls_shell.pdbx_refine_id                   'X-RAY DIFFRACTION' 
_refine_ls_shell.pdbx_total_number_of_bins_used   20 
_refine_ls_shell.d_res_high                       1.499 
_refine_ls_shell.d_res_low                        1.538 
_refine_ls_shell.number_reflns_R_work             1704 
_refine_ls_shell.R_factor_R_work                  0.270 
_refine_ls_shell.percent_reflns_obs               82.30 
_refine_ls_shell.R_factor_R_free                  0.289 
_refine_ls_shell.R_factor_R_free_error            ? 
_refine_ls_shell.percent_reflns_R_free            ? 
_refine_ls_shell.number_reflns_R_free             77 
_refine_ls_shell.number_reflns_all                ? 
_refine_ls_shell.R_factor_all                     ? 
_refine_ls_shell.redundancy_reflns_obs            ? 
_refine_ls_shell.number_reflns_obs                ? 
# 
_struct.entry_id                  4LIZ 
_struct.title                     'Crystal structure of coactosin from Entamoeba histolytica' 
_struct.pdbx_model_details        ? 
_struct.pdbx_CASP_flag            ? 
_struct.pdbx_model_type_details   ? 
# 
_struct_keywords.entry_id        4LIZ 
_struct_keywords.text            'Coactosin, actin binding protein, actin, STRUCTURAL PROTEIN' 
_struct_keywords.pdbx_keywords   'STRUCTURAL PROTEIN' 
# 
loop_
_struct_asym.id 
_struct_asym.pdbx_blank_PDB_chainid_flag 
_struct_asym.pdbx_modified 
_struct_asym.entity_id 
_struct_asym.details 
A N N 1 ? 
B N N 2 ? 
C N N 3 ? 
D N N 4 ? 
# 
_struct_ref.id                         1 
_struct_ref.db_name                    UNP 
_struct_ref.db_code                    N9TKD6_ENTHI 
_struct_ref.pdbx_db_accession          N9TKD6 
_struct_ref.entity_id                  1 
_struct_ref.pdbx_seq_one_letter_code   
;MSGFDLSEVAGPVAEVIDDKNEEVEFVVFGVQTQPNKLVVDAKGKGGLEEVKAALKEDALQFAYYRTISGDEESKRVKFV
FISWAGEGIKKPKLRAVMSILKGDVKNVINNFHIELHATSLDDLVEDEIAAKIK
;
_struct_ref.pdbx_align_begin           1 
_struct_ref.pdbx_db_isoform            ? 
# 
_struct_ref_seq.align_id                      1 
_struct_ref_seq.ref_id                        1 
_struct_ref_seq.pdbx_PDB_id_code              4LIZ 
_struct_ref_seq.pdbx_strand_id                A 
_struct_ref_seq.seq_align_beg                 1 
_struct_ref_seq.pdbx_seq_align_beg_ins_code   ? 
_struct_ref_seq.seq_align_end                 134 
_struct_ref_seq.pdbx_seq_align_end_ins_code   ? 
_struct_ref_seq.pdbx_db_accession             N9TKD6 
_struct_ref_seq.db_align_beg                  1 
_struct_ref_seq.pdbx_db_align_beg_ins_code    ? 
_struct_ref_seq.db_align_end                  134 
_struct_ref_seq.pdbx_db_align_end_ins_code    ? 
_struct_ref_seq.pdbx_auth_seq_align_beg       1 
_struct_ref_seq.pdbx_auth_seq_align_end       134 
# 
loop_
_struct_ref_seq_dif.align_id 
_struct_ref_seq_dif.pdbx_pdb_id_code 
_struct_ref_seq_dif.mon_id 
_struct_ref_seq_dif.pdbx_pdb_strand_id 
_struct_ref_seq_dif.seq_num 
_struct_ref_seq_dif.pdbx_pdb_ins_code 
_struct_ref_seq_dif.pdbx_seq_db_name 
_struct_ref_seq_dif.pdbx_seq_db_accession_code 
_struct_ref_seq_dif.db_mon_id 
_struct_ref_seq_dif.pdbx_seq_db_seq_num 
_struct_ref_seq_dif.details 
_struct_ref_seq_dif.pdbx_auth_seq_num 
_struct_ref_seq_dif.pdbx_ordinal 
1 4LIZ LEU A 135 ? UNP N9TKD6 ? ? 'expression tag' 135 1 
1 4LIZ GLU A 136 ? UNP N9TKD6 ? ? 'expression tag' 136 2 
1 4LIZ HIS A 137 ? UNP N9TKD6 ? ? 'expression tag' 137 3 
1 4LIZ HIS A 138 ? UNP N9TKD6 ? ? 'expression tag' 138 4 
1 4LIZ ALA A 139 ? UNP N9TKD6 ? ? 'expression tag' 139 5 
1 4LIZ HIS A 140 ? UNP N9TKD6 ? ? 'expression tag' 140 6 
1 4LIZ HIS A 141 ? UNP N9TKD6 ? ? 'expression tag' 141 7 
1 4LIZ HIS A 142 ? UNP N9TKD6 ? ? 'expression tag' 142 8 
# 
_pdbx_struct_assembly.id                   1 
_pdbx_struct_assembly.details              author_and_software_defined_assembly 
_pdbx_struct_assembly.method_details       PISA 
_pdbx_struct_assembly.oligomeric_details   monomeric 
_pdbx_struct_assembly.oligomeric_count     1 
# 
_pdbx_struct_assembly_gen.assembly_id       1 
_pdbx_struct_assembly_gen.oper_expression   1 
_pdbx_struct_assembly_gen.asym_id_list      A,B,C,D 
# 
_pdbx_struct_oper_list.id                   1 
_pdbx_struct_oper_list.type                 'identity operation' 
_pdbx_struct_oper_list.name                 1_555 
_pdbx_struct_oper_list.symmetry_operation   x,y,z 
_pdbx_struct_oper_list.matrix[1][1]         1.0000000000 
_pdbx_struct_oper_list.matrix[1][2]         0.0000000000 
_pdbx_struct_oper_list.matrix[1][3]         0.0000000000 
_pdbx_struct_oper_list.vector[1]            0.0000000000 
_pdbx_struct_oper_list.matrix[2][1]         0.0000000000 
_pdbx_struct_oper_list.matrix[2][2]         1.0000000000 
_pdbx_struct_oper_list.matrix[2][3]         0.0000000000 
_pdbx_struct_oper_list.vector[2]            0.0000000000 
_pdbx_struct_oper_list.matrix[3][1]         0.0000000000 
_pdbx_struct_oper_list.matrix[3][2]         0.0000000000 
_pdbx_struct_oper_list.matrix[3][3]         1.0000000000 
_pdbx_struct_oper_list.vector[3]            0.0000000000 
# 
_struct_biol.id        1 
_struct_biol.details   ? 
# 
loop_
_struct_conf.conf_type_id 
_struct_conf.id 
_struct_conf.pdbx_PDB_helix_id 
_struct_conf.beg_label_comp_id 
_struct_conf.beg_label_asym_id 
_struct_conf.beg_label_seq_id 
_struct_conf.pdbx_beg_PDB_ins_code 
_struct_conf.end_label_comp_id 
_struct_conf.end_label_asym_id 
_struct_conf.end_label_seq_id 
_struct_conf.pdbx_end_PDB_ins_code 
_struct_conf.beg_auth_comp_id 
_struct_conf.beg_auth_asym_id 
_struct_conf.beg_auth_seq_id 
_struct_conf.end_auth_comp_id 
_struct_conf.end_auth_asym_id 
_struct_conf.end_auth_seq_id 
_struct_conf.pdbx_PDB_helix_class 
_struct_conf.details 
_struct_conf.pdbx_PDB_helix_length 
HELX_P HELX_P1 1 VAL A 9   ? ASP A 18  ? VAL A 9   ASP A 18  1 ? 10 
HELX_P HELX_P2 2 GLY A 47  ? LEU A 55  ? GLY A 47  LEU A 55  1 ? 9  
HELX_P HELX_P3 3 LYS A 91  ? ILE A 109 ? LYS A 91  ILE A 109 1 ? 19 
HELX_P HELX_P4 4 SER A 120 ? LEU A 124 ? SER A 120 LEU A 124 5 ? 5  
HELX_P HELX_P5 5 VAL A 125 ? HIS A 138 ? VAL A 125 HIS A 138 1 ? 14 
# 
_struct_conf_type.id          HELX_P 
_struct_conf_type.criteria    ? 
_struct_conf_type.reference   ? 
# 
loop_
_struct_conn.id 
_struct_conn.conn_type_id 
_struct_conn.pdbx_leaving_atom_flag 
_struct_conn.pdbx_PDB_id 
_struct_conn.ptnr1_label_asym_id 
_struct_conn.ptnr1_label_comp_id 
_struct_conn.ptnr1_label_seq_id 
_struct_conn.ptnr1_label_atom_id 
_struct_conn.pdbx_ptnr1_label_alt_id 
_struct_conn.pdbx_ptnr1_PDB_ins_code 
_struct_conn.pdbx_ptnr1_standard_comp_id 
_struct_conn.ptnr1_symmetry 
_struct_conn.ptnr2_label_asym_id 
_struct_conn.ptnr2_label_comp_id 
_struct_conn.ptnr2_label_seq_id 
_struct_conn.ptnr2_label_atom_id 
_struct_conn.pdbx_ptnr2_label_alt_id 
_struct_conn.pdbx_ptnr2_PDB_ins_code 
_struct_conn.ptnr1_auth_asym_id 
_struct_conn.ptnr1_auth_comp_id 
_struct_conn.ptnr1_auth_seq_id 
_struct_conn.ptnr2_auth_asym_id 
_struct_conn.ptnr2_auth_comp_id 
_struct_conn.ptnr2_auth_seq_id 
_struct_conn.ptnr2_symmetry 
_struct_conn.pdbx_ptnr3_label_atom_id 
_struct_conn.pdbx_ptnr3_label_seq_id 
_struct_conn.pdbx_ptnr3_label_comp_id 
_struct_conn.pdbx_ptnr3_label_asym_id 
_struct_conn.pdbx_ptnr3_label_alt_id 
_struct_conn.pdbx_ptnr3_PDB_ins_code 
_struct_conn.details 
_struct_conn.pdbx_dist_value 
_struct_conn.pdbx_value_order 
_struct_conn.pdbx_role 
covale1 covale both ? A MSE 1  C  ? ? ? 1_555 A SER 2  N  ? ? A MSE 1   A SER 2   1_555 ? ? ? ? ? ? ? 1.239 ? ? 
covale2 covale both ? A VAL 97 C  ? ? ? 1_555 A MSE 98 N  ? ? A VAL 97  A MSE 98  1_555 ? ? ? ? ? ? ? 1.316 ? ? 
covale3 covale both ? A MSE 98 C  ? ? ? 1_555 A SER 99 N  ? ? A MSE 98  A SER 99  1_555 ? ? ? ? ? ? ? 1.353 ? ? 
metalc1 metalc ?    ? A GLU 15 O  ? ? ? 1_555 C NA  .  NA ? ? A GLU 15  A NA  202 1_555 ? ? ? ? ? ? ? 2.304 ? ? 
metalc2 metalc ?    ? A VAL 16 O  ? ? ? 1_555 C NA  .  NA ? ? A VAL 16  A NA  202 1_555 ? ? ? ? ? ? ? 3.002 ? ? 
metalc3 metalc ?    ? A ASP 18 O  ? ? ? 1_555 C NA  .  NA ? ? A ASP 18  A NA  202 1_555 ? ? ? ? ? ? ? 2.629 ? ? 
metalc4 metalc ?    ? A ASN 21 O  ? ? ? 1_555 C NA  .  NA ? ? A ASN 21  A NA  202 1_555 ? ? ? ? ? ? ? 2.360 ? ? 
metalc5 metalc ?    ? A VAL 24 O  ? ? ? 1_555 C NA  .  NA ? ? A VAL 24  A NA  202 1_555 ? ? ? ? ? ? ? 2.416 ? ? 
metalc6 metalc ?    ? C NA  .  NA ? ? ? 1_555 D HOH .  O  ? ? A NA  202 A HOH 341 1_555 ? ? ? ? ? ? ? 2.366 ? ? 
# 
loop_
_struct_conn_type.id 
_struct_conn_type.criteria 
_struct_conn_type.reference 
covale ? ? 
metalc ? ? 
# 
loop_
_pdbx_struct_conn_angle.id 
_pdbx_struct_conn_angle.ptnr1_label_atom_id 
_pdbx_struct_conn_angle.ptnr1_label_alt_id 
_pdbx_struct_conn_angle.ptnr1_label_asym_id 
_pdbx_struct_conn_angle.ptnr1_label_comp_id 
_pdbx_struct_conn_angle.ptnr1_label_seq_id 
_pdbx_struct_conn_angle.ptnr1_auth_atom_id 
_pdbx_struct_conn_angle.ptnr1_auth_asym_id 
_pdbx_struct_conn_angle.ptnr1_auth_comp_id 
_pdbx_struct_conn_angle.ptnr1_auth_seq_id 
_pdbx_struct_conn_angle.ptnr1_PDB_ins_code 
_pdbx_struct_conn_angle.ptnr1_symmetry 
_pdbx_struct_conn_angle.ptnr2_label_atom_id 
_pdbx_struct_conn_angle.ptnr2_label_alt_id 
_pdbx_struct_conn_angle.ptnr2_label_asym_id 
_pdbx_struct_conn_angle.ptnr2_label_comp_id 
_pdbx_struct_conn_angle.ptnr2_label_seq_id 
_pdbx_struct_conn_angle.ptnr2_auth_atom_id 
_pdbx_struct_conn_angle.ptnr2_auth_asym_id 
_pdbx_struct_conn_angle.ptnr2_auth_comp_id 
_pdbx_struct_conn_angle.ptnr2_auth_seq_id 
_pdbx_struct_conn_angle.ptnr2_PDB_ins_code 
_pdbx_struct_conn_angle.ptnr2_symmetry 
_pdbx_struct_conn_angle.ptnr3_label_atom_id 
_pdbx_struct_conn_angle.ptnr3_label_alt_id 
_pdbx_struct_conn_angle.ptnr3_label_asym_id 
_pdbx_struct_conn_angle.ptnr3_label_comp_id 
_pdbx_struct_conn_angle.ptnr3_label_seq_id 
_pdbx_struct_conn_angle.ptnr3_auth_atom_id 
_pdbx_struct_conn_angle.ptnr3_auth_asym_id 
_pdbx_struct_conn_angle.ptnr3_auth_comp_id 
_pdbx_struct_conn_angle.ptnr3_auth_seq_id 
_pdbx_struct_conn_angle.ptnr3_PDB_ins_code 
_pdbx_struct_conn_angle.ptnr3_symmetry 
_pdbx_struct_conn_angle.value 
_pdbx_struct_conn_angle.value_esd 
1  O ? A GLU 15 ? A GLU 15 ? 1_555 NA ? C NA . ? A NA 202 ? 1_555 O ? A VAL 16 ? A VAL 16  ? 1_555 74.5  ? 
2  O ? A GLU 15 ? A GLU 15 ? 1_555 NA ? C NA . ? A NA 202 ? 1_555 O ? A ASP 18 ? A ASP 18  ? 1_555 91.6  ? 
3  O ? A VAL 16 ? A VAL 16 ? 1_555 NA ? C NA . ? A NA 202 ? 1_555 O ? A ASP 18 ? A ASP 18  ? 1_555 90.1  ? 
4  O ? A GLU 15 ? A GLU 15 ? 1_555 NA ? C NA . ? A NA 202 ? 1_555 O ? A ASN 21 ? A ASN 21  ? 1_555 109.5 ? 
5  O ? A VAL 16 ? A VAL 16 ? 1_555 NA ? C NA . ? A NA 202 ? 1_555 O ? A ASN 21 ? A ASN 21  ? 1_555 175.2 ? 
6  O ? A ASP 18 ? A ASP 18 ? 1_555 NA ? C NA . ? A NA 202 ? 1_555 O ? A ASN 21 ? A ASN 21  ? 1_555 87.2  ? 
7  O ? A GLU 15 ? A GLU 15 ? 1_555 NA ? C NA . ? A NA 202 ? 1_555 O ? A VAL 24 ? A VAL 24  ? 1_555 89.1  ? 
8  O ? A VAL 16 ? A VAL 16 ? 1_555 NA ? C NA . ? A NA 202 ? 1_555 O ? A VAL 24 ? A VAL 24  ? 1_555 94.9  ? 
9  O ? A ASP 18 ? A ASP 18 ? 1_555 NA ? C NA . ? A NA 202 ? 1_555 O ? A VAL 24 ? A VAL 24  ? 1_555 174.9 ? 
10 O ? A ASN 21 ? A ASN 21 ? 1_555 NA ? C NA . ? A NA 202 ? 1_555 O ? A VAL 24 ? A VAL 24  ? 1_555 87.8  ? 
11 O ? A GLU 15 ? A GLU 15 ? 1_555 NA ? C NA . ? A NA 202 ? 1_555 O ? D HOH .  ? A HOH 341 ? 1_555 161.7 ? 
12 O ? A VAL 16 ? A VAL 16 ? 1_555 NA ? C NA . ? A NA 202 ? 1_555 O ? D HOH .  ? A HOH 341 ? 1_555 89.9  ? 
13 O ? A ASP 18 ? A ASP 18 ? 1_555 NA ? C NA . ? A NA 202 ? 1_555 O ? D HOH .  ? A HOH 341 ? 1_555 78.6  ? 
14 O ? A ASN 21 ? A ASN 21 ? 1_555 NA ? C NA . ? A NA 202 ? 1_555 O ? D HOH .  ? A HOH 341 ? 1_555 85.7  ? 
15 O ? A VAL 24 ? A VAL 24 ? 1_555 NA ? C NA . ? A NA 202 ? 1_555 O ? D HOH .  ? A HOH 341 ? 1_555 102.0 ? 
# 
loop_
_pdbx_modification_feature.ordinal 
_pdbx_modification_feature.label_comp_id 
_pdbx_modification_feature.label_asym_id 
_pdbx_modification_feature.label_seq_id 
_pdbx_modification_feature.label_alt_id 
_pdbx_modification_feature.modified_residue_label_comp_id 
_pdbx_modification_feature.modified_residue_label_asym_id 
_pdbx_modification_feature.modified_residue_label_seq_id 
_pdbx_modification_feature.modified_residue_label_alt_id 
_pdbx_modification_feature.auth_comp_id 
_pdbx_modification_feature.auth_asym_id 
_pdbx_modification_feature.auth_seq_id 
_pdbx_modification_feature.PDB_ins_code 
_pdbx_modification_feature.symmetry 
_pdbx_modification_feature.modified_residue_auth_comp_id 
_pdbx_modification_feature.modified_residue_auth_asym_id 
_pdbx_modification_feature.modified_residue_auth_seq_id 
_pdbx_modification_feature.modified_residue_PDB_ins_code 
_pdbx_modification_feature.modified_residue_symmetry 
_pdbx_modification_feature.comp_id_linking_atom 
_pdbx_modification_feature.modified_residue_id_linking_atom 
_pdbx_modification_feature.modified_residue_id 
_pdbx_modification_feature.ref_pcm_id 
_pdbx_modification_feature.ref_comp_id 
_pdbx_modification_feature.type 
_pdbx_modification_feature.category 
1 MSE A 1  ? . . . . MSE A 1  ? 1_555 . . . . . . . MET 1 MSE Selenomethionine 'Named protein modification' 
2 MSE A 98 ? . . . . MSE A 98 ? 1_555 . . . . . . . MET 1 MSE Selenomethionine 'Named protein modification' 
# 
loop_
_struct_mon_prot_cis.pdbx_id 
_struct_mon_prot_cis.label_comp_id 
_struct_mon_prot_cis.label_seq_id 
_struct_mon_prot_cis.label_asym_id 
_struct_mon_prot_cis.label_alt_id 
_struct_mon_prot_cis.pdbx_PDB_ins_code 
_struct_mon_prot_cis.auth_comp_id 
_struct_mon_prot_cis.auth_seq_id 
_struct_mon_prot_cis.auth_asym_id 
_struct_mon_prot_cis.pdbx_label_comp_id_2 
_struct_mon_prot_cis.pdbx_label_seq_id_2 
_struct_mon_prot_cis.pdbx_label_asym_id_2 
_struct_mon_prot_cis.pdbx_PDB_ins_code_2 
_struct_mon_prot_cis.pdbx_auth_comp_id_2 
_struct_mon_prot_cis.pdbx_auth_seq_id_2 
_struct_mon_prot_cis.pdbx_auth_asym_id_2 
_struct_mon_prot_cis.pdbx_PDB_model_num 
_struct_mon_prot_cis.pdbx_omega_angle 
1 GLN 34 A . ? GLN 34 A PRO 35 A ? PRO 35 A 1 7.58  
2 ASP 71 A . ? ASP 71 A GLU 72 A ? GLU 72 A 1 -2.46 
3 GLU 73 A . ? GLU 73 A SER 74 A ? SER 74 A 1 7.41  
# 
_struct_sheet.id               A 
_struct_sheet.type             ? 
_struct_sheet.number_strands   5 
_struct_sheet.details          ? 
# 
loop_
_struct_sheet_order.sheet_id 
_struct_sheet_order.range_id_1 
_struct_sheet_order.range_id_2 
_struct_sheet_order.offset 
_struct_sheet_order.sense 
A 1 2 ? anti-parallel 
A 2 3 ? anti-parallel 
A 3 4 ? anti-parallel 
A 4 5 ? parallel      
# 
loop_
_struct_sheet_range.sheet_id 
_struct_sheet_range.id 
_struct_sheet_range.beg_label_comp_id 
_struct_sheet_range.beg_label_asym_id 
_struct_sheet_range.beg_label_seq_id 
_struct_sheet_range.pdbx_beg_PDB_ins_code 
_struct_sheet_range.end_label_comp_id 
_struct_sheet_range.end_label_asym_id 
_struct_sheet_range.end_label_seq_id 
_struct_sheet_range.pdbx_end_PDB_ins_code 
_struct_sheet_range.beg_auth_comp_id 
_struct_sheet_range.beg_auth_asym_id 
_struct_sheet_range.beg_auth_seq_id 
_struct_sheet_range.end_auth_comp_id 
_struct_sheet_range.end_auth_asym_id 
_struct_sheet_range.end_auth_seq_id 
A 1 LYS A 37  ? GLY A 44  ? LYS A 37  GLY A 44  
A 2 PHE A 26  ? GLN A 32  ? PHE A 26  GLN A 32  
A 3 LEU A 60  ? SER A 69  ? LEU A 60  SER A 69  
A 4 ARG A 76  ? ALA A 85  ? ARG A 76  ALA A 85  
A 5 ILE A 114 ? ALA A 118 ? ILE A 114 ALA A 118 
# 
loop_
_pdbx_struct_sheet_hbond.sheet_id 
_pdbx_struct_sheet_hbond.range_id_1 
_pdbx_struct_sheet_hbond.range_id_2 
_pdbx_struct_sheet_hbond.range_1_label_atom_id 
_pdbx_struct_sheet_hbond.range_1_label_comp_id 
_pdbx_struct_sheet_hbond.range_1_label_asym_id 
_pdbx_struct_sheet_hbond.range_1_label_seq_id 
_pdbx_struct_sheet_hbond.range_1_PDB_ins_code 
_pdbx_struct_sheet_hbond.range_1_auth_atom_id 
_pdbx_struct_sheet_hbond.range_1_auth_comp_id 
_pdbx_struct_sheet_hbond.range_1_auth_asym_id 
_pdbx_struct_sheet_hbond.range_1_auth_seq_id 
_pdbx_struct_sheet_hbond.range_2_label_atom_id 
_pdbx_struct_sheet_hbond.range_2_label_comp_id 
_pdbx_struct_sheet_hbond.range_2_label_asym_id 
_pdbx_struct_sheet_hbond.range_2_label_seq_id 
_pdbx_struct_sheet_hbond.range_2_PDB_ins_code 
_pdbx_struct_sheet_hbond.range_2_auth_atom_id 
_pdbx_struct_sheet_hbond.range_2_auth_comp_id 
_pdbx_struct_sheet_hbond.range_2_auth_asym_id 
_pdbx_struct_sheet_hbond.range_2_auth_seq_id 
A 1 2 O LYS A 37 ? O LYS A 37 N GLN A 32  ? N GLN A 32  
A 2 3 N PHE A 29 ? N PHE A 29 O PHE A 62  ? O PHE A 62  
A 3 4 N SER A 69 ? N SER A 69 O ARG A 76  ? O ARG A 76  
A 4 5 N SER A 83 ? N SER A 83 O LEU A 116 ? O LEU A 116 
# 
loop_
_struct_site.id 
_struct_site.pdbx_evidence_code 
_struct_site.pdbx_auth_asym_id 
_struct_site.pdbx_auth_comp_id 
_struct_site.pdbx_auth_seq_id 
_struct_site.pdbx_auth_ins_code 
_struct_site.pdbx_num_residues 
_struct_site.details 
AC1 Software A EPE 201 ? 8 'BINDING SITE FOR RESIDUE EPE A 201' 
AC2 Software A NA  202 ? 6 'BINDING SITE FOR RESIDUE NA A 202'  
# 
loop_
_struct_site_gen.id 
_struct_site_gen.site_id 
_struct_site_gen.pdbx_num_res 
_struct_site_gen.label_comp_id 
_struct_site_gen.label_asym_id 
_struct_site_gen.label_seq_id 
_struct_site_gen.pdbx_auth_ins_code 
_struct_site_gen.auth_comp_id 
_struct_site_gen.auth_asym_id 
_struct_site_gen.auth_seq_id 
_struct_site_gen.label_atom_id 
_struct_site_gen.label_alt_id 
_struct_site_gen.symmetry 
_struct_site_gen.details 
1  AC1 8 GLY A 30 ? GLY A 30  . ? 1_555 ? 
2  AC1 8 GLN A 32 ? GLN A 32  . ? 1_555 ? 
3  AC1 8 THR A 33 ? THR A 33  . ? 1_555 ? 
4  AC1 8 ASP A 41 ? ASP A 41  . ? 1_555 ? 
5  AC1 8 GLN A 61 ? GLN A 61  . ? 1_555 ? 
6  AC1 8 HOH D .  ? HOH A 308 . ? 1_555 ? 
7  AC1 8 HOH D .  ? HOH A 387 . ? 1_555 ? 
8  AC1 8 HOH D .  ? HOH A 408 . ? 1_555 ? 
9  AC2 6 GLU A 15 ? GLU A 15  . ? 1_555 ? 
10 AC2 6 VAL A 16 ? VAL A 16  . ? 1_555 ? 
11 AC2 6 ASP A 18 ? ASP A 18  . ? 1_555 ? 
12 AC2 6 ASN A 21 ? ASN A 21  . ? 1_555 ? 
13 AC2 6 VAL A 24 ? VAL A 24  . ? 1_555 ? 
14 AC2 6 HOH D .  ? HOH A 341 . ? 1_555 ? 
# 
_pdbx_entry_details.entry_id                   4LIZ 
_pdbx_entry_details.compound_details           ? 
_pdbx_entry_details.source_details             ? 
_pdbx_entry_details.nonpolymer_details         ? 
_pdbx_entry_details.sequence_details           ? 
_pdbx_entry_details.has_ligand_of_interest     ? 
_pdbx_entry_details.has_protein_modification   Y 
# 
loop_
_pdbx_validate_close_contact.id 
_pdbx_validate_close_contact.PDB_model_num 
_pdbx_validate_close_contact.auth_atom_id_1 
_pdbx_validate_close_contact.auth_asym_id_1 
_pdbx_validate_close_contact.auth_comp_id_1 
_pdbx_validate_close_contact.auth_seq_id_1 
_pdbx_validate_close_contact.PDB_ins_code_1 
_pdbx_validate_close_contact.label_alt_id_1 
_pdbx_validate_close_contact.auth_atom_id_2 
_pdbx_validate_close_contact.auth_asym_id_2 
_pdbx_validate_close_contact.auth_comp_id_2 
_pdbx_validate_close_contact.auth_seq_id_2 
_pdbx_validate_close_contact.PDB_ins_code_2 
_pdbx_validate_close_contact.label_alt_id_2 
_pdbx_validate_close_contact.dist 
1 1 O A HOH 467 ? ? O A HOH 510 ? ? 2.05 
2 1 O A HOH 368 ? ? O A HOH 402 ? ? 2.09 
3 1 O A HOH 378 ? ? O A HOH 406 ? ? 2.14 
4 1 O A HOH 415 ? ? O A HOH 506 ? ? 2.16 
# 
_pdbx_validate_torsion.id              1 
_pdbx_validate_torsion.PDB_model_num   1 
_pdbx_validate_torsion.auth_comp_id    GLU 
_pdbx_validate_torsion.auth_asym_id    A 
_pdbx_validate_torsion.auth_seq_id     72 
_pdbx_validate_torsion.PDB_ins_code    ? 
_pdbx_validate_torsion.label_alt_id    ? 
_pdbx_validate_torsion.phi             -86.20 
_pdbx_validate_torsion.psi             -75.15 
# 
loop_
_pdbx_struct_mod_residue.id 
_pdbx_struct_mod_residue.label_asym_id 
_pdbx_struct_mod_residue.label_comp_id 
_pdbx_struct_mod_residue.label_seq_id 
_pdbx_struct_mod_residue.auth_asym_id 
_pdbx_struct_mod_residue.auth_comp_id 
_pdbx_struct_mod_residue.auth_seq_id 
_pdbx_struct_mod_residue.PDB_ins_code 
_pdbx_struct_mod_residue.parent_comp_id 
_pdbx_struct_mod_residue.details 
1 A MSE 1  A MSE 1  ? MET SELENOMETHIONINE 
2 A MSE 98 A MSE 98 ? MET SELENOMETHIONINE 
# 
_phasing.method   SAD 
# 
loop_
_pdbx_unobs_or_zero_occ_residues.id 
_pdbx_unobs_or_zero_occ_residues.PDB_model_num 
_pdbx_unobs_or_zero_occ_residues.polymer_flag 
_pdbx_unobs_or_zero_occ_residues.occupancy_flag 
_pdbx_unobs_or_zero_occ_residues.auth_asym_id 
_pdbx_unobs_or_zero_occ_residues.auth_comp_id 
_pdbx_unobs_or_zero_occ_residues.auth_seq_id 
_pdbx_unobs_or_zero_occ_residues.PDB_ins_code 
_pdbx_unobs_or_zero_occ_residues.label_asym_id 
_pdbx_unobs_or_zero_occ_residues.label_comp_id 
_pdbx_unobs_or_zero_occ_residues.label_seq_id 
1 1 Y 1 A HIS 140 ? A HIS 140 
2 1 Y 1 A HIS 141 ? A HIS 141 
3 1 Y 1 A HIS 142 ? A HIS 142 
# 
loop_
_chem_comp_atom.comp_id 
_chem_comp_atom.atom_id 
_chem_comp_atom.type_symbol 
_chem_comp_atom.pdbx_aromatic_flag 
_chem_comp_atom.pdbx_stereo_config 
_chem_comp_atom.pdbx_ordinal 
ALA N    N  N N 1   
ALA CA   C  N S 2   
ALA C    C  N N 3   
ALA O    O  N N 4   
ALA CB   C  N N 5   
ALA OXT  O  N N 6   
ALA H    H  N N 7   
ALA H2   H  N N 8   
ALA HA   H  N N 9   
ALA HB1  H  N N 10  
ALA HB2  H  N N 11  
ALA HB3  H  N N 12  
ALA HXT  H  N N 13  
ARG N    N  N N 14  
ARG CA   C  N S 15  
ARG C    C  N N 16  
ARG O    O  N N 17  
ARG CB   C  N N 18  
ARG CG   C  N N 19  
ARG CD   C  N N 20  
ARG NE   N  N N 21  
ARG CZ   C  N N 22  
ARG NH1  N  N N 23  
ARG NH2  N  N N 24  
ARG OXT  O  N N 25  
ARG H    H  N N 26  
ARG H2   H  N N 27  
ARG HA   H  N N 28  
ARG HB2  H  N N 29  
ARG HB3  H  N N 30  
ARG HG2  H  N N 31  
ARG HG3  H  N N 32  
ARG HD2  H  N N 33  
ARG HD3  H  N N 34  
ARG HE   H  N N 35  
ARG HH11 H  N N 36  
ARG HH12 H  N N 37  
ARG HH21 H  N N 38  
ARG HH22 H  N N 39  
ARG HXT  H  N N 40  
ASN N    N  N N 41  
ASN CA   C  N S 42  
ASN C    C  N N 43  
ASN O    O  N N 44  
ASN CB   C  N N 45  
ASN CG   C  N N 46  
ASN OD1  O  N N 47  
ASN ND2  N  N N 48  
ASN OXT  O  N N 49  
ASN H    H  N N 50  
ASN H2   H  N N 51  
ASN HA   H  N N 52  
ASN HB2  H  N N 53  
ASN HB3  H  N N 54  
ASN HD21 H  N N 55  
ASN HD22 H  N N 56  
ASN HXT  H  N N 57  
ASP N    N  N N 58  
ASP CA   C  N S 59  
ASP C    C  N N 60  
ASP O    O  N N 61  
ASP CB   C  N N 62  
ASP CG   C  N N 63  
ASP OD1  O  N N 64  
ASP OD2  O  N N 65  
ASP OXT  O  N N 66  
ASP H    H  N N 67  
ASP H2   H  N N 68  
ASP HA   H  N N 69  
ASP HB2  H  N N 70  
ASP HB3  H  N N 71  
ASP HD2  H  N N 72  
ASP HXT  H  N N 73  
EPE N1   N  N N 74  
EPE C2   C  N N 75  
EPE C3   C  N N 76  
EPE N4   N  N N 77  
EPE C5   C  N N 78  
EPE C6   C  N N 79  
EPE C7   C  N N 80  
EPE C8   C  N N 81  
EPE O8   O  N N 82  
EPE C9   C  N N 83  
EPE C10  C  N N 84  
EPE S    S  N N 85  
EPE O1S  O  N N 86  
EPE O2S  O  N N 87  
EPE O3S  O  N N 88  
EPE H21  H  N N 89  
EPE H22  H  N N 90  
EPE H31  H  N N 91  
EPE H32  H  N N 92  
EPE H51  H  N N 93  
EPE H52  H  N N 94  
EPE H61  H  N N 95  
EPE H62  H  N N 96  
EPE H71  H  N N 97  
EPE H72  H  N N 98  
EPE H81  H  N N 99  
EPE H82  H  N N 100 
EPE HO8  H  N N 101 
EPE H91  H  N N 102 
EPE H92  H  N N 103 
EPE H101 H  N N 104 
EPE H102 H  N N 105 
EPE HOS3 H  N N 106 
GLN N    N  N N 107 
GLN CA   C  N S 108 
GLN C    C  N N 109 
GLN O    O  N N 110 
GLN CB   C  N N 111 
GLN CG   C  N N 112 
GLN CD   C  N N 113 
GLN OE1  O  N N 114 
GLN NE2  N  N N 115 
GLN OXT  O  N N 116 
GLN H    H  N N 117 
GLN H2   H  N N 118 
GLN HA   H  N N 119 
GLN HB2  H  N N 120 
GLN HB3  H  N N 121 
GLN HG2  H  N N 122 
GLN HG3  H  N N 123 
GLN HE21 H  N N 124 
GLN HE22 H  N N 125 
GLN HXT  H  N N 126 
GLU N    N  N N 127 
GLU CA   C  N S 128 
GLU C    C  N N 129 
GLU O    O  N N 130 
GLU CB   C  N N 131 
GLU CG   C  N N 132 
GLU CD   C  N N 133 
GLU OE1  O  N N 134 
GLU OE2  O  N N 135 
GLU OXT  O  N N 136 
GLU H    H  N N 137 
GLU H2   H  N N 138 
GLU HA   H  N N 139 
GLU HB2  H  N N 140 
GLU HB3  H  N N 141 
GLU HG2  H  N N 142 
GLU HG3  H  N N 143 
GLU HE2  H  N N 144 
GLU HXT  H  N N 145 
GLY N    N  N N 146 
GLY CA   C  N N 147 
GLY C    C  N N 148 
GLY O    O  N N 149 
GLY OXT  O  N N 150 
GLY H    H  N N 151 
GLY H2   H  N N 152 
GLY HA2  H  N N 153 
GLY HA3  H  N N 154 
GLY HXT  H  N N 155 
HIS N    N  N N 156 
HIS CA   C  N S 157 
HIS C    C  N N 158 
HIS O    O  N N 159 
HIS CB   C  N N 160 
HIS CG   C  Y N 161 
HIS ND1  N  Y N 162 
HIS CD2  C  Y N 163 
HIS CE1  C  Y N 164 
HIS NE2  N  Y N 165 
HIS OXT  O  N N 166 
HIS H    H  N N 167 
HIS H2   H  N N 168 
HIS HA   H  N N 169 
HIS HB2  H  N N 170 
HIS HB3  H  N N 171 
HIS HD1  H  N N 172 
HIS HD2  H  N N 173 
HIS HE1  H  N N 174 
HIS HE2  H  N N 175 
HIS HXT  H  N N 176 
HOH O    O  N N 177 
HOH H1   H  N N 178 
HOH H2   H  N N 179 
ILE N    N  N N 180 
ILE CA   C  N S 181 
ILE C    C  N N 182 
ILE O    O  N N 183 
ILE CB   C  N S 184 
ILE CG1  C  N N 185 
ILE CG2  C  N N 186 
ILE CD1  C  N N 187 
ILE OXT  O  N N 188 
ILE H    H  N N 189 
ILE H2   H  N N 190 
ILE HA   H  N N 191 
ILE HB   H  N N 192 
ILE HG12 H  N N 193 
ILE HG13 H  N N 194 
ILE HG21 H  N N 195 
ILE HG22 H  N N 196 
ILE HG23 H  N N 197 
ILE HD11 H  N N 198 
ILE HD12 H  N N 199 
ILE HD13 H  N N 200 
ILE HXT  H  N N 201 
LEU N    N  N N 202 
LEU CA   C  N S 203 
LEU C    C  N N 204 
LEU O    O  N N 205 
LEU CB   C  N N 206 
LEU CG   C  N N 207 
LEU CD1  C  N N 208 
LEU CD2  C  N N 209 
LEU OXT  O  N N 210 
LEU H    H  N N 211 
LEU H2   H  N N 212 
LEU HA   H  N N 213 
LEU HB2  H  N N 214 
LEU HB3  H  N N 215 
LEU HG   H  N N 216 
LEU HD11 H  N N 217 
LEU HD12 H  N N 218 
LEU HD13 H  N N 219 
LEU HD21 H  N N 220 
LEU HD22 H  N N 221 
LEU HD23 H  N N 222 
LEU HXT  H  N N 223 
LYS N    N  N N 224 
LYS CA   C  N S 225 
LYS C    C  N N 226 
LYS O    O  N N 227 
LYS CB   C  N N 228 
LYS CG   C  N N 229 
LYS CD   C  N N 230 
LYS CE   C  N N 231 
LYS NZ   N  N N 232 
LYS OXT  O  N N 233 
LYS H    H  N N 234 
LYS H2   H  N N 235 
LYS HA   H  N N 236 
LYS HB2  H  N N 237 
LYS HB3  H  N N 238 
LYS HG2  H  N N 239 
LYS HG3  H  N N 240 
LYS HD2  H  N N 241 
LYS HD3  H  N N 242 
LYS HE2  H  N N 243 
LYS HE3  H  N N 244 
LYS HZ1  H  N N 245 
LYS HZ2  H  N N 246 
LYS HZ3  H  N N 247 
LYS HXT  H  N N 248 
MSE N    N  N N 249 
MSE CA   C  N S 250 
MSE C    C  N N 251 
MSE O    O  N N 252 
MSE OXT  O  N N 253 
MSE CB   C  N N 254 
MSE CG   C  N N 255 
MSE SE   SE N N 256 
MSE CE   C  N N 257 
MSE H    H  N N 258 
MSE H2   H  N N 259 
MSE HA   H  N N 260 
MSE HXT  H  N N 261 
MSE HB2  H  N N 262 
MSE HB3  H  N N 263 
MSE HG2  H  N N 264 
MSE HG3  H  N N 265 
MSE HE1  H  N N 266 
MSE HE2  H  N N 267 
MSE HE3  H  N N 268 
NA  NA   NA N N 269 
PHE N    N  N N 270 
PHE CA   C  N S 271 
PHE C    C  N N 272 
PHE O    O  N N 273 
PHE CB   C  N N 274 
PHE CG   C  Y N 275 
PHE CD1  C  Y N 276 
PHE CD2  C  Y N 277 
PHE CE1  C  Y N 278 
PHE CE2  C  Y N 279 
PHE CZ   C  Y N 280 
PHE OXT  O  N N 281 
PHE H    H  N N 282 
PHE H2   H  N N 283 
PHE HA   H  N N 284 
PHE HB2  H  N N 285 
PHE HB3  H  N N 286 
PHE HD1  H  N N 287 
PHE HD2  H  N N 288 
PHE HE1  H  N N 289 
PHE HE2  H  N N 290 
PHE HZ   H  N N 291 
PHE HXT  H  N N 292 
PRO N    N  N N 293 
PRO CA   C  N S 294 
PRO C    C  N N 295 
PRO O    O  N N 296 
PRO CB   C  N N 297 
PRO CG   C  N N 298 
PRO CD   C  N N 299 
PRO OXT  O  N N 300 
PRO H    H  N N 301 
PRO HA   H  N N 302 
PRO HB2  H  N N 303 
PRO HB3  H  N N 304 
PRO HG2  H  N N 305 
PRO HG3  H  N N 306 
PRO HD2  H  N N 307 
PRO HD3  H  N N 308 
PRO HXT  H  N N 309 
SER N    N  N N 310 
SER CA   C  N S 311 
SER C    C  N N 312 
SER O    O  N N 313 
SER CB   C  N N 314 
SER OG   O  N N 315 
SER OXT  O  N N 316 
SER H    H  N N 317 
SER H2   H  N N 318 
SER HA   H  N N 319 
SER HB2  H  N N 320 
SER HB3  H  N N 321 
SER HG   H  N N 322 
SER HXT  H  N N 323 
THR N    N  N N 324 
THR CA   C  N S 325 
THR C    C  N N 326 
THR O    O  N N 327 
THR CB   C  N R 328 
THR OG1  O  N N 329 
THR CG2  C  N N 330 
THR OXT  O  N N 331 
THR H    H  N N 332 
THR H2   H  N N 333 
THR HA   H  N N 334 
THR HB   H  N N 335 
THR HG1  H  N N 336 
THR HG21 H  N N 337 
THR HG22 H  N N 338 
THR HG23 H  N N 339 
THR HXT  H  N N 340 
TRP N    N  N N 341 
TRP CA   C  N S 342 
TRP C    C  N N 343 
TRP O    O  N N 344 
TRP CB   C  N N 345 
TRP CG   C  Y N 346 
TRP CD1  C  Y N 347 
TRP CD2  C  Y N 348 
TRP NE1  N  Y N 349 
TRP CE2  C  Y N 350 
TRP CE3  C  Y N 351 
TRP CZ2  C  Y N 352 
TRP CZ3  C  Y N 353 
TRP CH2  C  Y N 354 
TRP OXT  O  N N 355 
TRP H    H  N N 356 
TRP H2   H  N N 357 
TRP HA   H  N N 358 
TRP HB2  H  N N 359 
TRP HB3  H  N N 360 
TRP HD1  H  N N 361 
TRP HE1  H  N N 362 
TRP HE3  H  N N 363 
TRP HZ2  H  N N 364 
TRP HZ3  H  N N 365 
TRP HH2  H  N N 366 
TRP HXT  H  N N 367 
TYR N    N  N N 368 
TYR CA   C  N S 369 
TYR C    C  N N 370 
TYR O    O  N N 371 
TYR CB   C  N N 372 
TYR CG   C  Y N 373 
TYR CD1  C  Y N 374 
TYR CD2  C  Y N 375 
TYR CE1  C  Y N 376 
TYR CE2  C  Y N 377 
TYR CZ   C  Y N 378 
TYR OH   O  N N 379 
TYR OXT  O  N N 380 
TYR H    H  N N 381 
TYR H2   H  N N 382 
TYR HA   H  N N 383 
TYR HB2  H  N N 384 
TYR HB3  H  N N 385 
TYR HD1  H  N N 386 
TYR HD2  H  N N 387 
TYR HE1  H  N N 388 
TYR HE2  H  N N 389 
TYR HH   H  N N 390 
TYR HXT  H  N N 391 
VAL N    N  N N 392 
VAL CA   C  N S 393 
VAL C    C  N N 394 
VAL O    O  N N 395 
VAL CB   C  N N 396 
VAL CG1  C  N N 397 
VAL CG2  C  N N 398 
VAL OXT  O  N N 399 
VAL H    H  N N 400 
VAL H2   H  N N 401 
VAL HA   H  N N 402 
VAL HB   H  N N 403 
VAL HG11 H  N N 404 
VAL HG12 H  N N 405 
VAL HG13 H  N N 406 
VAL HG21 H  N N 407 
VAL HG22 H  N N 408 
VAL HG23 H  N N 409 
VAL HXT  H  N N 410 
# 
loop_
_chem_comp_bond.comp_id 
_chem_comp_bond.atom_id_1 
_chem_comp_bond.atom_id_2 
_chem_comp_bond.value_order 
_chem_comp_bond.pdbx_aromatic_flag 
_chem_comp_bond.pdbx_stereo_config 
_chem_comp_bond.pdbx_ordinal 
ALA N   CA   sing N N 1   
ALA N   H    sing N N 2   
ALA N   H2   sing N N 3   
ALA CA  C    sing N N 4   
ALA CA  CB   sing N N 5   
ALA CA  HA   sing N N 6   
ALA C   O    doub N N 7   
ALA C   OXT  sing N N 8   
ALA CB  HB1  sing N N 9   
ALA CB  HB2  sing N N 10  
ALA CB  HB3  sing N N 11  
ALA OXT HXT  sing N N 12  
ARG N   CA   sing N N 13  
ARG N   H    sing N N 14  
ARG N   H2   sing N N 15  
ARG CA  C    sing N N 16  
ARG CA  CB   sing N N 17  
ARG CA  HA   sing N N 18  
ARG C   O    doub N N 19  
ARG C   OXT  sing N N 20  
ARG CB  CG   sing N N 21  
ARG CB  HB2  sing N N 22  
ARG CB  HB3  sing N N 23  
ARG CG  CD   sing N N 24  
ARG CG  HG2  sing N N 25  
ARG CG  HG3  sing N N 26  
ARG CD  NE   sing N N 27  
ARG CD  HD2  sing N N 28  
ARG CD  HD3  sing N N 29  
ARG NE  CZ   sing N N 30  
ARG NE  HE   sing N N 31  
ARG CZ  NH1  sing N N 32  
ARG CZ  NH2  doub N N 33  
ARG NH1 HH11 sing N N 34  
ARG NH1 HH12 sing N N 35  
ARG NH2 HH21 sing N N 36  
ARG NH2 HH22 sing N N 37  
ARG OXT HXT  sing N N 38  
ASN N   CA   sing N N 39  
ASN N   H    sing N N 40  
ASN N   H2   sing N N 41  
ASN CA  C    sing N N 42  
ASN CA  CB   sing N N 43  
ASN CA  HA   sing N N 44  
ASN C   O    doub N N 45  
ASN C   OXT  sing N N 46  
ASN CB  CG   sing N N 47  
ASN CB  HB2  sing N N 48  
ASN CB  HB3  sing N N 49  
ASN CG  OD1  doub N N 50  
ASN CG  ND2  sing N N 51  
ASN ND2 HD21 sing N N 52  
ASN ND2 HD22 sing N N 53  
ASN OXT HXT  sing N N 54  
ASP N   CA   sing N N 55  
ASP N   H    sing N N 56  
ASP N   H2   sing N N 57  
ASP CA  C    sing N N 58  
ASP CA  CB   sing N N 59  
ASP CA  HA   sing N N 60  
ASP C   O    doub N N 61  
ASP C   OXT  sing N N 62  
ASP CB  CG   sing N N 63  
ASP CB  HB2  sing N N 64  
ASP CB  HB3  sing N N 65  
ASP CG  OD1  doub N N 66  
ASP CG  OD2  sing N N 67  
ASP OD2 HD2  sing N N 68  
ASP OXT HXT  sing N N 69  
EPE N1  C2   sing N N 70  
EPE N1  C6   sing N N 71  
EPE N1  C9   sing N N 72  
EPE C2  C3   sing N N 73  
EPE C2  H21  sing N N 74  
EPE C2  H22  sing N N 75  
EPE C3  N4   sing N N 76  
EPE C3  H31  sing N N 77  
EPE C3  H32  sing N N 78  
EPE N4  C5   sing N N 79  
EPE N4  C7   sing N N 80  
EPE C5  C6   sing N N 81  
EPE C5  H51  sing N N 82  
EPE C5  H52  sing N N 83  
EPE C6  H61  sing N N 84  
EPE C6  H62  sing N N 85  
EPE C7  C8   sing N N 86  
EPE C7  H71  sing N N 87  
EPE C7  H72  sing N N 88  
EPE C8  O8   sing N N 89  
EPE C8  H81  sing N N 90  
EPE C8  H82  sing N N 91  
EPE O8  HO8  sing N N 92  
EPE C9  C10  sing N N 93  
EPE C9  H91  sing N N 94  
EPE C9  H92  sing N N 95  
EPE C10 S    sing N N 96  
EPE C10 H101 sing N N 97  
EPE C10 H102 sing N N 98  
EPE S   O1S  doub N N 99  
EPE S   O2S  doub N N 100 
EPE S   O3S  sing N N 101 
EPE O3S HOS3 sing N N 102 
GLN N   CA   sing N N 103 
GLN N   H    sing N N 104 
GLN N   H2   sing N N 105 
GLN CA  C    sing N N 106 
GLN CA  CB   sing N N 107 
GLN CA  HA   sing N N 108 
GLN C   O    doub N N 109 
GLN C   OXT  sing N N 110 
GLN CB  CG   sing N N 111 
GLN CB  HB2  sing N N 112 
GLN CB  HB3  sing N N 113 
GLN CG  CD   sing N N 114 
GLN CG  HG2  sing N N 115 
GLN CG  HG3  sing N N 116 
GLN CD  OE1  doub N N 117 
GLN CD  NE2  sing N N 118 
GLN NE2 HE21 sing N N 119 
GLN NE2 HE22 sing N N 120 
GLN OXT HXT  sing N N 121 
GLU N   CA   sing N N 122 
GLU N   H    sing N N 123 
GLU N   H2   sing N N 124 
GLU CA  C    sing N N 125 
GLU CA  CB   sing N N 126 
GLU CA  HA   sing N N 127 
GLU C   O    doub N N 128 
GLU C   OXT  sing N N 129 
GLU CB  CG   sing N N 130 
GLU CB  HB2  sing N N 131 
GLU CB  HB3  sing N N 132 
GLU CG  CD   sing N N 133 
GLU CG  HG2  sing N N 134 
GLU CG  HG3  sing N N 135 
GLU CD  OE1  doub N N 136 
GLU CD  OE2  sing N N 137 
GLU OE2 HE2  sing N N 138 
GLU OXT HXT  sing N N 139 
GLY N   CA   sing N N 140 
GLY N   H    sing N N 141 
GLY N   H2   sing N N 142 
GLY CA  C    sing N N 143 
GLY CA  HA2  sing N N 144 
GLY CA  HA3  sing N N 145 
GLY C   O    doub N N 146 
GLY C   OXT  sing N N 147 
GLY OXT HXT  sing N N 148 
HIS N   CA   sing N N 149 
HIS N   H    sing N N 150 
HIS N   H2   sing N N 151 
HIS CA  C    sing N N 152 
HIS CA  CB   sing N N 153 
HIS CA  HA   sing N N 154 
HIS C   O    doub N N 155 
HIS C   OXT  sing N N 156 
HIS CB  CG   sing N N 157 
HIS CB  HB2  sing N N 158 
HIS CB  HB3  sing N N 159 
HIS CG  ND1  sing Y N 160 
HIS CG  CD2  doub Y N 161 
HIS ND1 CE1  doub Y N 162 
HIS ND1 HD1  sing N N 163 
HIS CD2 NE2  sing Y N 164 
HIS CD2 HD2  sing N N 165 
HIS CE1 NE2  sing Y N 166 
HIS CE1 HE1  sing N N 167 
HIS NE2 HE2  sing N N 168 
HIS OXT HXT  sing N N 169 
HOH O   H1   sing N N 170 
HOH O   H2   sing N N 171 
ILE N   CA   sing N N 172 
ILE N   H    sing N N 173 
ILE N   H2   sing N N 174 
ILE CA  C    sing N N 175 
ILE CA  CB   sing N N 176 
ILE CA  HA   sing N N 177 
ILE C   O    doub N N 178 
ILE C   OXT  sing N N 179 
ILE CB  CG1  sing N N 180 
ILE CB  CG2  sing N N 181 
ILE CB  HB   sing N N 182 
ILE CG1 CD1  sing N N 183 
ILE CG1 HG12 sing N N 184 
ILE CG1 HG13 sing N N 185 
ILE CG2 HG21 sing N N 186 
ILE CG2 HG22 sing N N 187 
ILE CG2 HG23 sing N N 188 
ILE CD1 HD11 sing N N 189 
ILE CD1 HD12 sing N N 190 
ILE CD1 HD13 sing N N 191 
ILE OXT HXT  sing N N 192 
LEU N   CA   sing N N 193 
LEU N   H    sing N N 194 
LEU N   H2   sing N N 195 
LEU CA  C    sing N N 196 
LEU CA  CB   sing N N 197 
LEU CA  HA   sing N N 198 
LEU C   O    doub N N 199 
LEU C   OXT  sing N N 200 
LEU CB  CG   sing N N 201 
LEU CB  HB2  sing N N 202 
LEU CB  HB3  sing N N 203 
LEU CG  CD1  sing N N 204 
LEU CG  CD2  sing N N 205 
LEU CG  HG   sing N N 206 
LEU CD1 HD11 sing N N 207 
LEU CD1 HD12 sing N N 208 
LEU CD1 HD13 sing N N 209 
LEU CD2 HD21 sing N N 210 
LEU CD2 HD22 sing N N 211 
LEU CD2 HD23 sing N N 212 
LEU OXT HXT  sing N N 213 
LYS N   CA   sing N N 214 
LYS N   H    sing N N 215 
LYS N   H2   sing N N 216 
LYS CA  C    sing N N 217 
LYS CA  CB   sing N N 218 
LYS CA  HA   sing N N 219 
LYS C   O    doub N N 220 
LYS C   OXT  sing N N 221 
LYS CB  CG   sing N N 222 
LYS CB  HB2  sing N N 223 
LYS CB  HB3  sing N N 224 
LYS CG  CD   sing N N 225 
LYS CG  HG2  sing N N 226 
LYS CG  HG3  sing N N 227 
LYS CD  CE   sing N N 228 
LYS CD  HD2  sing N N 229 
LYS CD  HD3  sing N N 230 
LYS CE  NZ   sing N N 231 
LYS CE  HE2  sing N N 232 
LYS CE  HE3  sing N N 233 
LYS NZ  HZ1  sing N N 234 
LYS NZ  HZ2  sing N N 235 
LYS NZ  HZ3  sing N N 236 
LYS OXT HXT  sing N N 237 
MSE N   CA   sing N N 238 
MSE N   H    sing N N 239 
MSE N   H2   sing N N 240 
MSE CA  C    sing N N 241 
MSE CA  CB   sing N N 242 
MSE CA  HA   sing N N 243 
MSE C   O    doub N N 244 
MSE C   OXT  sing N N 245 
MSE OXT HXT  sing N N 246 
MSE CB  CG   sing N N 247 
MSE CB  HB2  sing N N 248 
MSE CB  HB3  sing N N 249 
MSE CG  SE   sing N N 250 
MSE CG  HG2  sing N N 251 
MSE CG  HG3  sing N N 252 
MSE SE  CE   sing N N 253 
MSE CE  HE1  sing N N 254 
MSE CE  HE2  sing N N 255 
MSE CE  HE3  sing N N 256 
PHE N   CA   sing N N 257 
PHE N   H    sing N N 258 
PHE N   H2   sing N N 259 
PHE CA  C    sing N N 260 
PHE CA  CB   sing N N 261 
PHE CA  HA   sing N N 262 
PHE C   O    doub N N 263 
PHE C   OXT  sing N N 264 
PHE CB  CG   sing N N 265 
PHE CB  HB2  sing N N 266 
PHE CB  HB3  sing N N 267 
PHE CG  CD1  doub Y N 268 
PHE CG  CD2  sing Y N 269 
PHE CD1 CE1  sing Y N 270 
PHE CD1 HD1  sing N N 271 
PHE CD2 CE2  doub Y N 272 
PHE CD2 HD2  sing N N 273 
PHE CE1 CZ   doub Y N 274 
PHE CE1 HE1  sing N N 275 
PHE CE2 CZ   sing Y N 276 
PHE CE2 HE2  sing N N 277 
PHE CZ  HZ   sing N N 278 
PHE OXT HXT  sing N N 279 
PRO N   CA   sing N N 280 
PRO N   CD   sing N N 281 
PRO N   H    sing N N 282 
PRO CA  C    sing N N 283 
PRO CA  CB   sing N N 284 
PRO CA  HA   sing N N 285 
PRO C   O    doub N N 286 
PRO C   OXT  sing N N 287 
PRO CB  CG   sing N N 288 
PRO CB  HB2  sing N N 289 
PRO CB  HB3  sing N N 290 
PRO CG  CD   sing N N 291 
PRO CG  HG2  sing N N 292 
PRO CG  HG3  sing N N 293 
PRO CD  HD2  sing N N 294 
PRO CD  HD3  sing N N 295 
PRO OXT HXT  sing N N 296 
SER N   CA   sing N N 297 
SER N   H    sing N N 298 
SER N   H2   sing N N 299 
SER CA  C    sing N N 300 
SER CA  CB   sing N N 301 
SER CA  HA   sing N N 302 
SER C   O    doub N N 303 
SER C   OXT  sing N N 304 
SER CB  OG   sing N N 305 
SER CB  HB2  sing N N 306 
SER CB  HB3  sing N N 307 
SER OG  HG   sing N N 308 
SER OXT HXT  sing N N 309 
THR N   CA   sing N N 310 
THR N   H    sing N N 311 
THR N   H2   sing N N 312 
THR CA  C    sing N N 313 
THR CA  CB   sing N N 314 
THR CA  HA   sing N N 315 
THR C   O    doub N N 316 
THR C   OXT  sing N N 317 
THR CB  OG1  sing N N 318 
THR CB  CG2  sing N N 319 
THR CB  HB   sing N N 320 
THR OG1 HG1  sing N N 321 
THR CG2 HG21 sing N N 322 
THR CG2 HG22 sing N N 323 
THR CG2 HG23 sing N N 324 
THR OXT HXT  sing N N 325 
TRP N   CA   sing N N 326 
TRP N   H    sing N N 327 
TRP N   H2   sing N N 328 
TRP CA  C    sing N N 329 
TRP CA  CB   sing N N 330 
TRP CA  HA   sing N N 331 
TRP C   O    doub N N 332 
TRP C   OXT  sing N N 333 
TRP CB  CG   sing N N 334 
TRP CB  HB2  sing N N 335 
TRP CB  HB3  sing N N 336 
TRP CG  CD1  doub Y N 337 
TRP CG  CD2  sing Y N 338 
TRP CD1 NE1  sing Y N 339 
TRP CD1 HD1  sing N N 340 
TRP CD2 CE2  doub Y N 341 
TRP CD2 CE3  sing Y N 342 
TRP NE1 CE2  sing Y N 343 
TRP NE1 HE1  sing N N 344 
TRP CE2 CZ2  sing Y N 345 
TRP CE3 CZ3  doub Y N 346 
TRP CE3 HE3  sing N N 347 
TRP CZ2 CH2  doub Y N 348 
TRP CZ2 HZ2  sing N N 349 
TRP CZ3 CH2  sing Y N 350 
TRP CZ3 HZ3  sing N N 351 
TRP CH2 HH2  sing N N 352 
TRP OXT HXT  sing N N 353 
TYR N   CA   sing N N 354 
TYR N   H    sing N N 355 
TYR N   H2   sing N N 356 
TYR CA  C    sing N N 357 
TYR CA  CB   sing N N 358 
TYR CA  HA   sing N N 359 
TYR C   O    doub N N 360 
TYR C   OXT  sing N N 361 
TYR CB  CG   sing N N 362 
TYR CB  HB2  sing N N 363 
TYR CB  HB3  sing N N 364 
TYR CG  CD1  doub Y N 365 
TYR CG  CD2  sing Y N 366 
TYR CD1 CE1  sing Y N 367 
TYR CD1 HD1  sing N N 368 
TYR CD2 CE2  doub Y N 369 
TYR CD2 HD2  sing N N 370 
TYR CE1 CZ   doub Y N 371 
TYR CE1 HE1  sing N N 372 
TYR CE2 CZ   sing Y N 373 
TYR CE2 HE2  sing N N 374 
TYR CZ  OH   sing N N 375 
TYR OH  HH   sing N N 376 
TYR OXT HXT  sing N N 377 
VAL N   CA   sing N N 378 
VAL N   H    sing N N 379 
VAL N   H2   sing N N 380 
VAL CA  C    sing N N 381 
VAL CA  CB   sing N N 382 
VAL CA  HA   sing N N 383 
VAL C   O    doub N N 384 
VAL C   OXT  sing N N 385 
VAL CB  CG1  sing N N 386 
VAL CB  CG2  sing N N 387 
VAL CB  HB   sing N N 388 
VAL CG1 HG11 sing N N 389 
VAL CG1 HG12 sing N N 390 
VAL CG1 HG13 sing N N 391 
VAL CG2 HG21 sing N N 392 
VAL CG2 HG22 sing N N 393 
VAL CG2 HG23 sing N N 394 
VAL OXT HXT  sing N N 395 
# 
_atom_sites.entry_id                    4LIZ 
_atom_sites.fract_transf_matrix[1][1]   -0.00445963 
_atom_sites.fract_transf_matrix[1][2]   -0.00621936 
_atom_sites.fract_transf_matrix[1][3]   -0.01298733 
_atom_sites.fract_transf_matrix[2][1]   0.00421554 
_atom_sites.fract_transf_matrix[2][2]   0.00610798 
_atom_sites.fract_transf_matrix[2][3]   -0.01312049 
_atom_sites.fract_transf_matrix[3][1]   0.01496414 
_atom_sites.fract_transf_matrix[3][2]   -0.01053180 
_atom_sites.fract_transf_matrix[3][3]   -0.00009498 
_atom_sites.fract_transf_vector[1]      0.449725 
_atom_sites.fract_transf_vector[2]      0.290971 
_atom_sites.fract_transf_vector[3]      0.454698 
# 
loop_
_atom_type.symbol 
C  
N  
NA 
O  
S  
SE 
# 
loop_
_atom_site.group_PDB 
_atom_site.id 
_atom_site.type_symbol 
_atom_site.label_atom_id 
_atom_site.label_alt_id 
_atom_site.label_comp_id 
_atom_site.label_asym_id 
_atom_site.label_entity_id 
_atom_site.label_seq_id 
_atom_site.pdbx_PDB_ins_code 
_atom_site.Cartn_x 
_atom_site.Cartn_y 
_atom_site.Cartn_z 
_atom_site.occupancy 
_atom_site.B_iso_or_equiv 
_atom_site.pdbx_formal_charge 
_atom_site.auth_seq_id 
_atom_site.auth_comp_id 
_atom_site.auth_asym_id 
_atom_site.auth_atom_id 
_atom_site.pdbx_PDB_model_num 
HETATM 1    N  N   . MSE A 1 1   ? -2.244  14.424  12.180  1.00 30.00  ? 1   MSE A N   1 
HETATM 2    C  CA  . MSE A 1 1   ? -2.184  15.701  11.508  1.00 30.00  ? 1   MSE A CA  1 
HETATM 3    C  C   . MSE A 1 1   ? -3.228  15.839  10.380  1.00 30.00  ? 1   MSE A C   1 
HETATM 4    O  O   . MSE A 1 1   ? -3.663  16.884  10.079  1.00 30.00  ? 1   MSE A O   1 
HETATM 5    C  CB  . MSE A 1 1   ? -0.787  15.895  10.921  1.00 20.00  ? 1   MSE A CB  1 
HETATM 6    C  CG  . MSE A 1 1   ? 0.305   16.019  11.971  1.00 20.00  ? 1   MSE A CG  1 
HETATM 7    SE SE  . MSE A 1 1   ? 0.082   17.493  13.179  1.00 20.00  ? 1   MSE A SE  1 
HETATM 8    C  CE  . MSE A 1 1   ? 0.351   18.941  11.902  1.00 20.00  ? 1   MSE A CE  1 
ATOM   9    N  N   . SER A 1 2   ? -3.594  14.919  9.637   1.00 23.63  ? 2   SER A N   1 
ATOM   10   C  CA  . SER A 1 2   ? -4.487  15.055  8.505   1.00 20.22  ? 2   SER A CA  1 
ATOM   11   C  C   . SER A 1 2   ? -5.983  15.323  8.731   1.00 21.16  ? 2   SER A C   1 
ATOM   12   O  O   . SER A 1 2   ? -6.629  15.736  7.884   1.00 23.72  ? 2   SER A O   1 
ATOM   13   C  CB  . SER A 1 2   ? -4.341  13.861  7.563   1.00 20.50  ? 2   SER A CB  1 
ATOM   14   O  OG  . SER A 1 2   ? -5.039  12.766  8.030   1.00 19.88  ? 2   SER A OG  1 
ATOM   15   N  N   . GLY A 1 3   ? -6.492  14.937  9.864   1.00 24.14  ? 3   GLY A N   1 
ATOM   16   C  CA  . GLY A 1 3   ? -7.908  14.994  10.120  1.00 25.83  ? 3   GLY A CA  1 
ATOM   17   C  C   . GLY A 1 3   ? -8.732  13.844  9.586   1.00 29.75  ? 3   GLY A C   1 
ATOM   18   O  O   . GLY A 1 3   ? -9.923  13.923  9.542   1.00 31.05  ? 3   GLY A O   1 
ATOM   19   N  N   . PHE A 1 4   ? -8.074  12.810  9.087   1.00 22.36  ? 4   PHE A N   1 
ATOM   20   C  CA  . PHE A 1 4   ? -8.773  11.655  8.571   1.00 19.78  ? 4   PHE A CA  1 
ATOM   21   C  C   . PHE A 1 4   ? -8.910  10.595  9.653   1.00 20.83  ? 4   PHE A C   1 
ATOM   22   O  O   . PHE A 1 4   ? -8.008  10.416  10.403  1.00 20.96  ? 4   PHE A O   1 
ATOM   23   C  CB  . PHE A 1 4   ? -8.003  11.060  7.377   1.00 19.53  ? 4   PHE A CB  1 
ATOM   24   C  CG  . PHE A 1 4   ? -8.380  11.650  6.069   1.00 20.06  ? 4   PHE A CG  1 
ATOM   25   C  CD1 . PHE A 1 4   ? -7.976  12.920  5.736   1.00 20.32  ? 4   PHE A CD1 1 
ATOM   26   C  CD2 . PHE A 1 4   ? -9.160  10.977  5.208   1.00 19.35  ? 4   PHE A CD2 1 
ATOM   27   C  CE1 . PHE A 1 4   ? -8.349  13.475  4.547   1.00 23.75  ? 4   PHE A CE1 1 
ATOM   28   C  CE2 . PHE A 1 4   ? -9.520  11.526  4.021   1.00 24.56  ? 4   PHE A CE2 1 
ATOM   29   C  CZ  . PHE A 1 4   ? -9.120  12.778  3.689   1.00 22.40  ? 4   PHE A CZ  1 
ATOM   30   N  N   . ASP A 1 5   ? -10.060 9.923   9.666   1.00 19.53  ? 5   ASP A N   1 
ATOM   31   C  CA  . ASP A 1 5   ? -10.306 8.757   10.500  1.00 19.77  ? 5   ASP A CA  1 
ATOM   32   C  C   . ASP A 1 5   ? -9.599  7.543   9.864   1.00 15.21  ? 5   ASP A C   1 
ATOM   33   O  O   . ASP A 1 5   ? -9.949  7.141   8.793   1.00 17.70  ? 5   ASP A O   1 
ATOM   34   C  CB  . ASP A 1 5   ? -11.806 8.568   10.604  1.00 19.79  ? 5   ASP A CB  1 
ATOM   35   C  CG  . ASP A 1 5   ? -12.228 7.251   11.304  1.00 24.01  ? 5   ASP A CG  1 
ATOM   36   O  OD1 . ASP A 1 5   ? -11.412 6.515   11.801  1.00 22.52  ? 5   ASP A OD1 1 
ATOM   37   O  OD2 . ASP A 1 5   ? -13.459 7.089   11.417  1.00 27.68  ? 5   ASP A OD2 1 
ATOM   38   N  N   . LEU A 1 6   ? -8.644  7.038   10.615  1.00 16.17  ? 6   LEU A N   1 
ATOM   39   C  CA  . LEU A 1 6   ? -7.828  5.845   10.204  1.00 15.46  ? 6   LEU A CA  1 
ATOM   40   C  C   . LEU A 1 6   ? -8.173  4.568   10.938  1.00 14.89  ? 6   LEU A C   1 
ATOM   41   O  O   . LEU A 1 6   ? -7.420  3.600   10.917  1.00 15.99  ? 6   LEU A O   1 
ATOM   42   C  CB  . LEU A 1 6   ? -6.310  6.132   10.315  1.00 18.94  ? 6   LEU A CB  1 
ATOM   43   C  CG  . LEU A 1 6   ? -5.738  7.319   9.576   1.00 21.28  ? 6   LEU A CG  1 
ATOM   44   C  CD1 . LEU A 1 6   ? -4.225  7.298   9.623   1.00 25.14  ? 6   LEU A CD1 1 
ATOM   45   C  CD2 . LEU A 1 6   ? -6.317  7.468   8.208   1.00 22.75  ? 6   LEU A CD2 1 
ATOM   46   N  N   . SER A 1 7   ? -9.346  4.574   11.610  1.00 17.84  ? 7   SER A N   1 
ATOM   47   C  CA  . SER A 1 7   ? -9.803  3.424   12.390  1.00 17.70  ? 7   SER A CA  1 
ATOM   48   C  C   . SER A 1 7   ? -9.814  2.093   11.630  1.00 16.43  ? 7   SER A C   1 
ATOM   49   O  O   . SER A 1 7   ? -9.712  1.021   12.284  1.00 19.89  ? 7   SER A O   1 
ATOM   50   C  CB  . SER A 1 7   ? -11.141 3.726   13.041  1.00 18.30  ? 7   SER A CB  1 
ATOM   51   O  OG  . SER A 1 7   ? -12.157 3.966   12.189  1.00 20.13  ? 7   SER A OG  1 
ATOM   52   N  N   . GLU A 1 8   ? -10.023 2.113   10.340  1.00 15.56  ? 8   GLU A N   1 
ATOM   53   C  CA  . GLU A 1 8   ? -10.089 0.922   9.486   1.00 14.68  ? 8   GLU A CA  1 
ATOM   54   C  C   . GLU A 1 8   ? -8.749  0.339   9.093   1.00 13.02  ? 8   GLU A C   1 
ATOM   55   O  O   . GLU A 1 8   ? -8.694  -0.695  8.459   1.00 14.43  ? 8   GLU A O   1 
ATOM   56   C  CB  . GLU A 1 8   ? -10.989 1.096   8.264   1.00 16.83  ? 8   GLU A CB  1 
ATOM   57   C  CG  . GLU A 1 8   ? -12.435 1.432   8.520   1.00 18.79  ? 8   GLU A CG  1 
ATOM   58   C  CD  . GLU A 1 8   ? -13.135 0.180   9.015   1.00 21.20  ? 8   GLU A CD  1 
ATOM   59   O  OE1 . GLU A 1 8   ? -13.041 -0.859  8.317   1.00 20.76  ? 8   GLU A OE1 1 
ATOM   60   O  OE2 . GLU A 1 8   ? -13.705 0.292   10.074  1.00 23.94  ? 8   GLU A OE2 1 
ATOM   61   N  N   . VAL A 1 9   ? -7.658  1.016   9.385   1.00 13.60  ? 9   VAL A N   1 
ATOM   62   C  CA  . VAL A 1 9   ? -6.340  0.652   8.861   1.00 13.32  ? 9   VAL A CA  1 
ATOM   63   C  C   . VAL A 1 9   ? -5.608  -0.442  9.585   1.00 11.98  ? 9   VAL A C   1 
ATOM   64   O  O   . VAL A 1 9   ? -5.026  -1.333  9.020   1.00 13.05  ? 9   VAL A O   1 
ATOM   65   C  CB  . VAL A 1 9   ? -5.443  1.931   8.672   1.00 14.17  ? 9   VAL A CB  1 
ATOM   66   C  CG1 . VAL A 1 9   ? -4.068  1.544   8.149   1.00 13.62  ? 9   VAL A CG1 1 
ATOM   67   C  CG2 . VAL A 1 9   ? -6.141  2.941   7.785   1.00 15.78  ? 9   VAL A CG2 1 
ATOM   68   N  N   . ALA A 1 10  ? -5.531  -0.293  10.953  1.00 12.82  ? 10  ALA A N   1 
ATOM   69   C  CA  . ALA A 1 10  ? -4.674  -1.162  11.694  1.00 13.34  ? 10  ALA A CA  1 
ATOM   70   C  C   . ALA A 1 10  ? -5.012  -2.670  11.608  1.00 11.32  ? 10  ALA A C   1 
ATOM   71   O  O   . ALA A 1 10  ? -4.130  -3.515  11.616  1.00 12.57  ? 10  ALA A O   1 
ATOM   72   C  CB  . ALA A 1 10  ? -4.597  -0.699  13.158  1.00 14.50  ? 10  ALA A CB  1 
ATOM   73   N  N   . GLY A 1 11  ? -6.295  -2.919  11.600  1.00 13.29  ? 11  GLY A N   1 
ATOM   74   C  CA  . GLY A 1 11  ? -6.736  -4.309  11.543  1.00 13.32  ? 11  GLY A CA  1 
ATOM   75   C  C   . GLY A 1 11  ? -6.229  -5.125  10.370  1.00 11.12  ? 11  GLY A C   1 
ATOM   76   O  O   . GLY A 1 11  ? -5.569  -6.161  10.466  1.00 13.10  ? 11  GLY A O   1 
ATOM   77   N  N   . PRO A 1 12  ? -6.545  -4.578  9.153   1.00 11.16  ? 12  PRO A N   1 
ATOM   78   C  CA  . PRO A 1 12  ? -6.054  -5.291  8.021   1.00 10.60  ? 12  PRO A CA  1 
ATOM   79   C  C   . PRO A 1 12  ? -4.538  -5.314  7.855   1.00 10.24  ? 12  PRO A C   1 
ATOM   80   O  O   . PRO A 1 12  ? -4.005  -6.246  7.298   1.00 12.32  ? 12  PRO A O   1 
ATOM   81   C  CB  . PRO A 1 12  ? -6.710  -4.530  6.814   1.00 13.12  ? 12  PRO A CB  1 
ATOM   82   C  CG  . PRO A 1 12  ? -7.869  -3.880  7.408   1.00 12.92  ? 12  PRO A CG  1 
ATOM   83   C  CD  . PRO A 1 12  ? -7.537  -3.530  8.827   1.00 11.17  ? 12  PRO A CD  1 
ATOM   84   N  N   . VAL A 1 13  ? -3.833  -4.280  8.286   1.00 12.19  ? 13  VAL A N   1 
ATOM   85   C  CA  . VAL A 1 13  ? -2.375  -4.262  8.287   1.00 12.76  ? 13  VAL A CA  1 
ATOM   86   C  C   . VAL A 1 13  ? -1.812  -5.446  9.140   1.00 11.27  ? 13  VAL A C   1 
ATOM   87   O  O   . VAL A 1 13  ? -0.980  -6.153  8.682   1.00 12.93  ? 13  VAL A O   1 
ATOM   88   C  CB  . VAL A 1 13  ? -1.908  -2.842  8.776   1.00 14.01  ? 13  VAL A CB  1 
ATOM   89   C  CG1 . VAL A 1 13  ? -0.399  -2.869  9.085   1.00 14.14  ? 13  VAL A CG1 1 
ATOM   90   C  CG2 . VAL A 1 13  ? -2.235  -1.793  7.707   1.00 15.67  ? 13  VAL A CG2 1 
ATOM   91   N  N   . ALA A 1 14  ? -2.427  -5.591  10.302  1.00 12.24  ? 14  ALA A N   1 
ATOM   92   C  CA  . ALA A 1 14  ? -2.020  -6.701  11.145  1.00 12.76  ? 14  ALA A CA  1 
ATOM   93   C  C   . ALA A 1 14  ? -2.283  -8.078  10.469  1.00 11.72  ? 14  ALA A C   1 
ATOM   94   O  O   . ALA A 1 14  ? -1.517  -9.024  10.582  1.00 12.83  ? 14  ALA A O   1 
ATOM   95   C  CB  . ALA A 1 14  ? -2.751  -6.663  12.457  1.00 12.42  ? 14  ALA A CB  1 
ATOM   96   N  N   . GLU A 1 15  ? -3.430  -8.146  9.737   1.00 11.35  ? 15  GLU A N   1 
ATOM   97   C  CA  . GLU A 1 15  ? -3.752  -9.351  8.993   1.00 11.28  ? 15  GLU A CA  1 
ATOM   98   C  C   . GLU A 1 15  ? -2.675  -9.712  7.956   1.00 12.12  ? 15  GLU A C   1 
ATOM   99   O  O   . GLU A 1 15  ? -2.301  -10.843 7.739   1.00 13.55  ? 15  GLU A O   1 
ATOM   100  C  CB  . GLU A 1 15  ? -5.135  -9.291  8.388   1.00 12.13  ? 15  GLU A CB  1 
ATOM   101  C  CG  . GLU A 1 15  ? -6.261  -9.202  9.399   1.00 12.31  ? 15  GLU A CG  1 
ATOM   102  C  CD  . GLU A 1 15  ? -7.568  -9.334  8.722   1.00 15.20  ? 15  GLU A CD  1 
ATOM   103  O  OE1 . GLU A 1 15  ? -8.138  -8.364  8.240   1.00 13.95  ? 15  GLU A OE1 1 
ATOM   104  O  OE2 . GLU A 1 15  ? -8.089  -10.467 8.705   1.00 19.08  ? 15  GLU A OE2 1 
ATOM   105  N  N   . VAL A 1 16  ? -2.258  -8.660  7.179   1.00 11.88  ? 16  VAL A N   1 
ATOM   106  C  CA  . VAL A 1 16  ? -1.187  -8.880  6.207   1.00 11.59  ? 16  VAL A CA  1 
ATOM   107  C  C   . VAL A 1 16  ? 0.102   -9.368  6.854   1.00 12.84  ? 16  VAL A C   1 
ATOM   108  O  O   . VAL A 1 16  ? 0.628   -10.355 6.391   1.00 14.62  ? 16  VAL A O   1 
ATOM   109  C  CB  . VAL A 1 16  ? -0.978  -7.576  5.377   1.00 11.27  ? 16  VAL A CB  1 
ATOM   110  C  CG1 . VAL A 1 16  ? 0.296   -7.712  4.565   1.00 11.89  ? 16  VAL A CG1 1 
ATOM   111  C  CG2 . VAL A 1 16  ? -2.131  -7.170  4.508   1.00 11.43  ? 16  VAL A CG2 1 
ATOM   112  N  N   . ILE A 1 17  ? 0.511   -8.724  7.916   1.00 13.42  ? 17  ILE A N   1 
ATOM   113  C  CA  . ILE A 1 17  ? 1.706   -9.081  8.618   1.00 14.08  ? 17  ILE A CA  1 
ATOM   114  C  C   . ILE A 1 17  ? 1.643   -10.495 9.224   1.00 13.83  ? 17  ILE A C   1 
ATOM   115  O  O   . ILE A 1 17  ? 2.602   -11.168 9.227   1.00 16.34  ? 17  ILE A O   1 
ATOM   116  C  CB  . ILE A 1 17  ? 2.066   -8.041  9.663   1.00 14.80  ? 17  ILE A CB  1 
ATOM   117  C  CG1 . ILE A 1 17  ? 2.360   -6.711  8.994   1.00 15.04  ? 17  ILE A CG1 1 
ATOM   118  C  CG2 . ILE A 1 17  ? 3.291   -8.463  10.435  1.00 16.42  ? 17  ILE A CG2 1 
ATOM   119  C  CD1 . ILE A 1 17  ? 2.472   -5.590  9.961   1.00 15.98  ? 17  ILE A CD1 1 
ATOM   120  N  N   . ASP A 1 18  ? 0.480   -10.890 9.700   1.00 13.90  ? 18  ASP A N   1 
ATOM   121  C  CA  . ASP A 1 18  ? 0.341   -12.151 10.400  1.00 14.80  ? 18  ASP A CA  1 
ATOM   122  C  C   . ASP A 1 18  ? 0.564   -13.295 9.440   1.00 13.29  ? 18  ASP A C   1 
ATOM   123  O  O   . ASP A 1 18  ? -0.208  -13.565 8.618   1.00 14.06  ? 18  ASP A O   1 
ATOM   124  C  CB  . ASP A 1 18  ? -1.086  -12.197 10.965  1.00 13.20  ? 18  ASP A CB  1 
ATOM   125  C  CG  . ASP A 1 18  ? -1.372  -13.400 11.841  1.00 14.86  ? 18  ASP A CG  1 
ATOM   126  O  OD1 . ASP A 1 18  ? -0.534  -14.232 12.033  1.00 15.85  ? 18  ASP A OD1 1 
ATOM   127  O  OD2 . ASP A 1 18  ? -2.493  -13.419 12.295  1.00 15.54  ? 18  ASP A OD2 1 
ATOM   128  N  N   . ASP A 1 19  ? 1.660   -13.993 9.662   1.00 16.44  ? 19  ASP A N   1 
ATOM   129  C  CA  . ASP A 1 19  ? 2.041   -15.127 8.866   1.00 17.40  ? 19  ASP A CA  1 
ATOM   130  C  C   . ASP A 1 19  ? 1.015   -16.247 8.969   1.00 17.11  ? 19  ASP A C   1 
ATOM   131  O  O   . ASP A 1 19  ? 0.907   -17.029 8.101   1.00 19.54  ? 19  ASP A O   1 
ATOM   132  C  CB  . ASP A 1 19  ? 3.383   -15.722 9.332   1.00 18.02  ? 19  ASP A CB  1 
ATOM   133  C  CG  . ASP A 1 19  ? 4.579   -14.877 8.971   1.00 26.16  ? 19  ASP A CG  1 
ATOM   134  O  OD1 . ASP A 1 19  ? 4.488   -13.976 8.170   1.00 22.34  ? 19  ASP A OD1 1 
ATOM   135  O  OD2 . ASP A 1 19  ? 5.625   -15.178 9.554   1.00 28.67  ? 19  ASP A OD2 1 
ATOM   136  N  N   . LYS A 1 20  ? 0.353   -16.332 10.114  1.00 18.04  ? 20  LYS A N   1 
ATOM   137  C  CA  . LYS A 1 20  ? -0.636  -17.313 10.347  1.00 17.10  ? 20  LYS A CA  1 
ATOM   138  C  C   . LYS A 1 20  ? -1.988  -16.977 9.885   1.00 18.85  ? 20  LYS A C   1 
ATOM   139  O  O   . LYS A 1 20  ? -2.912  -17.770 10.046  1.00 21.04  ? 20  LYS A O   1 
ATOM   140  C  CB  . LYS A 1 20  ? -0.628  -17.663 11.867  1.00 18.97  ? 20  LYS A CB  1 
ATOM   141  C  CG  . LYS A 1 20  ? 0.625   -17.887 12.585  1.00 27.88  ? 20  LYS A CG  1 
ATOM   142  C  CD  . LYS A 1 20  ? 1.121   -19.233 12.217  1.00 31.41  ? 20  LYS A CD  1 
ATOM   143  C  CE  . LYS A 1 20  ? 2.364   -19.507 13.033  1.00 30.31  ? 20  LYS A CE  1 
ATOM   144  N  NZ  . LYS A 1 20  ? 3.127   -20.546 12.364  1.00 38.54  ? 20  LYS A NZ  1 
ATOM   145  N  N   . ASN A 1 21  ? -2.243  -15.775 9.326   1.00 16.47  ? 21  ASN A N   1 
ATOM   146  C  CA  . ASN A 1 21  ? -3.466  -15.413 8.698   1.00 14.47  ? 21  ASN A CA  1 
ATOM   147  C  C   . ASN A 1 21  ? -3.126  -15.477 7.232   1.00 16.24  ? 21  ASN A C   1 
ATOM   148  O  O   . ASN A 1 21  ? -2.847  -14.429 6.577   1.00 15.99  ? 21  ASN A O   1 
ATOM   149  C  CB  . ASN A 1 21  ? -3.930  -14.028 9.128   1.00 15.12  ? 21  ASN A CB  1 
ATOM   150  C  CG  . ASN A 1 21  ? -5.248  -13.653 8.524   1.00 14.93  ? 21  ASN A CG  1 
ATOM   151  O  OD1 . ASN A 1 21  ? -5.747  -14.305 7.570   1.00 17.29  ? 21  ASN A OD1 1 
ATOM   152  N  ND2 . ASN A 1 21  ? -5.906  -12.589 9.072   1.00 13.68  ? 21  ASN A ND2 1 
ATOM   153  N  N   . GLU A 1 22  ? -3.221  -16.666 6.652   1.00 18.44  ? 22  GLU A N   1 
ATOM   154  C  CA  . GLU A 1 22  ? -2.927  -16.879 5.266   1.00 18.65  ? 22  GLU A CA  1 
ATOM   155  C  C   . GLU A 1 22  ? -3.972  -16.409 4.304   1.00 18.61  ? 22  GLU A C   1 
ATOM   156  O  O   . GLU A 1 22  ? -3.671  -16.319 3.134   1.00 20.96  ? 22  GLU A O   1 
ATOM   157  C  CB  . GLU A 1 22  ? -2.615  -18.403 5.098   1.00 24.62  ? 22  GLU A CB  1 
ATOM   158  C  CG  . GLU A 1 22  ? -1.387  -18.808 5.860   1.00 29.93  ? 22  GLU A CG  1 
ATOM   159  C  CD  . GLU A 1 22  ? -0.972  -20.246 5.507   1.00 43.66  ? 22  GLU A CD  1 
ATOM   160  O  OE1 . GLU A 1 22  ? -1.837  -21.074 5.207   1.00 43.96  ? 22  GLU A OE1 1 
ATOM   161  O  OE2 . GLU A 1 22  ? 0.225   -20.510 5.535   1.00 52.17  ? 22  GLU A OE2 1 
ATOM   162  N  N   . GLU A 1 23  ? -5.142  -16.030 4.760   1.00 17.46  ? 23  GLU A N   1 
ATOM   163  C  CA  . GLU A 1 23  ? -6.236  -15.521 3.956   1.00 18.98  ? 23  GLU A CA  1 
ATOM   164  C  C   . GLU A 1 23  ? -6.075  -14.034 3.575   1.00 17.51  ? 23  GLU A C   1 
ATOM   165  O  O   . GLU A 1 23  ? -6.854  -13.551 2.767   1.00 19.27  ? 23  GLU A O   1 
ATOM   166  C  CB  . GLU A 1 23  ? -7.569  -15.729 4.681   1.00 24.78  ? 23  GLU A CB  1 
ATOM   167  C  CG  . GLU A 1 23  ? -7.844  -17.228 5.018   1.00 28.57  ? 23  GLU A CG  1 
ATOM   168  C  CD  . GLU A 1 23  ? -7.768  -18.098 3.802   1.00 33.04  ? 23  GLU A CD  1 
ATOM   169  O  OE1 . GLU A 1 23  ? -8.573  -17.892 2.883   1.00 40.38  ? 23  GLU A OE1 1 
ATOM   170  O  OE2 . GLU A 1 23  ? -6.866  -18.999 3.716   1.00 45.40  ? 23  GLU A OE2 1 
ATOM   171  N  N   . VAL A 1 24  ? -5.144  -13.370 4.248   1.00 14.48  ? 24  VAL A N   1 
ATOM   172  C  CA  . VAL A 1 24  ? -4.966  -11.946 3.937   1.00 12.56  ? 24  VAL A CA  1 
ATOM   173  C  C   . VAL A 1 24  ? -3.491  -11.709 3.710   1.00 13.28  ? 24  VAL A C   1 
ATOM   174  O  O   . VAL A 1 24  ? -2.656  -11.790 4.586   1.00 13.54  ? 24  VAL A O   1 
ATOM   175  C  CB  . VAL A 1 24  ? -5.468  -11.013 5.050   1.00 12.81  ? 24  VAL A CB  1 
ATOM   176  C  CG1 . VAL A 1 24  ? -5.200  -9.553  4.739   1.00 14.21  ? 24  VAL A CG1 1 
ATOM   177  C  CG2 . VAL A 1 24  ? -6.968  -11.232 5.358   1.00 15.30  ? 24  VAL A CG2 1 
ATOM   178  N  N   . GLU A 1 25  ? -3.150  -11.308 2.478   1.00 12.27  ? 25  GLU A N   1 
ATOM   179  C  CA  . GLU A 1 25  ? -1.776  -11.043 2.020   1.00 12.54  ? 25  GLU A CA  1 
ATOM   180  C  C   . GLU A 1 25  ? -1.686  -9.588  1.469   1.00 12.29  ? 25  GLU A C   1 
ATOM   181  O  O   . GLU A 1 25  ? -0.569  -9.117  1.283   1.00 12.43  ? 25  GLU A O   1 
ATOM   182  C  CB  . GLU A 1 25  ? -1.386  -12.042 0.959   1.00 15.03  ? 25  GLU A CB  1 
ATOM   183  C  CG  . GLU A 1 25  ? -1.364  -13.474 1.539   1.00 16.08  ? 25  GLU A CG  1 
ATOM   184  C  CD  . GLU A 1 25  ? -1.093  -14.456 0.446   1.00 19.54  ? 25  GLU A CD  1 
ATOM   185  O  OE1 . GLU A 1 25  ? -1.520  -14.336 -0.701  1.00 19.93  ? 25  GLU A OE1 1 
ATOM   186  O  OE2 . GLU A 1 25  ? -0.449  -15.516 0.809   1.00 25.54  ? 25  GLU A OE2 1 
ATOM   187  N  N   . PHE A 1 26  ? -2.764  -8.953  1.124   1.00 12.18  ? 26  PHE A N   1 
ATOM   188  C  CA  . PHE A 1 26  ? -2.794  -7.556  0.680   1.00 10.84  ? 26  PHE A CA  1 
ATOM   189  C  C   . PHE A 1 26  ? -4.012  -6.851  1.126   1.00 13.38  ? 26  PHE A C   1 
ATOM   190  O  O   . PHE A 1 26  ? -5.073  -7.472  1.376   1.00 12.13  ? 26  PHE A O   1 
ATOM   191  C  CB  . PHE A 1 26  ? -2.737  -7.511  -0.903  1.00 11.62  ? 26  PHE A CB  1 
ATOM   192  C  CG  . PHE A 1 26  ? -4.049  -7.677  -1.605  1.00 11.73  ? 26  PHE A CG  1 
ATOM   193  C  CD1 . PHE A 1 26  ? -4.496  -8.938  -1.863  1.00 12.59  ? 26  PHE A CD1 1 
ATOM   194  C  CD2 . PHE A 1 26  ? -4.840  -6.634  -1.947  1.00 12.89  ? 26  PHE A CD2 1 
ATOM   195  C  CE1 . PHE A 1 26  ? -5.735  -9.130  -2.461  1.00 13.01  ? 26  PHE A CE1 1 
ATOM   196  C  CE2 . PHE A 1 26  ? -6.056  -6.777  -2.543  1.00 13.66  ? 26  PHE A CE2 1 
ATOM   197  C  CZ  . PHE A 1 26  ? -6.532  -8.078  -2.729  1.00 13.28  ? 26  PHE A CZ  1 
ATOM   198  N  N   . VAL A 1 27  ? -3.960  -5.521  1.195   1.00 11.20  ? 27  VAL A N   1 
ATOM   199  C  CA  . VAL A 1 27  ? -5.070  -4.662  1.383   1.00 10.93  ? 27  VAL A CA  1 
ATOM   200  C  C   . VAL A 1 27  ? -4.953  -3.401  0.582   1.00 11.16  ? 27  VAL A C   1 
ATOM   201  O  O   . VAL A 1 27  ? -3.793  -2.936  0.402   1.00 11.57  ? 27  VAL A O   1 
ATOM   202  C  CB  . VAL A 1 27  ? -5.367  -4.355  2.865   1.00 11.23  ? 27  VAL A CB  1 
ATOM   203  C  CG1 . VAL A 1 27  ? -4.132  -3.702  3.527   1.00 12.28  ? 27  VAL A CG1 1 
ATOM   204  C  CG2 . VAL A 1 27  ? -6.596  -3.517  3.114   1.00 11.32  ? 27  VAL A CG2 1 
ATOM   205  N  N   . VAL A 1 28  ? -6.058  -2.931  0.044   1.00 10.38  ? 28  VAL A N   1 
ATOM   206  C  CA  . VAL A 1 28  ? -6.152  -1.619  -0.629  1.00 11.31  ? 28  VAL A CA  1 
ATOM   207  C  C   . VAL A 1 28  ? -7.147  -0.796  0.096   1.00 11.48  ? 28  VAL A C   1 
ATOM   208  O  O   . VAL A 1 28  ? -8.282  -1.280  0.327   1.00 12.20  ? 28  VAL A O   1 
ATOM   209  C  CB  . VAL A 1 28  ? -6.474  -1.787  -2.122  1.00 11.48  ? 28  VAL A CB  1 
ATOM   210  C  CG1 . VAL A 1 28  ? -6.601  -0.410  -2.791  1.00 12.32  ? 28  VAL A CG1 1 
ATOM   211  C  CG2 . VAL A 1 28  ? -5.476  -2.636  -2.838  1.00 13.02  ? 28  VAL A CG2 1 
ATOM   212  N  N   . PHE A 1 29  ? -6.794  0.448   0.489   1.00 11.07  ? 29  PHE A N   1 
ATOM   213  C  CA  . PHE A 1 29  ? -7.655  1.368   1.104   1.00 10.79  ? 29  PHE A CA  1 
ATOM   214  C  C   . PHE A 1 29  ? -8.079  2.486   0.187   1.00 13.12  ? 29  PHE A C   1 
ATOM   215  O  O   . PHE A 1 29  ? -7.243  3.000   -0.601  1.00 13.55  ? 29  PHE A O   1 
ATOM   216  C  CB  . PHE A 1 29  ? -6.984  2.062   2.329   1.00 11.28  ? 29  PHE A CB  1 
ATOM   217  C  CG  . PHE A 1 29  ? -6.503  1.105   3.416   1.00 11.26  ? 29  PHE A CG  1 
ATOM   218  C  CD1 . PHE A 1 29  ? -7.458  0.573   4.305   1.00 12.67  ? 29  PHE A CD1 1 
ATOM   219  C  CD2 . PHE A 1 29  ? -5.189  0.707   3.546   1.00 11.75  ? 29  PHE A CD2 1 
ATOM   220  C  CE1 . PHE A 1 29  ? -7.019  -0.286  5.286   1.00 12.60  ? 29  PHE A CE1 1 
ATOM   221  C  CE2 . PHE A 1 29  ? -4.816  -0.164  4.571   1.00 12.50  ? 29  PHE A CE2 1 
ATOM   222  C  CZ  . PHE A 1 29  ? -5.755  -0.657  5.409   1.00 13.11  ? 29  PHE A CZ  1 
ATOM   223  N  N   . GLY A 1 30  ? -9.339  2.788   0.235   1.00 13.32  ? 30  GLY A N   1 
ATOM   224  C  CA  . GLY A 1 30  ? -9.859  3.974   -0.407  1.00 13.75  ? 30  GLY A CA  1 
ATOM   225  C  C   . GLY A 1 30  ? -10.159 5.065   0.567   1.00 14.97  ? 30  GLY A C   1 
ATOM   226  O  O   . GLY A 1 30  ? -10.065 4.951   1.795   1.00 16.25  ? 30  GLY A O   1 
ATOM   227  N  N   . VAL A 1 31  ? -10.426 6.236   0.017   1.00 17.82  ? 31  VAL A N   1 
ATOM   228  C  CA  . VAL A 1 31  ? -10.548 7.452   0.789   1.00 21.31  ? 31  VAL A CA  1 
ATOM   229  C  C   . VAL A 1 31  ? -11.926 8.038   0.596   1.00 23.87  ? 31  VAL A C   1 
ATOM   230  O  O   . VAL A 1 31  ? -12.286 8.365   -0.555  1.00 25.54  ? 31  VAL A O   1 
ATOM   231  C  CB  . VAL A 1 31  ? -9.371  8.435   0.370   1.00 21.05  ? 31  VAL A CB  1 
ATOM   232  C  CG1 . VAL A 1 31  ? -9.450  9.731   1.165   1.00 24.42  ? 31  VAL A CG1 1 
ATOM   233  C  CG2 . VAL A 1 31  ? -8.027  7.883   0.628   1.00 21.47  ? 31  VAL A CG2 1 
ATOM   234  N  N   . GLN A 1 32  ? -12.672 8.189   1.679   1.00 23.20  ? 32  GLN A N   1 
ATOM   235  C  CA  . GLN A 1 32  ? -13.962 8.893   1.690   1.00 27.07  ? 32  GLN A CA  1 
ATOM   236  C  C   . GLN A 1 32  ? -13.772 10.246  2.368   1.00 25.99  ? 32  GLN A C   1 
ATOM   237  O  O   . GLN A 1 32  ? -12.883 10.474  3.161   1.00 24.27  ? 32  GLN A O   1 
ATOM   238  C  CB  . GLN A 1 32  ? -15.020 8.111   2.432   1.00 28.55  ? 32  GLN A CB  1 
ATOM   239  C  CG  . GLN A 1 32  ? -15.332 6.785   1.783   1.00 28.18  ? 32  GLN A CG  1 
ATOM   240  C  CD  . GLN A 1 32  ? -16.342 5.954   2.555   1.00 30.08  ? 32  GLN A CD  1 
ATOM   241  O  OE1 . GLN A 1 32  ? -16.780 6.325   3.678   1.00 34.39  ? 32  GLN A OE1 1 
ATOM   242  N  NE2 . GLN A 1 32  ? -16.699 4.823   1.995   1.00 30.35  ? 32  GLN A NE2 1 
ATOM   243  N  N   . THR A 1 33  ? -14.633 11.210  1.953   1.00 32.66  ? 33  THR A N   1 
ATOM   244  C  CA  . THR A 1 33  ? -14.660 12.538  2.561   1.00 32.90  ? 33  THR A CA  1 
ATOM   245  C  C   . THR A 1 33  ? -16.060 12.814  3.143   1.00 35.12  ? 33  THR A C   1 
ATOM   246  O  O   . THR A 1 33  ? -17.029 12.072  2.861   1.00 35.80  ? 33  THR A O   1 
ATOM   247  C  CB  . THR A 1 33  ? -14.257 13.602  1.546   1.00 34.50  ? 33  THR A CB  1 
ATOM   248  O  OG1 . THR A 1 33  ? -15.166 13.546  0.442   1.00 38.19  ? 33  THR A OG1 1 
ATOM   249  C  CG2 . THR A 1 33  ? -12.810 13.353  1.041   1.00 39.78  ? 33  THR A CG2 1 
ATOM   250  N  N   . GLN A 1 34  ? -16.123 13.778  4.061   1.00 38.37  ? 34  GLN A N   1 
ATOM   251  C  CA  . GLN A 1 34  ? -17.401 14.206  4.700   1.00 45.17  ? 34  GLN A CA  1 
ATOM   252  C  C   . GLN A 1 34  ? -18.268 13.061  5.197   1.00 45.32  ? 34  GLN A C   1 
ATOM   253  O  O   . GLN A 1 34  ? -19.374 12.881  4.735   1.00 51.74  ? 34  GLN A O   1 
ATOM   254  C  CB  . GLN A 1 34  ? -18.203 15.090  3.729   1.00 50.61  ? 34  GLN A CB  1 
ATOM   255  C  CG  . GLN A 1 34  ? -17.324 16.087  2.998   1.00 59.37  ? 34  GLN A CG  1 
ATOM   256  C  CD  . GLN A 1 34  ? -18.120 16.898  1.995   1.00 74.79  ? 34  GLN A CD  1 
ATOM   257  O  OE1 . GLN A 1 34  ? -18.809 16.342  1.123   1.00 72.72  ? 34  GLN A OE1 1 
ATOM   258  N  NE2 . GLN A 1 34  ? -18.044 18.217  2.116   1.00 78.02  ? 34  GLN A NE2 1 
ATOM   259  N  N   . PRO A 1 35  ? -17.778 12.299  6.168   1.00 39.55  ? 35  PRO A N   1 
ATOM   260  C  CA  . PRO A 1 35  ? -16.540 12.572  6.898   1.00 32.68  ? 35  PRO A CA  1 
ATOM   261  C  C   . PRO A 1 35  ? -15.268 11.904  6.242   1.00 26.93  ? 35  PRO A C   1 
ATOM   262  O  O   . PRO A 1 35  ? -15.385 10.937  5.477   1.00 30.00  ? 35  PRO A O   1 
ATOM   263  C  CB  . PRO A 1 35  ? -16.804 11.948  8.250   1.00 36.38  ? 35  PRO A CB  1 
ATOM   264  C  CG  . PRO A 1 35  ? -17.720 10.823  7.954   1.00 42.17  ? 35  PRO A CG  1 
ATOM   265  C  CD  . PRO A 1 35  ? -18.557 11.226  6.774   1.00 40.33  ? 35  PRO A CD  1 
ATOM   266  N  N   . ASN A 1 36  ? -14.125 12.510  6.506   1.00 26.52  ? 36  ASN A N   1 
ATOM   267  C  CA  . ASN A 1 36  ? -12.833 12.059  5.961   1.00 21.91  ? 36  ASN A CA  1 
ATOM   268  C  C   . ASN A 1 36  ? -12.448 10.759  6.732   1.00 17.81  ? 36  ASN A C   1 
ATOM   269  O  O   . ASN A 1 36  ? -12.126 10.840  7.931   1.00 21.37  ? 36  ASN A O   1 
ATOM   270  C  CB  . ASN A 1 36  ? -11.790 13.153  6.180   1.00 23.71  ? 36  ASN A CB  1 
ATOM   271  C  CG  . ASN A 1 36  ? -12.113 14.397  5.340   1.00 26.67  ? 36  ASN A CG  1 
ATOM   272  O  OD1 . ASN A 1 36  ? -12.878 14.337  4.384   1.00 29.90  ? 36  ASN A OD1 1 
ATOM   273  N  ND2 . ASN A 1 36  ? -11.512 15.498  5.706   1.00 31.74  ? 36  ASN A ND2 1 
ATOM   274  N  N   . LYS A 1 37  ? -12.328 9.707   5.921   1.00 18.33  ? 37  LYS A N   1 
ATOM   275  C  CA  . LYS A 1 37  ? -12.049 8.371   6.489   1.00 20.17  ? 37  LYS A CA  1 
ATOM   276  C  C   . LYS A 1 37  ? -11.434 7.464   5.430   1.00 19.03  ? 37  LYS A C   1 
ATOM   277  O  O   . LYS A 1 37  ? -11.808 7.540   4.290   1.00 19.77  ? 37  LYS A O   1 
ATOM   278  C  CB  . LYS A 1 37  ? -13.418 7.749   6.922   1.00 21.72  ? 37  LYS A CB  1 
ATOM   279  C  CG  . LYS A 1 37  ? -13.365 6.399   7.493   1.00 26.61  ? 37  LYS A CG  1 
ATOM   280  C  CD  . LYS A 1 37  ? -14.810 5.937   7.893   1.00 29.51  ? 37  LYS A CD  1 
ATOM   281  C  CE  . LYS A 1 37  ? -14.596 4.758   8.808   1.00 33.13  ? 37  LYS A CE  1 
ATOM   282  N  NZ  . LYS A 1 37  ? -15.802 3.918   8.918   1.00 38.74  ? 37  LYS A NZ  1 
ATOM   283  N  N   . LEU A 1 38  ? -10.551 6.550   5.848   1.00 16.64  ? 38  LEU A N   1 
ATOM   284  C  CA  . LEU A 1 38  ? -10.138 5.480   4.986   1.00 16.31  ? 38  LEU A CA  1 
ATOM   285  C  C   . LEU A 1 38  ? -11.065 4.252   5.158   1.00 15.16  ? 38  LEU A C   1 
ATOM   286  O  O   . LEU A 1 38  ? -11.565 3.995   6.273   1.00 15.65  ? 38  LEU A O   1 
ATOM   287  C  CB  . LEU A 1 38  ? -8.701  5.061   5.335   1.00 15.51  ? 38  LEU A CB  1 
ATOM   288  C  CG  . LEU A 1 38  ? -7.618  5.743   4.466   1.00 17.21  ? 38  LEU A CG  1 
ATOM   289  C  CD1 . LEU A 1 38  ? -7.704  7.205   4.638   1.00 22.57  ? 38  LEU A CD1 1 
ATOM   290  C  CD2 . LEU A 1 38  ? -6.287  5.213   4.748   1.00 18.03  ? 38  LEU A CD2 1 
ATOM   291  N  N   . VAL A 1 39  ? -11.275 3.569   4.092   1.00 14.97  ? 39  VAL A N   1 
ATOM   292  C  CA  . VAL A 1 39  ? -12.088 2.337   4.083   1.00 14.38  ? 39  VAL A CA  1 
ATOM   293  C  C   . VAL A 1 39  ? -11.332 1.265   3.364   1.00 15.49  ? 39  VAL A C   1 
ATOM   294  O  O   . VAL A 1 39  ? -10.439 1.532   2.515   1.00 14.76  ? 39  VAL A O   1 
ATOM   295  C  CB  . VAL A 1 39  ? -13.470 2.578   3.433   1.00 17.65  ? 39  VAL A CB  1 
ATOM   296  C  CG1 . VAL A 1 39  ? -14.216 3.641   4.307   1.00 16.90  ? 39  VAL A CG1 1 
ATOM   297  C  CG2 . VAL A 1 39  ? -13.400 2.940   1.961   1.00 19.58  ? 39  VAL A CG2 1 
ATOM   298  N  N   . VAL A 1 40  ? -11.701 0.012   3.557   1.00 14.77  ? 40  VAL A N   1 
ATOM   299  C  CA  . VAL A 1 40  ? -11.130 -1.063  2.765   1.00 14.37  ? 40  VAL A CA  1 
ATOM   300  C  C   . VAL A 1 40  ? -11.809 -1.178  1.401   1.00 15.19  ? 40  VAL A C   1 
ATOM   301  O  O   . VAL A 1 40  ? -12.988 -1.395  1.329   1.00 17.43  ? 40  VAL A O   1 
ATOM   302  C  CB  . VAL A 1 40  ? -11.279 -2.415  3.481   1.00 14.13  ? 40  VAL A CB  1 
ATOM   303  C  CG1 . VAL A 1 40  ? -10.881 -3.550  2.576   1.00 14.89  ? 40  VAL A CG1 1 
ATOM   304  C  CG2 . VAL A 1 40  ? -10.429 -2.411  4.710   1.00 14.94  ? 40  VAL A CG2 1 
ATOM   305  N  N   . ASP A 1 41  ? -11.029 -1.000  0.345   1.00 13.90  ? 41  ASP A N   1 
ATOM   306  C  CA  . ASP A 1 41  ? -11.482 -1.277  -1.009  1.00 14.52  ? 41  ASP A CA  1 
ATOM   307  C  C   . ASP A 1 41  ? -11.349 -2.732  -1.428  1.00 15.16  ? 41  ASP A C   1 
ATOM   308  O  O   . ASP A 1 41  ? -12.169 -3.244  -2.087  1.00 17.67  ? 41  ASP A O   1 
ATOM   309  C  CB  . ASP A 1 41  ? -10.728 -0.395  -2.026  1.00 13.44  ? 41  ASP A CB  1 
ATOM   310  C  CG  . ASP A 1 41  ? -11.162 1.060   -2.010  1.00 15.08  ? 41  ASP A CG  1 
ATOM   311  O  OD1 . ASP A 1 41  ? -12.138 1.403   -1.391  1.00 17.35  ? 41  ASP A OD1 1 
ATOM   312  O  OD2 . ASP A 1 41  ? -10.455 1.830   -2.642  1.00 16.25  ? 41  ASP A OD2 1 
ATOM   313  N  N   . ALA A 1 42  ? -10.273 -3.368  -1.043  1.00 12.35  ? 42  ALA A N   1 
ATOM   314  C  CA  . ALA A 1 42  ? -10.059 -4.757  -1.335  1.00 11.95  ? 42  ALA A CA  1 
ATOM   315  C  C   . ALA A 1 42  ? -9.128  -5.410  -0.278  1.00 13.74  ? 42  ALA A C   1 
ATOM   316  O  O   . ALA A 1 42  ? -8.302  -4.758  0.253   1.00 12.76  ? 42  ALA A O   1 
ATOM   317  C  CB  . ALA A 1 42  ? -9.454  -4.891  -2.708  1.00 13.04  ? 42  ALA A CB  1 
ATOM   318  N  N   . LYS A 1 43  ? -9.274  -6.705  -0.032  1.00 12.08  ? 43  LYS A N   1 
ATOM   319  C  CA  . LYS A 1 43  ? -8.486  -7.386  0.906   1.00 12.10  ? 43  LYS A CA  1 
ATOM   320  C  C   . LYS A 1 43  ? -8.578  -8.847  0.636   1.00 12.96  ? 43  LYS A C   1 
ATOM   321  O  O   . LYS A 1 43  ? -9.675  -9.332  0.312   1.00 14.59  ? 43  LYS A O   1 
ATOM   322  C  CB  . LYS A 1 43  ? -8.999  -7.077  2.294   1.00 13.92  ? 43  LYS A CB  1 
ATOM   323  C  CG  . LYS A 1 43  ? -8.078  -7.610  3.354   1.00 14.27  ? 43  LYS A CG  1 
ATOM   324  C  CD  . LYS A 1 43  ? -8.605  -7.306  4.769   1.00 15.82  ? 43  LYS A CD  1 
ATOM   325  C  CE  . LYS A 1 43  ? -9.884  -8.127  5.207   1.00 15.43  ? 43  LYS A CE  1 
ATOM   326  N  NZ  . LYS A 1 43  ? -10.317 -7.849  6.619   1.00 14.39  ? 43  LYS A NZ  1 
ATOM   327  N  N   . GLY A 1 44  ? -7.447  -9.518  0.637   1.00 12.53  ? 44  GLY A N   1 
ATOM   328  C  CA  . GLY A 1 44  ? -7.443  -10.964 0.358   1.00 13.50  ? 44  GLY A CA  1 
ATOM   329  C  C   . GLY A 1 44  ? -6.140  -11.551 0.090   1.00 14.35  ? 44  GLY A C   1 
ATOM   330  O  O   . GLY A 1 44  ? -5.073  -11.034 0.515   1.00 14.18  ? 44  GLY A O   1 
ATOM   331  N  N   . LYS A 1 45  ? -6.130  -12.702 -0.594  1.00 15.45  ? 45  LYS A N   1 
ATOM   332  C  CA  . LYS A 1 45  ? -4.964  -13.375 -0.983  1.00 16.16  ? 45  LYS A CA  1 
ATOM   333  C  C   . LYS A 1 45  ? -4.404  -12.756 -2.258  1.00 15.13  ? 45  LYS A C   1 
ATOM   334  O  O   . LYS A 1 45  ? -5.227  -12.360 -3.094  1.00 17.09  ? 45  LYS A O   1 
ATOM   335  C  CB  . LYS A 1 45  ? -5.261  -14.899 -1.200  1.00 20.14  ? 45  LYS A CB  1 
ATOM   336  C  CG  . LYS A 1 45  ? -5.319  -15.627 0.125   1.00 25.08  ? 45  LYS A CG  1 
ATOM   337  C  CD  . LYS A 1 45  ? -5.363  -17.145 -0.134  1.00 29.18  ? 45  LYS A CD  1 
ATOM   338  C  CE  . LYS A 1 45  ? -3.941  -17.731 -0.297  1.00 35.98  ? 45  LYS A CE  1 
ATOM   339  N  NZ  . LYS A 1 45  ? -2.926  -17.711 0.841   1.00 37.02  ? 45  LYS A NZ  1 
ATOM   340  N  N   . GLY A 1 46  ? -3.104  -12.694 -2.373  1.00 16.04  ? 46  GLY A N   1 
ATOM   341  C  CA  . GLY A 1 46  ? -2.537  -12.096 -3.573  1.00 15.06  ? 46  GLY A CA  1 
ATOM   342  C  C   . GLY A 1 46  ? -1.446  -11.123 -3.191  1.00 14.69  ? 46  GLY A C   1 
ATOM   343  O  O   . GLY A 1 46  ? -0.958  -11.058 -2.077  1.00 17.91  ? 46  GLY A O   1 
ATOM   344  N  N   . GLY A 1 47  ? -1.057  -10.412 -4.180  1.00 15.51  ? 47  GLY A N   1 
ATOM   345  C  CA  . GLY A 1 47  ? 0.088   -9.490  -4.095  1.00 15.63  ? 47  GLY A CA  1 
ATOM   346  C  C   . GLY A 1 47  ? -0.161  -8.319  -5.065  1.00 12.75  ? 47  GLY A C   1 
ATOM   347  O  O   . GLY A 1 47  ? -1.205  -7.807  -5.220  1.00 13.75  ? 47  GLY A O   1 
ATOM   348  N  N   . LEU A 1 48  ? 0.978   -7.960  -5.689  1.00 15.77  ? 48  LEU A N   1 
ATOM   349  C  CA  . LEU A 1 48  ? 0.969   -6.804  -6.584  1.00 14.93  ? 48  LEU A CA  1 
ATOM   350  C  C   . LEU A 1 48  ? -0.142  -6.777  -7.656  1.00 13.02  ? 48  LEU A C   1 
ATOM   351  O  O   . LEU A 1 48  ? -0.816  -5.777  -7.898  1.00 13.48  ? 48  LEU A O   1 
ATOM   352  C  CB  . LEU A 1 48  ? 2.343   -6.562  -7.215  1.00 14.21  ? 48  LEU A CB  1 
ATOM   353  C  CG  . LEU A 1 48  ? 2.390   -5.307  -8.075  1.00 14.46  ? 48  LEU A CG  1 
ATOM   354  C  CD1 . LEU A 1 48  ? 2.267   -4.055  -7.222  1.00 14.83  ? 48  LEU A CD1 1 
ATOM   355  C  CD2 . LEU A 1 48  ? 3.717   -5.315  -8.886  1.00 17.61  ? 48  LEU A CD2 1 
ATOM   356  N  N   . GLU A 1 49  ? -0.323  -7.905  -8.358  1.00 15.21  ? 49  GLU A N   1 
ATOM   357  C  CA  A GLU A 1 49  ? -1.325  -7.890  -9.387  0.50 16.07  ? 49  GLU A CA  1 
ATOM   358  C  CA  B GLU A 1 49  ? -1.361  -8.069  -9.347  0.50 16.09  ? 49  GLU A CA  1 
ATOM   359  C  C   . GLU A 1 49  ? -2.743  -7.618  -8.853  1.00 14.22  ? 49  GLU A C   1 
ATOM   360  O  O   . GLU A 1 49  ? -3.509  -6.949  -9.433  1.00 15.41  ? 49  GLU A O   1 
ATOM   361  C  CB  A GLU A 1 49  ? -1.186  -9.070  -10.393 0.50 20.10  ? 49  GLU A CB  1 
ATOM   362  C  CB  B GLU A 1 49  ? -1.378  -9.560  -9.808  0.50 20.23  ? 49  GLU A CB  1 
ATOM   363  C  CG  A GLU A 1 49  ? 0.284   -9.196  -10.910 0.50 20.77  ? 49  GLU A CG  1 
ATOM   364  C  CG  B GLU A 1 49  ? -2.409  -9.946  -10.838 0.50 23.72  ? 49  GLU A CG  1 
ATOM   365  C  CD  A GLU A 1 49  ? 0.933   -7.912  -11.570 0.50 23.47  ? 49  GLU A CD  1 
ATOM   366  C  CD  B GLU A 1 49  ? -2.161  -11.383 -11.360 0.50 28.18  ? 49  GLU A CD  1 
ATOM   367  O  OE1 A GLU A 1 49  ? 0.270   -7.090  -12.219 0.50 20.00  ? 49  GLU A OE1 1 
ATOM   368  O  OE1 B GLU A 1 49  ? -2.843  -12.337 -10.887 0.50 33.45  ? 49  GLU A OE1 1 
ATOM   369  O  OE2 A GLU A 1 49  ? 2.171   -7.724  -11.366 0.50 24.58  ? 49  GLU A OE2 1 
ATOM   370  O  OE2 B GLU A 1 49  ? -1.221  -11.543 -12.146 0.50 35.48  ? 49  GLU A OE2 1 
ATOM   371  N  N   . GLU A 1 50  ? -3.037  -8.217  -7.718  1.00 14.59  ? 50  GLU A N   1 
ATOM   372  C  CA  . GLU A 1 50  ? -4.312  -7.996  -7.063  1.00 13.35  ? 50  GLU A CA  1 
ATOM   373  C  C   . GLU A 1 50  ? -4.505  -6.536  -6.591  1.00 12.61  ? 50  GLU A C   1 
ATOM   374  O  O   . GLU A 1 50  ? -5.540  -5.966  -6.713  1.00 13.95  ? 50  GLU A O   1 
ATOM   375  C  CB  . GLU A 1 50  ? -4.480  -8.952  -5.897  1.00 14.63  ? 50  GLU A CB  1 
ATOM   376  C  CG  . GLU A 1 50  ? -4.785  -10.382 -6.286  1.00 15.95  ? 50  GLU A CG  1 
ATOM   377  C  CD  . GLU A 1 50  ? -3.617  -11.144 -6.899  1.00 17.80  ? 50  GLU A CD  1 
ATOM   378  O  OE1 . GLU A 1 50  ? -2.468  -10.881 -6.658  1.00 17.25  ? 50  GLU A OE1 1 
ATOM   379  O  OE2 . GLU A 1 50  ? -3.880  -12.059 -7.666  1.00 28.53  ? 50  GLU A OE2 1 
ATOM   380  N  N   . VAL A 1 51  ? -3.438  -5.967  -6.075  1.00 12.97  ? 51  VAL A N   1 
ATOM   381  C  CA  . VAL A 1 51  ? -3.469  -4.583  -5.709  1.00 12.15  ? 51  VAL A CA  1 
ATOM   382  C  C   . VAL A 1 51  ? -3.734  -3.718  -6.946  1.00 11.65  ? 51  VAL A C   1 
ATOM   383  O  O   . VAL A 1 51  ? -4.548  -2.880  -6.932  1.00 12.66  ? 51  VAL A O   1 
ATOM   384  C  CB  . VAL A 1 51  ? -2.099  -4.206  -5.067  1.00 11.96  ? 51  VAL A CB  1 
ATOM   385  C  CG1 . VAL A 1 51  ? -1.829  -2.707  -5.026  1.00 12.28  ? 51  VAL A CG1 1 
ATOM   386  C  CG2 . VAL A 1 51  ? -1.947  -4.815  -3.692  1.00 12.60  ? 51  VAL A CG2 1 
ATOM   387  N  N   . LYS A 1 52  ? -3.019  -4.010  -8.018  1.00 13.10  ? 52  LYS A N   1 
ATOM   388  C  CA  . LYS A 1 52  ? -3.118  -3.188  -9.213  1.00 13.33  ? 52  LYS A CA  1 
ATOM   389  C  C   . LYS A 1 52  ? -4.528  -3.246  -9.752  1.00 13.84  ? 52  LYS A C   1 
ATOM   390  O  O   . LYS A 1 52  ? -5.027  -2.270  -10.150 1.00 15.77  ? 52  LYS A O   1 
ATOM   391  C  CB  . LYS A 1 52  ? -2.081  -3.585  -10.268 1.00 13.07  ? 52  LYS A CB  1 
ATOM   392  C  CG  . LYS A 1 52  ? -0.681  -3.096  -9.970  1.00 13.89  ? 52  LYS A CG  1 
ATOM   393  C  CD  . LYS A 1 52  ? 0.366   -3.694  -10.887 1.00 16.13  ? 52  LYS A CD  1 
ATOM   394  C  CE  . LYS A 1 52  ? 0.275   -3.141  -12.287 1.00 19.34  ? 52  LYS A CE  1 
ATOM   395  N  NZ  . LYS A 1 52  ? 1.379   -3.770  -13.041 1.00 27.78  ? 52  LYS A NZ  1 
ATOM   396  N  N   . ALA A 1 53  ? -5.145  -4.420  -9.699  1.00 12.99  ? 53  ALA A N   1 
ATOM   397  C  CA  . ALA A 1 53  ? -6.502  -4.516  -10.132 1.00 14.69  ? 53  ALA A CA  1 
ATOM   398  C  C   . ALA A 1 53  ? -7.523  -3.693  -9.439  1.00 14.50  ? 53  ALA A C   1 
ATOM   399  O  O   . ALA A 1 53  ? -8.577  -3.330  -9.948  1.00 17.80  ? 53  ALA A O   1 
ATOM   400  C  CB  . ALA A 1 53  ? -6.929  -5.992  -10.079 1.00 16.74  ? 53  ALA A CB  1 
ATOM   401  N  N   . ALA A 1 54  ? -7.219  -3.369  -8.172  1.00 12.98  ? 54  ALA A N   1 
ATOM   402  C  CA  . ALA A 1 54  ? -8.038  -2.548  -7.335  1.00 13.06  ? 54  ALA A CA  1 
ATOM   403  C  C   . ALA A 1 54  ? -7.790  -1.031  -7.379  1.00 12.42  ? 54  ALA A C   1 
ATOM   404  O  O   . ALA A 1 54  ? -8.622  -0.285  -6.854  1.00 14.53  ? 54  ALA A O   1 
ATOM   405  C  CB  . ALA A 1 54  ? -7.960  -3.025  -5.851  1.00 14.24  ? 54  ALA A CB  1 
ATOM   406  N  N   . LEU A 1 55  ? -6.686  -0.649  -8.021  1.00 13.69  ? 55  LEU A N   1 
ATOM   407  C  CA  . LEU A 1 55  ? -6.338  0.774   -8.086  1.00 13.53  ? 55  LEU A CA  1 
ATOM   408  C  C   . LEU A 1 55  ? -7.137  1.492   -9.186  1.00 15.85  ? 55  LEU A C   1 
ATOM   409  O  O   . LEU A 1 55  ? -7.053  0.985   -10.312 1.00 20.30  ? 55  LEU A O   1 
ATOM   410  C  CB  . LEU A 1 55  ? -4.868  0.936   -8.260  1.00 14.93  ? 55  LEU A CB  1 
ATOM   411  C  CG  . LEU A 1 55  ? -4.011  0.460   -7.096  1.00 14.27  ? 55  LEU A CG  1 
ATOM   412  C  CD1 . LEU A 1 55  ? -2.498  0.541   -7.390  1.00 16.55  ? 55  LEU A CD1 1 
ATOM   413  C  CD2 . LEU A 1 55  ? -4.301  1.203   -5.838  1.00 13.42  ? 55  LEU A CD2 1 
ATOM   414  N  N   . LYS A 1 56  ? -7.764  2.576   -8.906  1.00 15.23  ? 56  LYS A N   1 
ATOM   415  C  CA  . LYS A 1 56  ? -8.724  3.239   -9.829  1.00 16.15  ? 56  LYS A CA  1 
ATOM   416  C  C   . LYS A 1 56  ? -8.127  4.573   -10.295 1.00 18.17  ? 56  LYS A C   1 
ATOM   417  O  O   . LYS A 1 56  ? -7.534  5.337   -9.541  1.00 17.46  ? 56  LYS A O   1 
ATOM   418  C  CB  . LYS A 1 56  ? -10.031 3.431   -9.143  1.00 18.13  ? 56  LYS A CB  1 
ATOM   419  C  CG  . LYS A 1 56  ? -10.740 2.182   -8.634  1.00 23.12  ? 56  LYS A CG  1 
ATOM   420  C  CD  . LYS A 1 56  ? -10.858 1.138   -9.763  1.00 29.36  ? 56  LYS A CD  1 
ATOM   421  C  CE  . LYS A 1 56  ? -11.522 -0.149  -9.254  1.00 40.29  ? 56  LYS A CE  1 
ATOM   422  N  NZ  . LYS A 1 56  ? -10.974 -1.262  -10.062 1.00 43.74  ? 56  LYS A NZ  1 
ATOM   423  N  N   . GLU A 1 57  ? -8.248  4.790   -11.610 1.00 19.40  ? 57  GLU A N   1 
ATOM   424  C  CA  . GLU A 1 57  ? -7.680  5.976   -12.228 1.00 20.16  ? 57  GLU A CA  1 
ATOM   425  C  C   . GLU A 1 57  ? -8.168  7.267   -11.682 1.00 20.39  ? 57  GLU A C   1 
ATOM   426  O  O   . GLU A 1 57  ? -7.417  8.275   -11.711 1.00 20.64  ? 57  GLU A O   1 
ATOM   427  C  CB  . GLU A 1 57  ? -8.063  5.942   -13.752 1.00 22.96  ? 57  GLU A CB  1 
ATOM   428  C  CG  . GLU A 1 57  ? -7.240  6.975   -14.544 1.00 29.61  ? 57  GLU A CG  1 
ATOM   429  C  CD  . GLU A 1 57  ? -7.775  7.319   -15.913 1.00 48.67  ? 57  GLU A CD  1 
ATOM   430  O  OE1 . GLU A 1 57  ? -8.543  6.504   -16.492 1.00 52.94  ? 57  GLU A OE1 1 
ATOM   431  O  OE2 . GLU A 1 57  ? -7.375  8.414   -16.385 1.00 51.32  ? 57  GLU A OE2 1 
ATOM   432  N  N   . ASP A 1 58  ? -9.314  7.312   -11.104 1.00 17.90  ? 58  ASP A N   1 
ATOM   433  C  CA  . ASP A 1 58  ? -9.887  8.520   -10.530 1.00 19.34  ? 58  ASP A CA  1 
ATOM   434  C  C   . ASP A 1 58  ? -9.858  8.668   -9.035  1.00 18.29  ? 58  ASP A C   1 
ATOM   435  O  O   . ASP A 1 58  ? -10.581 9.473   -8.447  1.00 18.76  ? 58  ASP A O   1 
ATOM   436  C  CB  . ASP A 1 58  ? -11.293 8.751   -11.068 1.00 22.38  ? 58  ASP A CB  1 
ATOM   437  C  CG  . ASP A 1 58  ? -12.266 7.747   -10.563 1.00 29.61  ? 58  ASP A CG  1 
ATOM   438  O  OD1 . ASP A 1 58  ? -11.825 6.694   -10.063 1.00 26.64  ? 58  ASP A OD1 1 
ATOM   439  O  OD2 . ASP A 1 58  ? -13.475 8.021   -10.614 1.00 35.67  ? 58  ASP A OD2 1 
ATOM   440  N  N   . ALA A 1 59  ? -8.970  7.843   -8.372  1.00 15.74  ? 59  ALA A N   1 
ATOM   441  C  CA  . ALA A 1 59  ? -8.991  7.763   -6.953  1.00 15.23  ? 59  ALA A CA  1 
ATOM   442  C  C   . ALA A 1 59  ? -7.630  8.033   -6.292  1.00 13.21  ? 59  ALA A C   1 
ATOM   443  O  O   . ALA A 1 59  ? -6.605  7.766   -6.888  1.00 14.30  ? 59  ALA A O   1 
ATOM   444  C  CB  . ALA A 1 59  ? -9.494  6.348   -6.519  1.00 15.78  ? 59  ALA A CB  1 
ATOM   445  N  N   . LEU A 1 60  ? -7.736  8.418   -5.044  1.00 14.05  ? 60  LEU A N   1 
ATOM   446  C  CA  . LEU A 1 60  ? -6.584  8.454   -4.092  1.00 15.40  ? 60  LEU A CA  1 
ATOM   447  C  C   . LEU A 1 60  ? -6.704  7.171   -3.227  1.00 14.30  ? 60  LEU A C   1 
ATOM   448  O  O   . LEU A 1 60  ? -7.724  6.993   -2.566  1.00 14.12  ? 60  LEU A O   1 
ATOM   449  C  CB  . LEU A 1 60  ? -6.711  9.722   -3.220  1.00 17.09  ? 60  LEU A CB  1 
ATOM   450  C  CG  . LEU A 1 60  ? -5.411  10.078  -2.528  1.00 20.50  ? 60  LEU A CG  1 
ATOM   451  C  CD1 . LEU A 1 60  ? -5.512  11.343  -1.618  1.00 23.80  ? 60  LEU A CD1 1 
ATOM   452  C  CD2 . LEU A 1 60  ? -5.040  9.076   -1.550  1.00 26.16  ? 60  LEU A CD2 1 
ATOM   453  N  N   . GLN A 1 61  ? -5.690  6.349   -3.236  1.00 12.05  ? 61  GLN A N   1 
ATOM   454  C  CA  . GLN A 1 61  ? -5.727  5.054   -2.517  1.00 11.86  ? 61  GLN A CA  1 
ATOM   455  C  C   . GLN A 1 61  ? -4.403  4.753   -1.866  1.00 12.06  ? 61  GLN A C   1 
ATOM   456  O  O   . GLN A 1 61  ? -3.379  5.417   -2.175  1.00 11.96  ? 61  GLN A O   1 
ATOM   457  C  CB  . GLN A 1 61  ? -6.168  3.940   -3.454  1.00 11.80  ? 61  GLN A CB  1 
ATOM   458  C  CG  . GLN A 1 61  ? -7.603  4.025   -3.982  1.00 12.08  ? 61  GLN A CG  1 
ATOM   459  C  CD  . GLN A 1 61  ? -7.836  3.153   -5.162  1.00 12.72  ? 61  GLN A CD  1 
ATOM   460  O  OE1 . GLN A 1 61  ? -7.352  3.384   -6.240  1.00 12.88  ? 61  GLN A OE1 1 
ATOM   461  N  NE2 . GLN A 1 61  ? -8.478  2.014   -4.900  1.00 14.19  ? 61  GLN A NE2 1 
ATOM   462  N  N   . PHE A 1 62  ? -4.339  3.778   -0.969  1.00 11.88  ? 62  PHE A N   1 
ATOM   463  C  CA  . PHE A 1 62  ? -3.150  3.241   -0.420  1.00 11.20  ? 62  PHE A CA  1 
ATOM   464  C  C   . PHE A 1 62  ? -3.128  1.750   -0.503  1.00 11.30  ? 62  PHE A C   1 
ATOM   465  O  O   . PHE A 1 62  ? -4.243  1.188   -0.493  1.00 13.19  ? 62  PHE A O   1 
ATOM   466  C  CB  . PHE A 1 62  ? -2.946  3.654   1.047   1.00 12.20  ? 62  PHE A CB  1 
ATOM   467  C  CG  . PHE A 1 62  ? -2.887  5.169   1.250   1.00 11.71  ? 62  PHE A CG  1 
ATOM   468  C  CD1 . PHE A 1 62  ? -4.001  5.898   1.561   1.00 12.46  ? 62  PHE A CD1 1 
ATOM   469  C  CD2 . PHE A 1 62  ? -1.659  5.778   1.168   1.00 12.82  ? 62  PHE A CD2 1 
ATOM   470  C  CE1 . PHE A 1 62  ? -3.955  7.324   1.670   1.00 14.69  ? 62  PHE A CE1 1 
ATOM   471  C  CE2 . PHE A 1 62  ? -1.603  7.140   1.373   1.00 14.01  ? 62  PHE A CE2 1 
ATOM   472  C  CZ  . PHE A 1 62  ? -2.696  7.857   1.609   1.00 16.30  ? 62  PHE A CZ  1 
ATOM   473  N  N   . ALA A 1 63  ? -2.051  1.090   -0.558  1.00 10.23  ? 63  ALA A N   1 
ATOM   474  C  CA  . ALA A 1 63  ? -2.008  -0.322  -0.585  1.00 10.07  ? 63  ALA A CA  1 
ATOM   475  C  C   . ALA A 1 63  ? -0.878  -0.825  0.219   1.00 10.37  ? 63  ALA A C   1 
ATOM   476  O  O   . ALA A 1 63  ? 0.198   -0.203  0.403   1.00 11.54  ? 63  ALA A O   1 
ATOM   477  C  CB  . ALA A 1 63  ? -1.987  -0.895  -2.016  1.00 11.15  ? 63  ALA A CB  1 
ATOM   478  N  N   . TYR A 1 64  ? -0.979  -2.060  0.717   1.00 10.54  ? 64  TYR A N   1 
ATOM   479  C  CA  . TYR A 1 64  ? -0.011  -2.707  1.523   1.00 9.97   ? 64  TYR A CA  1 
ATOM   480  C  C   . TYR A 1 64  ? -0.044  -4.210  1.300   1.00 11.82  ? 64  TYR A C   1 
ATOM   481  O  O   . TYR A 1 64  ? -1.128  -4.775  1.395   1.00 11.53  ? 64  TYR A O   1 
ATOM   482  C  CB  . TYR A 1 64  ? -0.287  -2.370  3.022   1.00 11.73  ? 64  TYR A CB  1 
ATOM   483  C  CG  . TYR A 1 64  ? 0.732   -2.919  3.988   1.00 11.67  ? 64  TYR A CG  1 
ATOM   484  C  CD1 . TYR A 1 64  ? 2.027   -2.481  4.028   1.00 12.98  ? 64  TYR A CD1 1 
ATOM   485  C  CD2 . TYR A 1 64  ? 0.321   -3.845  4.943   1.00 13.61  ? 64  TYR A CD2 1 
ATOM   486  C  CE1 . TYR A 1 64  ? 2.933   -2.926  4.977   1.00 13.25  ? 64  TYR A CE1 1 
ATOM   487  C  CE2 . TYR A 1 64  ? 1.220   -4.310  5.937   1.00 13.68  ? 64  TYR A CE2 1 
ATOM   488  C  CZ  . TYR A 1 64  ? 2.514   -3.842  5.929   1.00 11.99  ? 64  TYR A CZ  1 
ATOM   489  O  OH  . TYR A 1 64  ? 3.441   -4.197  6.956   1.00 14.96  ? 64  TYR A OH  1 
ATOM   490  N  N   . TYR A 1 65  ? 1.060   -4.835  0.952   1.00 10.12  ? 65  TYR A N   1 
ATOM   491  C  CA  . TYR A 1 65  ? 1.086   -6.263  0.702   1.00 9.71   ? 65  TYR A CA  1 
ATOM   492  C  C   . TYR A 1 65  ? 2.409   -6.914  1.111   1.00 11.46  ? 65  TYR A C   1 
ATOM   493  O  O   . TYR A 1 65  ? 3.396   -6.276  1.240   1.00 11.85  ? 65  TYR A O   1 
ATOM   494  C  CB  . TYR A 1 65  ? 0.740   -6.601  -0.772  1.00 11.91  ? 65  TYR A CB  1 
ATOM   495  C  CG  . TYR A 1 65  ? 1.760   -6.229  -1.822  1.00 12.50  ? 65  TYR A CG  1 
ATOM   496  C  CD1 . TYR A 1 65  ? 2.686   -7.120  -2.257  1.00 13.11  ? 65  TYR A CD1 1 
ATOM   497  C  CD2 . TYR A 1 65  ? 1.763   -4.975  -2.366  1.00 12.13  ? 65  TYR A CD2 1 
ATOM   498  C  CE1 . TYR A 1 65  ? 3.607   -6.774  -3.210  1.00 13.71  ? 65  TYR A CE1 1 
ATOM   499  C  CE2 . TYR A 1 65  ? 2.666   -4.626  -3.337  1.00 12.82  ? 65  TYR A CE2 1 
ATOM   500  C  CZ  . TYR A 1 65  ? 3.587   -5.535  -3.738  1.00 12.21  ? 65  TYR A CZ  1 
ATOM   501  O  OH  . TYR A 1 65  ? 4.517   -5.231  -4.668  1.00 14.82  ? 65  TYR A OH  1 
ATOM   502  N  N   . ARG A 1 66  ? 2.332   -8.225  1.277   1.00 13.20  ? 66  ARG A N   1 
ATOM   503  C  CA  . ARG A 1 66  ? 3.473   -9.028  1.624   1.00 13.96  ? 66  ARG A CA  1 
ATOM   504  C  C   . ARG A 1 66  ? 3.957   -9.772  0.407   1.00 13.63  ? 66  ARG A C   1 
ATOM   505  O  O   . ARG A 1 66  ? 3.207   -10.110 -0.451  1.00 15.81  ? 66  ARG A O   1 
ATOM   506  C  CB  . ARG A 1 66  ? 3.199   -10.016 2.752   1.00 15.01  ? 66  ARG A CB  1 
ATOM   507  C  CG  . ARG A 1 66  ? 2.216   -11.088 2.426   1.00 16.24  ? 66  ARG A CG  1 
ATOM   508  C  CD  . ARG A 1 66  ? 1.886   -11.886 3.665   1.00 18.56  ? 66  ARG A CD  1 
ATOM   509  N  NE  . ARG A 1 66  ? 2.931   -12.784 4.080   1.00 18.87  ? 66  ARG A NE  1 
ATOM   510  C  CZ  . ARG A 1 66  ? 3.307   -13.001 5.334   1.00 16.86  ? 66  ARG A CZ  1 
ATOM   511  N  NH1 . ARG A 1 66  ? 2.770   -12.344 6.331   1.00 15.03  ? 66  ARG A NH1 1 
ATOM   512  N  NH2 . ARG A 1 66  ? 4.236   -13.896 5.559   1.00 21.55  ? 66  ARG A NH2 1 
ATOM   513  N  N   . THR A 1 67  ? 5.264   -9.954  0.366   1.00 15.45  ? 67  THR A N   1 
ATOM   514  C  CA  . THR A 1 67  ? 5.939   -10.646 -0.703  1.00 18.44  ? 67  THR A CA  1 
ATOM   515  C  C   . THR A 1 67  ? 7.181   -11.368 -0.145  1.00 20.02  ? 67  THR A C   1 
ATOM   516  O  O   . THR A 1 67  ? 7.456   -11.262 0.953   1.00 22.28  ? 67  THR A O   1 
ATOM   517  C  CB  . THR A 1 67  ? 6.243   -9.711  -1.899  1.00 17.74  ? 67  THR A CB  1 
ATOM   518  O  OG1 . THR A 1 67  ? 6.648   -10.473 -3.028  1.00 21.32  ? 67  THR A OG1 1 
ATOM   519  C  CG2 . THR A 1 67  ? 7.294   -8.757  -1.576  1.00 20.40  ? 67  THR A CG2 1 
ATOM   520  N  N   . ILE A 1 68  ? 7.823   -12.186 -0.944  1.00 24.22  ? 68  ILE A N   1 
ATOM   521  C  CA  . ILE A 1 68  ? 9.029   -12.922 -0.506  1.00 27.87  ? 68  ILE A CA  1 
ATOM   522  C  C   . ILE A 1 68  ? 10.256  -12.453 -1.281  1.00 27.91  ? 68  ILE A C   1 
ATOM   523  O  O   . ILE A 1 68  ? 10.161  -12.164 -2.488  1.00 26.80  ? 68  ILE A O   1 
ATOM   524  C  CB  . ILE A 1 68  ? 8.773   -14.413 -0.696  1.00 32.88  ? 68  ILE A CB  1 
ATOM   525  C  CG1 . ILE A 1 68  ? 7.562   -14.831 0.135   1.00 35.87  ? 68  ILE A CG1 1 
ATOM   526  C  CG2 . ILE A 1 68  ? 9.980   -15.222 -0.218  1.00 39.39  ? 68  ILE A CG2 1 
ATOM   527  C  CD1 . ILE A 1 68  ? 6.998   -16.215 -0.191  1.00 40.39  ? 68  ILE A CD1 1 
ATOM   528  N  N   . SER A 1 69  ? 11.376  -12.304 -0.597  1.00 28.75  ? 69  SER A N   1 
ATOM   529  C  CA  . SER A 1 69  ? 12.627  -11.968 -1.300  1.00 31.68  ? 69  SER A CA  1 
ATOM   530  C  C   . SER A 1 69  ? 13.741  -12.896 -0.810  1.00 38.93  ? 69  SER A C   1 
ATOM   531  O  O   . SER A 1 69  ? 13.923  -13.078 0.393   1.00 38.93  ? 69  SER A O   1 
ATOM   532  C  CB  . SER A 1 69  ? 13.086  -10.538 -1.033  1.00 32.58  ? 69  SER A CB  1 
ATOM   533  O  OG  . SER A 1 69  ? 14.087  -10.098 -1.980  1.00 34.21  ? 69  SER A OG  1 
ATOM   534  N  N   . GLY A 1 70  ? 14.529  -13.409 -1.732  1.00 47.02  ? 70  GLY A N   1 
ATOM   535  C  CA  . GLY A 1 70  ? 15.710  -14.148 -1.290  1.00 51.58  ? 70  GLY A CA  1 
ATOM   536  C  C   . GLY A 1 70  ? 16.368  -14.830 -2.438  1.00 65.17  ? 70  GLY A C   1 
ATOM   537  O  O   . GLY A 1 70  ? 15.701  -15.137 -3.428  1.00 70.86  ? 70  GLY A O   1 
ATOM   538  N  N   . ASP A 1 71  ? 17.656  -15.134 -2.239  1.00 84.58  ? 71  ASP A N   1 
ATOM   539  C  CA  . ASP A 1 71  ? 18.605  -15.504 -3.308  1.00 98.14  ? 71  ASP A CA  1 
ATOM   540  C  C   . ASP A 1 71  ? 18.914  -17.014 -3.595  1.00 103.09 ? 71  ASP A C   1 
ATOM   541  O  O   . ASP A 1 71  ? 19.924  -17.286 -4.256  1.00 108.49 ? 71  ASP A O   1 
ATOM   542  C  CB  . ASP A 1 71  ? 19.945  -14.714 -3.125  1.00 99.47  ? 71  ASP A CB  1 
ATOM   543  C  CG  . ASP A 1 71  ? 20.328  -14.452 -1.631  1.00 100.87 ? 71  ASP A CG  1 
ATOM   544  O  OD1 . ASP A 1 71  ? 21.488  -14.742 -1.256  1.00 92.55  ? 71  ASP A OD1 1 
ATOM   545  O  OD2 . ASP A 1 71  ? 19.495  -13.935 -0.837  1.00 93.15  ? 71  ASP A OD2 1 
ATOM   546  N  N   . GLU A 1 72  ? 18.093  -17.993 -3.173  1.00 102.98 ? 72  GLU A N   1 
ATOM   547  C  CA  . GLU A 1 72  ? 16.874  -17.813 -2.377  1.00 99.74  ? 72  GLU A CA  1 
ATOM   548  C  C   . GLU A 1 72  ? 17.206  -17.778 -0.893  1.00 103.68 ? 72  GLU A C   1 
ATOM   549  O  O   . GLU A 1 72  ? 17.231  -16.702 -0.296  1.00 108.94 ? 72  GLU A O   1 
ATOM   550  C  CB  . GLU A 1 72  ? 15.807  -18.880 -2.676  1.00 95.76  ? 72  GLU A CB  1 
ATOM   551  C  CG  . GLU A 1 72  ? 16.241  -20.334 -2.559  1.00 93.37  ? 72  GLU A CG  1 
ATOM   552  C  CD  . GLU A 1 72  ? 15.247  -21.140 -1.761  1.00 91.71  ? 72  GLU A CD  1 
ATOM   553  O  OE1 . GLU A 1 72  ? 14.188  -21.455 -2.339  1.00 88.49  ? 72  GLU A OE1 1 
ATOM   554  O  OE2 . GLU A 1 72  ? 15.510  -21.434 -0.568  1.00 92.26  ? 72  GLU A OE2 1 
ATOM   555  N  N   . GLU A 1 73  ? 17.501  -18.942 -0.312  1.00 108.76 ? 73  GLU A N   1 
ATOM   556  C  CA  . GLU A 1 73  ? 17.711  -19.071 1.128   1.00 109.15 ? 73  GLU A CA  1 
ATOM   557  C  C   . GLU A 1 73  ? 18.771  -18.065 1.631   1.00 112.26 ? 73  GLU A C   1 
ATOM   558  O  O   . GLU A 1 73  ? 19.918  -18.101 1.164   1.00 129.11 ? 73  GLU A O   1 
ATOM   559  C  CB  . GLU A 1 73  ? 18.100  -20.515 1.481   1.00 101.00 ? 73  GLU A CB  1 
ATOM   560  C  CG  . GLU A 1 73  ? 17.098  -21.232 2.380   1.00 98.86  ? 73  GLU A CG  1 
ATOM   561  C  CD  . GLU A 1 73  ? 17.632  -21.458 3.786   1.00 95.56  ? 73  GLU A CD  1 
ATOM   562  O  OE1 . GLU A 1 73  ? 18.850  -21.699 3.939   1.00 88.45  ? 73  GLU A OE1 1 
ATOM   563  O  OE2 . GLU A 1 73  ? 16.832  -21.415 4.739   1.00 89.80  ? 73  GLU A OE2 1 
ATOM   564  N  N   . SER A 1 74  ? 18.410  -17.177 2.567   1.00 98.15  ? 74  SER A N   1 
ATOM   565  C  CA  . SER A 1 74  ? 17.114  -17.190 3.265   1.00 90.02  ? 74  SER A CA  1 
ATOM   566  C  C   . SER A 1 74  ? 16.017  -16.410 2.535   1.00 73.19  ? 74  SER A C   1 
ATOM   567  O  O   . SER A 1 74  ? 16.153  -15.185 2.358   1.00 55.24  ? 74  SER A O   1 
ATOM   568  C  CB  . SER A 1 74  ? 17.269  -16.601 4.671   1.00 94.53  ? 74  SER A CB  1 
ATOM   569  O  OG  . SER A 1 74  ? 18.323  -17.232 5.380   1.00 99.93  ? 74  SER A OG  1 
ATOM   570  N  N   . LYS A 1 75  ? 14.955  -17.127 2.120   1.00 63.60  ? 75  LYS A N   1 
ATOM   571  C  CA  . LYS A 1 75  ? 13.662  -16.504 1.772   1.00 58.91  ? 75  LYS A CA  1 
ATOM   572  C  C   . LYS A 1 75  ? 13.182  -15.737 3.003   1.00 54.70  ? 75  LYS A C   1 
ATOM   573  O  O   . LYS A 1 75  ? 13.256  -16.248 4.136   1.00 52.96  ? 75  LYS A O   1 
ATOM   574  C  CB  . LYS A 1 75  ? 12.593  -17.545 1.436   1.00 60.42  ? 75  LYS A CB  1 
ATOM   575  C  CG  . LYS A 1 75  ? 12.756  -18.217 0.088   1.00 68.40  ? 75  LYS A CG  1 
ATOM   576  C  CD  . LYS A 1 75  ? 12.937  -17.204 -1.032  1.00 73.47  ? 75  LYS A CD  1 
ATOM   577  C  CE  . LYS A 1 75  ? 12.433  -17.749 -2.356  1.00 80.15  ? 75  LYS A CE  1 
ATOM   578  N  NZ  . LYS A 1 75  ? 12.681  -16.763 -3.444  1.00 87.09  ? 75  LYS A NZ  1 
ATOM   579  N  N   . ARG A 1 76  ? 12.757  -14.489 2.794   1.00 36.12  ? 76  ARG A N   1 
ATOM   580  C  CA  . ARG A 1 76  ? 12.273  -13.683 3.867   1.00 37.34  ? 76  ARG A CA  1 
ATOM   581  C  C   . ARG A 1 76  ? 11.017  -12.955 3.343   1.00 27.42  ? 76  ARG A C   1 
ATOM   582  O  O   . ARG A 1 76  ? 10.944  -12.589 2.149   1.00 25.31  ? 76  ARG A O   1 
ATOM   583  C  CB  . ARG A 1 76  ? 13.294  -12.591 4.215   1.00 38.90  ? 76  ARG A CB  1 
ATOM   584  C  CG  . ARG A 1 76  ? 14.664  -13.053 4.687   1.00 54.43  ? 76  ARG A CG  1 
ATOM   585  C  CD  . ARG A 1 76  ? 14.983  -12.303 5.987   1.00 62.52  ? 76  ARG A CD  1 
ATOM   586  N  NE  . ARG A 1 76  ? 16.362  -12.470 6.433   1.00 77.33  ? 76  ARG A NE  1 
ATOM   587  C  CZ  . ARG A 1 76  ? 16.897  -13.624 6.839   1.00 81.59  ? 76  ARG A CZ  1 
ATOM   588  N  NH1 . ARG A 1 76  ? 16.185  -14.755 6.847   1.00 79.05  ? 76  ARG A NH1 1 
ATOM   589  N  NH2 . ARG A 1 76  ? 18.167  -13.651 7.228   1.00 84.24  ? 76  ARG A NH2 1 
ATOM   590  N  N   . VAL A 1 77  ? 10.146  -12.696 4.285   1.00 25.92  ? 77  VAL A N   1 
ATOM   591  C  CA  . VAL A 1 77  ? 8.923   -11.904 4.047   1.00 21.36  ? 77  VAL A CA  1 
ATOM   592  C  C   . VAL A 1 77  ? 9.312   -10.453 4.008   1.00 19.12  ? 77  VAL A C   1 
ATOM   593  O  O   . VAL A 1 77  ? 10.106  -9.958  4.808   1.00 23.31  ? 77  VAL A O   1 
ATOM   594  C  CB  . VAL A 1 77  ? 7.840   -12.178 5.127   1.00 22.57  ? 77  VAL A CB  1 
ATOM   595  C  CG1 . VAL A 1 77  ? 6.565   -11.389 4.793   1.00 24.85  ? 77  VAL A CG1 1 
ATOM   596  C  CG2 . VAL A 1 77  ? 7.629   -13.701 5.120   1.00 29.42  ? 77  VAL A CG2 1 
ATOM   597  N  N   . LYS A 1 78  ? 8.767   -9.723  2.995   1.00 19.22  ? 78  LYS A N   1 
ATOM   598  C  CA  . LYS A 1 78  ? 8.993   -8.308  2.856   1.00 17.08  ? 78  LYS A CA  1 
ATOM   599  C  C   . LYS A 1 78  ? 7.618   -7.667  2.641   1.00 15.63  ? 78  LYS A C   1 
ATOM   600  O  O   . LYS A 1 78  ? 6.694   -8.280  2.144   1.00 15.33  ? 78  LYS A O   1 
ATOM   601  C  CB  . LYS A 1 78  ? 9.787   -8.022  1.577   1.00 19.53  ? 78  LYS A CB  1 
ATOM   602  C  CG  . LYS A 1 78  ? 11.183  -8.685  1.635   1.00 20.63  ? 78  LYS A CG  1 
ATOM   603  C  CD  . LYS A 1 78  ? 12.112  -7.970  2.547   1.00 21.69  ? 78  LYS A CD  1 
ATOM   604  C  CE  . LYS A 1 78  ? 13.532  -8.578  2.406   1.00 27.16  ? 78  LYS A CE  1 
ATOM   605  N  NZ  . LYS A 1 78  ? 14.497  -7.833  3.247   1.00 29.65  ? 78  LYS A NZ  1 
ATOM   606  N  N   . PHE A 1 79  ? 7.490   -6.414  3.087   1.00 14.50  ? 79  PHE A N   1 
ATOM   607  C  CA  . PHE A 1 79  ? 6.252   -5.683  2.996   1.00 14.01  ? 79  PHE A CA  1 
ATOM   608  C  C   . PHE A 1 79  ? 6.418   -4.472  2.122   1.00 13.52  ? 79  PHE A C   1 
ATOM   609  O  O   . PHE A 1 79  ? 7.428   -3.741  2.222   1.00 15.03  ? 79  PHE A O   1 
ATOM   610  C  CB  . PHE A 1 79  ? 5.778   -5.281  4.366   1.00 15.06  ? 79  PHE A CB  1 
ATOM   611  C  CG  . PHE A 1 79  ? 5.540   -6.451  5.278   1.00 15.14  ? 79  PHE A CG  1 
ATOM   612  C  CD1 . PHE A 1 79  ? 4.508   -7.353  5.074   1.00 14.61  ? 79  PHE A CD1 1 
ATOM   613  C  CD2 . PHE A 1 79  ? 6.418   -6.684  6.339   1.00 17.19  ? 79  PHE A CD2 1 
ATOM   614  C  CE1 . PHE A 1 79  ? 4.367   -8.448  5.880   1.00 15.42  ? 79  PHE A CE1 1 
ATOM   615  C  CE2 . PHE A 1 79  ? 6.265   -7.806  7.133   1.00 17.07  ? 79  PHE A CE2 1 
ATOM   616  C  CZ  . PHE A 1 79  ? 5.243   -8.670  6.904   1.00 16.36  ? 79  PHE A CZ  1 
ATOM   617  N  N   . VAL A 1 80  ? 5.469   -4.241  1.246   1.00 12.53  ? 80  VAL A N   1 
ATOM   618  C  CA  . VAL A 1 80  ? 5.458   -3.138  0.255   1.00 11.47  ? 80  VAL A CA  1 
ATOM   619  C  C   . VAL A 1 80  ? 4.332   -2.208  0.625   1.00 12.15  ? 80  VAL A C   1 
ATOM   620  O  O   . VAL A 1 80  ? 3.173   -2.615  0.723   1.00 10.78  ? 80  VAL A O   1 
ATOM   621  C  CB  . VAL A 1 80  ? 5.310   -3.677  -1.158  1.00 12.17  ? 80  VAL A CB  1 
ATOM   622  C  CG1 . VAL A 1 80  ? 5.278   -2.521  -2.155  1.00 13.61  ? 80  VAL A CG1 1 
ATOM   623  C  CG2 . VAL A 1 80  ? 6.442   -4.668  -1.535  1.00 14.21  ? 80  VAL A CG2 1 
ATOM   624  N  N   . PHE A 1 81  ? 4.598   -0.887  0.720   1.00 11.64  ? 81  PHE A N   1 
ATOM   625  C  CA  . PHE A 1 81  ? 3.658   0.188   0.936   1.00 10.81  ? 81  PHE A CA  1 
ATOM   626  C  C   . PHE A 1 81  ? 3.557   1.013   -0.302  1.00 11.32  ? 81  PHE A C   1 
ATOM   627  O  O   . PHE A 1 81  ? 4.568   1.523   -0.787  1.00 12.77  ? 81  PHE A O   1 
ATOM   628  C  CB  . PHE A 1 81  ? 3.974   1.034   2.173   1.00 11.66  ? 81  PHE A CB  1 
ATOM   629  C  CG  . PHE A 1 81  ? 3.159   2.257   2.292   1.00 11.68  ? 81  PHE A CG  1 
ATOM   630  C  CD1 . PHE A 1 81  ? 1.787   2.242   2.484   1.00 12.14  ? 81  PHE A CD1 1 
ATOM   631  C  CD2 . PHE A 1 81  ? 3.746   3.529   2.238   1.00 13.28  ? 81  PHE A CD2 1 
ATOM   632  C  CE1 . PHE A 1 81  ? 0.997   3.388   2.625   1.00 14.52  ? 81  PHE A CE1 1 
ATOM   633  C  CE2 . PHE A 1 81  ? 2.998   4.653   2.341   1.00 15.21  ? 81  PHE A CE2 1 
ATOM   634  C  CZ  . PHE A 1 81  ? 1.629   4.611   2.562   1.00 15.14  ? 81  PHE A CZ  1 
ATOM   635  N  N   . ILE A 1 82  ? 2.384   1.227   -0.850  1.00 11.09  ? 82  ILE A N   1 
ATOM   636  C  CA  . ILE A 1 82  ? 2.153   2.048   -2.034  1.00 10.84  ? 82  ILE A CA  1 
ATOM   637  C  C   . ILE A 1 82  ? 1.182   3.114   -1.692  1.00 11.42  ? 82  ILE A C   1 
ATOM   638  O  O   . ILE A 1 82  ? 0.073   2.924   -1.117  1.00 11.01  ? 82  ILE A O   1 
ATOM   639  C  CB  . ILE A 1 82  ? 1.536   1.211   -3.176  1.00 11.11  ? 82  ILE A CB  1 
ATOM   640  C  CG1 . ILE A 1 82  ? 2.571   0.207   -3.644  1.00 12.21  ? 82  ILE A CG1 1 
ATOM   641  C  CG2 . ILE A 1 82  ? 0.981   2.093   -4.252  1.00 13.45  ? 82  ILE A CG2 1 
ATOM   642  C  CD1 . ILE A 1 82  ? 2.000   -0.964  -4.418  1.00 13.76  ? 82  ILE A CD1 1 
ATOM   643  N  N   . SER A 1 83  ? 1.465   4.390   -2.057  1.00 11.63  ? 83  SER A N   1 
ATOM   644  C  CA  . SER A 1 83  ? 0.503   5.473   -2.186  1.00 11.43  ? 83  SER A CA  1 
ATOM   645  C  C   . SER A 1 83  ? 0.117   5.675   -3.655  1.00 10.74  ? 83  SER A C   1 
ATOM   646  O  O   . SER A 1 83  ? 0.988   5.576   -4.514  1.00 12.45  ? 83  SER A O   1 
ATOM   647  C  CB  . SER A 1 83  ? 1.000   6.761   -1.496  1.00 12.47  ? 83  SER A CB  1 
ATOM   648  O  OG  . SER A 1 83  ? 2.161   7.222   -2.143  1.00 13.09  ? 83  SER A OG  1 
ATOM   649  N  N   . TRP A 1 84  ? -1.145  5.924   -3.930  1.00 10.71  ? 84  TRP A N   1 
ATOM   650  C  CA  . TRP A 1 84  ? -1.644  5.980   -5.272  1.00 11.05  ? 84  TRP A CA  1 
ATOM   651  C  C   . TRP A 1 84  ? -2.484  7.221   -5.411  1.00 12.37  ? 84  TRP A C   1 
ATOM   652  O  O   . TRP A 1 84  ? -3.473  7.466   -4.700  1.00 12.36  ? 84  TRP A O   1 
ATOM   653  C  CB  . TRP A 1 84  ? -2.567  4.753   -5.579  1.00 11.22  ? 84  TRP A CB  1 
ATOM   654  C  CG  . TRP A 1 84  ? -3.406  4.846   -6.831  1.00 11.50  ? 84  TRP A CG  1 
ATOM   655  C  CD1 . TRP A 1 84  ? -4.634  5.242   -6.906  1.00 12.58  ? 84  TRP A CD1 1 
ATOM   656  C  CD2 . TRP A 1 84  ? -2.952  4.510   -8.147  1.00 13.16  ? 84  TRP A CD2 1 
ATOM   657  N  NE1 . TRP A 1 84  ? -5.104  5.148   -8.213  1.00 13.01  ? 84  TRP A NE1 1 
ATOM   658  C  CE2 . TRP A 1 84  ? -4.062  4.676   -8.988  1.00 11.49  ? 84  TRP A CE2 1 
ATOM   659  C  CE3 . TRP A 1 84  ? -1.767  4.023   -8.677  1.00 14.25  ? 84  TRP A CE3 1 
ATOM   660  C  CZ2 . TRP A 1 84  ? -3.943  4.404   -10.377 1.00 13.78  ? 84  TRP A CZ2 1 
ATOM   661  C  CZ3 . TRP A 1 84  ? -1.644  3.748   -10.046 1.00 16.25  ? 84  TRP A CZ3 1 
ATOM   662  C  CH2 . TRP A 1 84  ? -2.756  3.953   -10.867 1.00 16.47  ? 84  TRP A CH2 1 
ATOM   663  N  N   . ALA A 1 85  ? -2.202  8.064   -6.465  1.00 13.31  ? 85  ALA A N   1 
ATOM   664  C  CA  . ALA A 1 85  ? -2.956  9.222   -6.834  1.00 15.19  ? 85  ALA A CA  1 
ATOM   665  C  C   . ALA A 1 85  ? -3.196  9.121   -8.316  1.00 16.21  ? 85  ALA A C   1 
ATOM   666  O  O   . ALA A 1 85  ? -2.316  9.467   -9.113  1.00 17.25  ? 85  ALA A O   1 
ATOM   667  C  CB  . ALA A 1 85  ? -2.181  10.546  -6.536  1.00 15.90  ? 85  ALA A CB  1 
ATOM   668  N  N   . GLY A 1 86  ? -4.359  8.616   -8.694  1.00 14.67  ? 86  GLY A N   1 
ATOM   669  C  CA  . GLY A 1 86  ? -4.682  8.368   -10.093 1.00 15.21  ? 86  GLY A CA  1 
ATOM   670  C  C   . GLY A 1 86  ? -4.689  9.687   -10.894 1.00 18.40  ? 86  GLY A C   1 
ATOM   671  O  O   . GLY A 1 86  ? -5.058  10.734  -10.320 1.00 18.11  ? 86  GLY A O   1 
ATOM   672  N  N   . GLU A 1 87  ? -4.388  9.494   -12.169 1.00 19.54  ? 87  GLU A N   1 
ATOM   673  C  CA  . GLU A 1 87  ? -4.269  10.705  -13.033 1.00 23.79  ? 87  GLU A CA  1 
ATOM   674  C  C   . GLU A 1 87  ? -5.609  11.289  -13.343 1.00 23.54  ? 87  GLU A C   1 
ATOM   675  O  O   . GLU A 1 87  ? -5.663  12.470  -13.807 1.00 23.76  ? 87  GLU A O   1 
ATOM   676  C  CB  . GLU A 1 87  ? -3.474  10.396  -14.280 1.00 24.23  ? 87  GLU A CB  1 
ATOM   677  C  CG  . GLU A 1 87  ? -2.016  10.258  -13.823 1.00 26.11  ? 87  GLU A CG  1 
ATOM   678  C  CD  . GLU A 1 87  ? -1.051  9.744   -14.902 1.00 40.27  ? 87  GLU A CD  1 
ATOM   679  O  OE1 . GLU A 1 87  ? -1.478  9.436   -16.046 1.00 37.89  ? 87  GLU A OE1 1 
ATOM   680  O  OE2 . GLU A 1 87  ? 0.173   9.611   -14.579 1.00 48.12  ? 87  GLU A OE2 1 
ATOM   681  N  N   . GLY A 1 88  ? -6.707  10.623  -13.076 1.00 19.48  ? 88  GLY A N   1 
ATOM   682  C  CA  . GLY A 1 88  ? -8.107  11.031  -13.247 1.00 20.20  ? 88  GLY A CA  1 
ATOM   683  C  C   . GLY A 1 88  ? -8.754  11.689  -12.075 1.00 17.74  ? 88  GLY A C   1 
ATOM   684  O  O   . GLY A 1 88  ? -9.888  11.996  -12.086 1.00 21.13  ? 88  GLY A O   1 
ATOM   685  N  N   . ILE A 1 89  ? -8.027  11.876  -10.934 1.00 18.29  ? 89  ILE A N   1 
ATOM   686  C  CA  . ILE A 1 89  ? -8.633  12.509  -9.785  1.00 18.34  ? 89  ILE A CA  1 
ATOM   687  C  C   . ILE A 1 89  ? -9.145  13.923  -10.203 1.00 18.09  ? 89  ILE A C   1 
ATOM   688  O  O   . ILE A 1 89  ? -8.383  14.699  -10.836 1.00 21.08  ? 89  ILE A O   1 
ATOM   689  C  CB  . ILE A 1 89  ? -7.581  12.647  -8.642  1.00 17.60  ? 89  ILE A CB  1 
ATOM   690  C  CG1 . ILE A 1 89  ? -7.309  11.291  -7.941  1.00 17.93  ? 89  ILE A CG1 1 
ATOM   691  C  CG2 . ILE A 1 89  ? -8.124  13.586  -7.603  1.00 18.94  ? 89  ILE A CG2 1 
ATOM   692  C  CD1 . ILE A 1 89  ? -6.110  11.348  -7.035  1.00 16.36  ? 89  ILE A CD1 1 
ATOM   693  N  N   . LYS A 1 90  ? -10.370 14.159  -9.864  1.00 20.27  ? 90  LYS A N   1 
ATOM   694  C  CA  . LYS A 1 90  ? -11.052 15.392  -10.333 1.00 22.92  ? 90  LYS A CA  1 
ATOM   695  C  C   . LYS A 1 90  ? -10.746 16.549  -9.434  1.00 24.91  ? 90  LYS A C   1 
ATOM   696  O  O   . LYS A 1 90  ? -10.664 17.660  -9.936  1.00 26.07  ? 90  LYS A O   1 
ATOM   697  C  CB  . LYS A 1 90  ? -12.589 15.151  -10.404 1.00 27.65  ? 90  LYS A CB  1 
ATOM   698  C  CG  . LYS A 1 90  ? -13.044 14.145  -11.484 1.00 38.11  ? 90  LYS A CG  1 
ATOM   699  C  CD  . LYS A 1 90  ? -12.330 14.236  -12.842 1.00 48.33  ? 90  LYS A CD  1 
ATOM   700  C  CE  . LYS A 1 90  ? -12.711 13.061  -13.816 1.00 55.71  ? 90  LYS A CE  1 
ATOM   701  N  NZ  . LYS A 1 90  ? -11.955 11.710  -13.789 1.00 43.35  ? 90  LYS A NZ  1 
ATOM   702  N  N   . LYS A 1 91  ? -10.586 16.343  -8.136  1.00 23.70  ? 91  LYS A N   1 
ATOM   703  C  CA  . LYS A 1 91  ? -10.411 17.479  -7.192  1.00 24.09  ? 91  LYS A CA  1 
ATOM   704  C  C   . LYS A 1 91  ? -8.969  17.697  -6.802  1.00 25.60  ? 91  LYS A C   1 
ATOM   705  O  O   . LYS A 1 91  ? -8.415  16.878  -6.048  1.00 21.98  ? 91  LYS A O   1 
ATOM   706  C  CB  . LYS A 1 91  ? -11.226 17.250  -5.997  1.00 29.68  ? 91  LYS A CB  1 
ATOM   707  C  CG  . LYS A 1 91  ? -12.725 17.008  -6.343  1.00 39.11  ? 91  LYS A CG  1 
ATOM   708  C  CD  . LYS A 1 91  ? -13.643 17.032  -5.139  1.00 47.14  ? 91  LYS A CD  1 
ATOM   709  C  CE  . LYS A 1 91  ? -13.231 16.044  -4.036  1.00 55.90  ? 91  LYS A CE  1 
ATOM   710  N  NZ  . LYS A 1 91  ? -12.963 14.621  -4.455  1.00 53.85  ? 91  LYS A NZ  1 
ATOM   711  N  N   . PRO A 1 92  ? -8.396  18.858  -7.175  1.00 23.45  ? 92  PRO A N   1 
ATOM   712  C  CA  . PRO A 1 92  ? -6.983  19.034  -6.791  1.00 23.22  ? 92  PRO A CA  1 
ATOM   713  C  C   . PRO A 1 92  ? -6.819  19.214  -5.257  1.00 22.79  ? 92  PRO A C   1 
ATOM   714  O  O   . PRO A 1 92  ? -5.710  18.897  -4.796  1.00 21.46  ? 92  PRO A O   1 
ATOM   715  C  CB  . PRO A 1 92  ? -6.482  20.249  -7.639  1.00 29.14  ? 92  PRO A CB  1 
ATOM   716  C  CG  . PRO A 1 92  ? -7.695  20.852  -8.210  1.00 31.69  ? 92  PRO A CG  1 
ATOM   717  C  CD  . PRO A 1 92  ? -8.835  19.862  -8.181  1.00 25.79  ? 92  PRO A CD  1 
ATOM   718  N  N   . LYS A 1 93  ? -7.890  19.576  -4.520  1.00 23.29  ? 93  LYS A N   1 
ATOM   719  C  CA  . LYS A 1 93  ? -7.776  19.668  -3.102  1.00 25.69  ? 93  LYS A CA  1 
ATOM   720  C  C   . LYS A 1 93  ? -7.555  18.233  -2.518  1.00 26.25  ? 93  LYS A C   1 
ATOM   721  O  O   . LYS A 1 93  ? -6.840  18.057  -1.548  1.00 22.70  ? 93  LYS A O   1 
ATOM   722  C  CB  . LYS A 1 93  ? -8.983  20.303  -2.381  1.00 33.01  ? 93  LYS A CB  1 
ATOM   723  C  CG  . LYS A 1 93  ? -9.454  21.703  -2.730  1.00 39.27  ? 93  LYS A CG  1 
ATOM   724  C  CD  . LYS A 1 93  ? -8.359  22.716  -2.990  1.00 29.08  ? 93  LYS A CD  1 
ATOM   725  C  CE  . LYS A 1 93  ? -9.027  24.102  -3.197  1.00 32.22  ? 93  LYS A CE  1 
ATOM   726  N  NZ  . LYS A 1 93  ? -8.261  24.967  -4.107  1.00 26.31  ? 93  LYS A NZ  1 
ATOM   727  N  N   . LEU A 1 94  ? -8.137  17.201  -3.142  1.00 20.57  ? 94  LEU A N   1 
ATOM   728  C  CA  . LEU A 1 94  ? -7.917  15.865  -2.647  1.00 17.68  ? 94  LEU A CA  1 
ATOM   729  C  C   . LEU A 1 94  ? -6.435  15.458  -2.949  1.00 16.39  ? 94  LEU A C   1 
ATOM   730  O  O   . LEU A 1 94  ? -5.731  14.862  -2.136  1.00 16.02  ? 94  LEU A O   1 
ATOM   731  C  CB  . LEU A 1 94  ? -8.877  14.871  -3.373  1.00 18.16  ? 94  LEU A CB  1 
ATOM   732  C  CG  . LEU A 1 94  ? -8.694  13.368  -3.038  1.00 19.28  ? 94  LEU A CG  1 
ATOM   733  C  CD1 . LEU A 1 94  ? -8.973  13.109  -1.611  1.00 22.03  ? 94  LEU A CD1 1 
ATOM   734  C  CD2 . LEU A 1 94  ? -9.552  12.521  -3.972  1.00 18.73  ? 94  LEU A CD2 1 
ATOM   735  N  N   . ARG A 1 95  ? -5.888  15.708  -4.140  1.00 15.33  ? 95  ARG A N   1 
ATOM   736  C  CA  . ARG A 1 95  ? -4.478  15.499  -4.424  1.00 15.31  ? 95  ARG A CA  1 
ATOM   737  C  C   . ARG A 1 95  ? -3.526  16.141  -3.376  1.00 14.92  ? 95  ARG A C   1 
ATOM   738  O  O   . ARG A 1 95  ? -2.561  15.544  -2.993  1.00 16.01  ? 95  ARG A O   1 
ATOM   739  C  CB  . ARG A 1 95  ? -4.138  16.051  -5.837  1.00 19.28  ? 95  ARG A CB  1 
ATOM   740  C  CG  . ARG A 1 95  ? -4.902  15.503  -7.046  1.00 22.76  ? 95  ARG A CG  1 
ATOM   741  C  CD  . ARG A 1 95  ? -4.314  16.093  -8.386  1.00 25.10  ? 95  ARG A CD  1 
ATOM   742  N  NE  . ARG A 1 95  ? -4.949  15.470  -9.492  1.00 30.85  ? 95  ARG A NE  1 
ATOM   743  C  CZ  . ARG A 1 95  ? -4.519  14.299  -9.969  1.00 22.33  ? 95  ARG A CZ  1 
ATOM   744  N  NH1 . ARG A 1 95  ? -3.447  13.800  -9.506  1.00 28.29  ? 95  ARG A NH1 1 
ATOM   745  N  NH2 . ARG A 1 95  ? -5.099  13.776  -11.022 1.00 30.67  ? 95  ARG A NH2 1 
ATOM   746  N  N   . ALA A 1 96  ? -3.939  17.331  -2.996  1.00 15.75  ? 96  ALA A N   1 
ATOM   747  C  CA  . ALA A 1 96  ? -3.071  18.097  -2.053  1.00 15.78  ? 96  ALA A CA  1 
ATOM   748  C  C   . ALA A 1 96  ? -2.979  17.496  -0.711  1.00 15.56  ? 96  ALA A C   1 
ATOM   749  O  O   . ALA A 1 96  ? -1.981  17.804  -0.020  1.00 17.06  ? 96  ALA A O   1 
ATOM   750  C  CB  . ALA A 1 96  ? -3.435  19.556  -2.023  1.00 15.50  ? 96  ALA A CB  1 
ATOM   751  N  N   . VAL A 1 97  ? -3.978  16.749  -0.268  1.00 13.79  ? 97  VAL A N   1 
ATOM   752  C  CA  . VAL A 1 97  ? -3.941  16.127  1.078   1.00 15.24  ? 97  VAL A CA  1 
ATOM   753  C  C   . VAL A 1 97  ? -3.067  14.906  1.117   1.00 12.63  ? 97  VAL A C   1 
ATOM   754  O  O   . VAL A 1 97  ? -2.766  14.377  2.191   1.00 13.69  ? 97  VAL A O   1 
ATOM   755  C  CB  . VAL A 1 97  ? -5.345  15.862  1.635   1.00 16.51  ? 97  VAL A CB  1 
ATOM   756  C  CG1 . VAL A 1 97  ? -5.879  14.509  1.154   1.00 16.83  ? 97  VAL A CG1 1 
ATOM   757  C  CG2 . VAL A 1 97  ? -5.344  16.003  3.121   1.00 21.30  ? 97  VAL A CG2 1 
HETATM 758  N  N   . MSE A 1 98  ? -2.618  14.388  -0.006  1.00 12.99  ? 98  MSE A N   1 
HETATM 759  C  CA  . MSE A 1 98  ? -1.902  13.165  -0.083  1.00 12.82  ? 98  MSE A CA  1 
HETATM 760  C  C   . MSE A 1 98  ? -0.746  13.064  0.865   1.00 13.67  ? 98  MSE A C   1 
HETATM 761  O  O   . MSE A 1 98  ? -0.558  12.108  1.640   1.00 13.53  ? 98  MSE A O   1 
HETATM 762  C  CB  . MSE A 1 98  ? -1.500  12.760  -1.482  1.00 13.86  ? 98  MSE A CB  1 
HETATM 763  C  CG  . MSE A 1 98  ? -0.542  11.615  -1.565  1.00 12.86  ? 98  MSE A CG  1 
HETATM 764  SE SE  . MSE A 1 98  ? -1.340  9.990   -0.810  0.76 14.85  ? 98  MSE A SE  1 
HETATM 765  C  CE  . MSE A 1 98  ? -1.854  9.043   -2.429  1.00 15.17  ? 98  MSE A CE  1 
ATOM   766  N  N   . SER A 1 99  ? 0.158   14.071  0.900   1.00 12.78  ? 99  SER A N   1 
ATOM   767  C  CA  . SER A 1 99  ? 1.298   13.834  1.688   1.00 11.31  ? 99  SER A CA  1 
ATOM   768  C  C   . SER A 1 99  ? 0.974   13.823  3.192   1.00 11.54  ? 99  SER A C   1 
ATOM   769  O  O   . SER A 1 99  ? 1.586   13.019  3.929   1.00 12.84  ? 99  SER A O   1 
ATOM   770  C  CB  . SER A 1 99  ? 2.439   14.927  1.458   1.00 12.44  ? 99  SER A CB  1 
ATOM   771  O  OG  . SER A 1 99  ? 3.001   14.789  0.151   1.00 12.83  ? 99  SER A OG  1 
ATOM   772  N  N   . ILE A 1 100 ? 0.158   14.734  3.685   1.00 12.48  ? 100 ILE A N   1 
ATOM   773  C  CA  . ILE A 1 100 ? -0.156  14.799  5.131   1.00 13.76  ? 100 ILE A CA  1 
ATOM   774  C  C   . ILE A 1 100 ? -0.945  13.478  5.491   1.00 13.53  ? 100 ILE A C   1 
ATOM   775  O  O   . ILE A 1 100 ? -0.660  12.873  6.545   1.00 13.91  ? 100 ILE A O   1 
ATOM   776  C  CB  . ILE A 1 100 ? -0.875  16.062  5.548   1.00 14.62  ? 100 ILE A CB  1 
ATOM   777  C  CG1 . ILE A 1 100 ? -0.847  16.227  7.026   1.00 15.72  ? 100 ILE A CG1 1 
ATOM   778  C  CG2 . ILE A 1 100 ? -2.200  16.232  4.945   1.00 13.63  ? 100 ILE A CG2 1 
ATOM   779  C  CD1 . ILE A 1 100 ? -1.267  17.574  7.506   1.00 17.67  ? 100 ILE A CD1 1 
ATOM   780  N  N   . LEU A 1 101 ? -1.829  13.039  4.592   1.00 13.01  ? 101 LEU A N   1 
ATOM   781  C  CA  . LEU A 1 101 ? -2.619  11.807  4.893   1.00 13.07  ? 101 LEU A CA  1 
ATOM   782  C  C   . LEU A 1 101 ? -1.638  10.651  4.887   1.00 14.11  ? 101 LEU A C   1 
ATOM   783  O  O   . LEU A 1 101 ? -1.702  9.745   5.750   1.00 13.55  ? 101 LEU A O   1 
ATOM   784  C  CB  . LEU A 1 101 ? -3.643  11.665  3.888   1.00 12.32  ? 101 LEU A CB  1 
ATOM   785  C  CG  . LEU A 1 101 ? -4.518  10.371  3.966   1.00 12.91  ? 101 LEU A CG  1 
ATOM   786  C  CD1 . LEU A 1 101 ? -5.093  10.197  5.344   1.00 14.86  ? 101 LEU A CD1 1 
ATOM   787  C  CD2 . LEU A 1 101 ? -5.594  10.462  2.923   1.00 14.10  ? 101 LEU A CD2 1 
ATOM   788  N  N   . LYS A 1 102 ? -0.765  10.525  3.912   1.00 13.15  ? 102 LYS A N   1 
ATOM   789  C  CA  . LYS A 1 102 ? 0.257   9.480   3.793   1.00 12.91  ? 102 LYS A CA  1 
ATOM   790  C  C   . LYS A 1 102 ? 1.087   9.379   5.074   1.00 13.56  ? 102 LYS A C   1 
ATOM   791  O  O   . LYS A 1 102 ? 1.395   8.292   5.535   1.00 14.72  ? 102 LYS A O   1 
ATOM   792  C  CB  . LYS A 1 102 ? 1.145   9.786   2.575   1.00 13.71  ? 102 LYS A CB  1 
ATOM   793  C  CG  . LYS A 1 102 ? 2.202   8.798   2.322   1.00 15.63  ? 102 LYS A CG  1 
ATOM   794  C  CD  . LYS A 1 102 ? 3.295   9.424   1.316   1.00 14.92  ? 102 LYS A CD  1 
ATOM   795  C  CE  . LYS A 1 102 ? 2.728   9.842   0.023   1.00 15.43  ? 102 LYS A CE  1 
ATOM   796  N  NZ  . LYS A 1 102 ? 3.789   10.272  -0.921  1.00 16.37  ? 102 LYS A NZ  1 
ATOM   797  N  N   . GLY A 1 103 ? 1.483   10.526  5.645   1.00 14.69  ? 103 GLY A N   1 
ATOM   798  C  CA  . GLY A 1 103 ? 2.264   10.517  6.842   1.00 16.42  ? 103 GLY A CA  1 
ATOM   799  C  C   . GLY A 1 103 ? 1.489   9.860   7.973   1.00 14.97  ? 103 GLY A C   1 
ATOM   800  O  O   . GLY A 1 103 ? 2.079   9.077   8.765   1.00 18.31  ? 103 GLY A O   1 
ATOM   801  N  N   . ASP A 1 104 ? 0.228   10.198  8.114   1.00 15.66  ? 104 ASP A N   1 
ATOM   802  C  CA  . ASP A 1 104 ? -0.645  9.610   9.177   1.00 15.40  ? 104 ASP A CA  1 
ATOM   803  C  C   . ASP A 1 104 ? -0.746  8.099   8.889   1.00 16.42  ? 104 ASP A C   1 
ATOM   804  O  O   . ASP A 1 104 ? -0.669  7.269   9.846   1.00 17.13  ? 104 ASP A O   1 
ATOM   805  C  CB  . ASP A 1 104 ? -1.948  10.227  9.179   1.00 17.90  ? 104 ASP A CB  1 
ATOM   806  C  CG  . ASP A 1 104 ? -1.994  11.636  9.806   1.00 21.58  ? 104 ASP A CG  1 
ATOM   807  O  OD1 . ASP A 1 104 ? -0.981  12.091  10.350  1.00 25.86  ? 104 ASP A OD1 1 
ATOM   808  O  OD2 . ASP A 1 104 ? -3.094  12.142  9.776   1.00 25.29  ? 104 ASP A OD2 1 
ATOM   809  N  N   . VAL A 1 105 ? -0.962  7.685   7.654   1.00 14.45  ? 105 VAL A N   1 
ATOM   810  C  CA  . VAL A 1 105 ? -1.107  6.285   7.326   1.00 14.63  ? 105 VAL A CA  1 
ATOM   811  C  C   . VAL A 1 105 ? 0.160   5.523   7.650   1.00 17.92  ? 105 VAL A C   1 
ATOM   812  O  O   . VAL A 1 105 ? 0.123   4.425   8.211   1.00 15.49  ? 105 VAL A O   1 
ATOM   813  C  CB  . VAL A 1 105 ? -1.497  6.105   5.859   1.00 14.08  ? 105 VAL A CB  1 
ATOM   814  C  CG1 . VAL A 1 105 ? -1.358  4.626   5.384   1.00 14.89  ? 105 VAL A CG1 1 
ATOM   815  C  CG2 . VAL A 1 105 ? -2.869  6.648   5.581   1.00 13.96  ? 105 VAL A CG2 1 
ATOM   816  N  N   . LYS A 1 106 ? 1.329   6.067   7.364   1.00 16.38  ? 106 LYS A N   1 
ATOM   817  C  CA  . LYS A 1 106 ? 2.588   5.457   7.689   1.00 18.14  ? 106 LYS A CA  1 
ATOM   818  C  C   . LYS A 1 106 ? 2.849   5.377   9.149   1.00 19.33  ? 106 LYS A C   1 
ATOM   819  O  O   . LYS A 1 106 ? 3.589   4.416   9.540   1.00 21.54  ? 106 LYS A O   1 
ATOM   820  C  CB  . LYS A 1 106 ? 3.749   6.216   6.975   1.00 17.09  ? 106 LYS A CB  1 
ATOM   821  C  CG  . LYS A 1 106 ? 3.836   6.048   5.496   1.00 18.21  ? 106 LYS A CG  1 
ATOM   822  C  CD  . LYS A 1 106 ? 4.821   7.038   4.793   1.00 19.83  ? 106 LYS A CD  1 
ATOM   823  C  CE  . LYS A 1 106 ? 6.168   6.941   5.286   1.00 19.93  ? 106 LYS A CE  1 
ATOM   824  N  NZ  . LYS A 1 106 ? 7.027   7.845   4.499   1.00 19.33  ? 106 LYS A NZ  1 
ATOM   825  N  N   . ASN A 1 107 ? 2.272   6.214   9.973   1.00 19.07  ? 107 ASN A N   1 
ATOM   826  C  CA  A ASN A 1 107 ? 2.352   5.896   11.380  0.50 23.03  ? 107 ASN A CA  1 
ATOM   827  C  CA  B ASN A 1 107 ? 2.310   5.976   11.412  0.50 23.03  ? 107 ASN A CA  1 
ATOM   828  C  C   . ASN A 1 107 ? 1.604   4.707   11.927  1.00 21.79  ? 107 ASN A C   1 
ATOM   829  O  O   . ASN A 1 107 ? 1.947   4.161   12.934  1.00 23.16  ? 107 ASN A O   1 
ATOM   830  C  CB  A ASN A 1 107 ? 1.925   7.109   12.148  0.50 30.97  ? 107 ASN A CB  1 
ATOM   831  C  CB  B ASN A 1 107 ? 1.773   7.204   12.153  0.50 30.97  ? 107 ASN A CB  1 
ATOM   832  C  CG  A ASN A 1 107 ? 2.976   8.169   12.051  0.50 43.39  ? 107 ASN A CG  1 
ATOM   833  C  CG  B ASN A 1 107 ? 1.839   7.073   13.660  0.50 43.39  ? 107 ASN A CG  1 
ATOM   834  O  OD1 A ASN A 1 107 ? 4.167   7.851   11.788  0.50 49.28  ? 107 ASN A OD1 1 
ATOM   835  O  OD1 B ASN A 1 107 ? 2.890   7.205   14.217  0.50 49.28  ? 107 ASN A OD1 1 
ATOM   836  N  ND2 A ASN A 1 107 ? 2.570   9.426   12.157  0.50 53.58  ? 107 ASN A ND2 1 
ATOM   837  N  ND2 B ASN A 1 107 ? 0.726   6.824   14.310  0.50 53.58  ? 107 ASN A ND2 1 
ATOM   838  N  N   . VAL A 1 108 ? 0.659   4.228   11.162  1.00 17.72  ? 108 VAL A N   1 
ATOM   839  C  CA  . VAL A 1 108 ? 0.002   2.970   11.481  1.00 17.61  ? 108 VAL A CA  1 
ATOM   840  C  C   . VAL A 1 108 ? 0.701   1.844   10.751  1.00 20.69  ? 108 VAL A C   1 
ATOM   841  O  O   . VAL A 1 108 ? 0.899   0.746   11.356  1.00 25.72  ? 108 VAL A O   1 
ATOM   842  C  CB  . VAL A 1 108 ? -1.496  3.010   11.062  1.00 21.21  ? 108 VAL A CB  1 
ATOM   843  C  CG1 . VAL A 1 108 ? -2.211  1.648   11.317  1.00 22.65  ? 108 VAL A CG1 1 
ATOM   844  C  CG2 . VAL A 1 108 ? -2.196  4.204   11.653  1.00 23.50  ? 108 VAL A CG2 1 
ATOM   845  N  N   . ILE A 1 109 ? 0.983   2.049   9.481   1.00 16.77  ? 109 ILE A N   1 
ATOM   846  C  CA  . ILE A 1 109 ? 1.696   1.104   8.511   1.00 21.64  ? 109 ILE A CA  1 
ATOM   847  C  C   . ILE A 1 109 ? 3.171   1.485   8.607   1.00 27.19  ? 109 ILE A C   1 
ATOM   848  O  O   . ILE A 1 109 ? 3.784   2.164   7.744   1.00 25.62  ? 109 ILE A O   1 
ATOM   849  C  CB  . ILE A 1 109 ? 1.267   1.202   7.047   1.00 21.41  ? 109 ILE A CB  1 
ATOM   850  C  CG1 . ILE A 1 109 ? -0.191  1.212   6.962   1.00 19.46  ? 109 ILE A CG1 1 
ATOM   851  C  CG2 . ILE A 1 109 ? 1.963   0.095   6.187   1.00 25.84  ? 109 ILE A CG2 1 
ATOM   852  C  CD1 . ILE A 1 109 ? -0.688  1.099   5.531   1.00 22.65  ? 109 ILE A CD1 1 
ATOM   853  N  N   . ASN A 1 110 ? 3.736   1.109   9.743   1.00 21.31  ? 110 ASN A N   1 
ATOM   854  C  CA  . ASN A 1 110 ? 5.135   1.352   10.051  1.00 25.76  ? 110 ASN A CA  1 
ATOM   855  C  C   . ASN A 1 110 ? 6.110   0.272   9.735   1.00 27.72  ? 110 ASN A C   1 
ATOM   856  O  O   . ASN A 1 110 ? 7.257   0.469   9.953   1.00 28.21  ? 110 ASN A O   1 
ATOM   857  C  CB  . ASN A 1 110 ? 5.245   1.800   11.508  1.00 31.62  ? 110 ASN A CB  1 
ATOM   858  C  CG  . ASN A 1 110 ? 4.577   0.842   12.424  1.00 33.61  ? 110 ASN A CG  1 
ATOM   859  O  OD1 . ASN A 1 110 ? 4.713   -0.319  12.223  1.00 32.80  ? 110 ASN A OD1 1 
ATOM   860  N  ND2 . ASN A 1 110 ? 3.707   1.335   13.346  1.00 40.28  ? 110 ASN A ND2 1 
ATOM   861  N  N   . ASN A 1 111 ? 5.674   -0.886  9.259   1.00 20.47  ? 111 ASN A N   1 
ATOM   862  C  CA  . ASN A 1 111 ? 6.564   -2.001  8.963   1.00 19.64  ? 111 ASN A CA  1 
ATOM   863  C  C   . ASN A 1 111 ? 6.545   -2.206  7.432   1.00 19.68  ? 111 ASN A C   1 
ATOM   864  O  O   . ASN A 1 111 ? 5.699   -2.935  6.882   1.00 20.61  ? 111 ASN A O   1 
ATOM   865  C  CB  . ASN A 1 111 ? 6.045   -3.286  9.606   1.00 21.27  ? 111 ASN A CB  1 
ATOM   866  C  CG  . ASN A 1 111 ? 6.993   -4.443  9.471   1.00 25.33  ? 111 ASN A CG  1 
ATOM   867  O  OD1 . ASN A 1 111 ? 7.985   -4.431  8.734   1.00 25.41  ? 111 ASN A OD1 1 
ATOM   868  N  ND2 . ASN A 1 111 ? 6.696   -5.473  10.227  1.00 25.95  ? 111 ASN A ND2 1 
ATOM   869  N  N   . PHE A 1 112 ? 7.418   -1.572  6.718   1.00 16.23  ? 112 PHE A N   1 
ATOM   870  C  CA  . PHE A 1 112 ? 7.541   -1.790  5.278   1.00 17.44  ? 112 PHE A CA  1 
ATOM   871  C  C   . PHE A 1 112 ? 8.979   -1.708  4.800   1.00 18.08  ? 112 PHE A C   1 
ATOM   872  O  O   . PHE A 1 112 ? 9.797   -0.915  5.387   1.00 23.00  ? 112 PHE A O   1 
ATOM   873  C  CB  . PHE A 1 112 ? 6.643   -0.846  4.447   1.00 17.77  ? 112 PHE A CB  1 
ATOM   874  C  CG  . PHE A 1 112 ? 6.894   0.596   4.700   1.00 18.05  ? 112 PHE A CG  1 
ATOM   875  C  CD1 . PHE A 1 112 ? 6.187   1.256   5.624   1.00 20.29  ? 112 PHE A CD1 1 
ATOM   876  C  CD2 . PHE A 1 112 ? 7.947   1.243   4.037   1.00 21.42  ? 112 PHE A CD2 1 
ATOM   877  C  CE1 . PHE A 1 112 ? 6.461   2.627   5.934   1.00 25.73  ? 112 PHE A CE1 1 
ATOM   878  C  CE2 . PHE A 1 112 ? 8.256   2.573   4.337   1.00 24.82  ? 112 PHE A CE2 1 
ATOM   879  C  CZ  . PHE A 1 112 ? 7.485   3.251   5.243   1.00 24.91  ? 112 PHE A CZ  1 
ATOM   880  N  N   . HIS A 1 113 ? 9.339   -2.484  3.850   1.00 17.14  ? 113 HIS A N   1 
ATOM   881  C  CA  . HIS A 1 113 ? 10.643  -2.515  3.271   1.00 19.03  ? 113 HIS A CA  1 
ATOM   882  C  C   . HIS A 1 113 ? 10.851  -1.615  2.137   1.00 20.20  ? 113 HIS A C   1 
ATOM   883  O  O   . HIS A 1 113 ? 11.988  -1.180  1.899   1.00 22.85  ? 113 HIS A O   1 
ATOM   884  C  CB  . HIS A 1 113 ? 10.955  -3.941  2.865   1.00 19.01  ? 113 HIS A CB  1 
ATOM   885  C  CG  . HIS A 1 113 ? 11.006  -4.845  4.030   1.00 19.04  ? 113 HIS A CG  1 
ATOM   886  N  ND1 . HIS A 1 113 ? 9.900   -5.509  4.498   1.00 19.89  ? 113 HIS A ND1 1 
ATOM   887  C  CD2 . HIS A 1 113 ? 12.018  -5.131  4.895   1.00 22.58  ? 113 HIS A CD2 1 
ATOM   888  C  CE1 . HIS A 1 113 ? 10.209  -6.148  5.605   1.00 23.18  ? 113 HIS A CE1 1 
ATOM   889  N  NE2 . HIS A 1 113 ? 11.513  -5.967  5.839   1.00 24.34  ? 113 HIS A NE2 1 
ATOM   890  N  N   . ILE A 1 114 ? 9.792   -1.228  1.403   1.00 15.09  ? 114 ILE A N   1 
ATOM   891  C  CA  . ILE A 1 114 ? 9.844   -0.303  0.356   1.00 16.59  ? 114 ILE A CA  1 
ATOM   892  C  C   . ILE A 1 114 ? 8.580   0.507   0.363   1.00 16.71  ? 114 ILE A C   1 
ATOM   893  O  O   . ILE A 1 114 ? 7.470   0.039   0.741   1.00 15.61  ? 114 ILE A O   1 
ATOM   894  C  CB  . ILE A 1 114 ? 10.094  -0.833  -0.990  1.00 21.32  ? 114 ILE A CB  1 
ATOM   895  C  CG1 . ILE A 1 114 ? 9.059   -1.804  -1.399  1.00 21.73  ? 114 ILE A CG1 1 
ATOM   896  C  CG2 . ILE A 1 114 ? 11.492  -1.515  -1.137  1.00 26.09  ? 114 ILE A CG2 1 
ATOM   897  C  CD1 . ILE A 1 114 ? 9.085   -2.058  -2.895  1.00 30.13  ? 114 ILE A CD1 1 
ATOM   898  N  N   . GLU A 1 115 ? 8.655   1.779   -0.030  1.00 14.58  ? 115 GLU A N   1 
ATOM   899  C  CA  . GLU A 1 115 ? 7.575   2.688   -0.228  1.00 13.74  ? 115 GLU A CA  1 
ATOM   900  C  C   . GLU A 1 115 ? 7.612   3.228   -1.635  1.00 14.73  ? 115 GLU A C   1 
ATOM   901  O  O   . GLU A 1 115 ? 8.709   3.617   -2.135  1.00 16.12  ? 115 GLU A O   1 
ATOM   902  C  CB  . GLU A 1 115 ? 7.682   3.902   0.739   1.00 13.33  ? 115 GLU A CB  1 
ATOM   903  C  CG  . GLU A 1 115 ? 6.737   5.010   0.405   1.00 14.42  ? 115 GLU A CG  1 
ATOM   904  C  CD  . GLU A 1 115 ? 6.724   6.188   1.395   1.00 15.49  ? 115 GLU A CD  1 
ATOM   905  O  OE1 . GLU A 1 115 ? 7.552   6.131   2.367   1.00 17.46  ? 115 GLU A OE1 1 
ATOM   906  O  OE2 . GLU A 1 115 ? 5.907   7.082   1.163   1.00 16.13  ? 115 GLU A OE2 1 
ATOM   907  N  N   . LEU A 1 116 ? 6.498   3.212   -2.328  1.00 14.47  ? 116 LEU A N   1 
ATOM   908  C  CA  . LEU A 1 116 ? 6.372   3.661   -3.707  1.00 15.11  ? 116 LEU A CA  1 
ATOM   909  C  C   . LEU A 1 116 ? 5.226   4.611   -3.800  1.00 16.37  ? 116 LEU A C   1 
ATOM   910  O  O   . LEU A 1 116 ? 4.120   4.376   -3.219  1.00 16.51  ? 116 LEU A O   1 
ATOM   911  C  CB  . LEU A 1 116 ? 6.085   2.529   -4.678  1.00 19.79  ? 116 LEU A CB  1 
ATOM   912  C  CG  . LEU A 1 116 ? 7.029   1.334   -4.512  1.00 25.47  ? 116 LEU A CG  1 
ATOM   913  C  CD1 . LEU A 1 116 ? 6.464   -0.051  -4.867  1.00 30.36  ? 116 LEU A CD1 1 
ATOM   914  C  CD2 . LEU A 1 116 ? 8.322   1.748   -5.125  1.00 31.61  ? 116 LEU A CD2 1 
ATOM   915  N  N   . HIS A 1 117 ? 5.338   5.706   -4.524  1.00 15.25  ? 117 HIS A N   1 
ATOM   916  C  CA  . HIS A 1 117 ? 4.273   6.513   -4.884  1.00 14.14  ? 117 HIS A CA  1 
ATOM   917  C  C   . HIS A 1 117 ? 3.969   6.320   -6.399  1.00 16.21  ? 117 HIS A C   1 
ATOM   918  O  O   . HIS A 1 117 ? 4.913   6.456   -7.251  1.00 22.36  ? 117 HIS A O   1 
ATOM   919  C  CB  . HIS A 1 117 ? 4.533   8.043   -4.658  1.00 17.23  ? 117 HIS A CB  1 
ATOM   920  C  CG  . HIS A 1 117 ? 3.387   8.906   -5.000  1.00 16.42  ? 117 HIS A CG  1 
ATOM   921  N  ND1 . HIS A 1 117 ? 2.158   8.862   -4.380  1.00 16.37  ? 117 HIS A ND1 1 
ATOM   922  C  CD2 . HIS A 1 117 ? 3.222   9.791   -6.012  1.00 16.47  ? 117 HIS A CD2 1 
ATOM   923  C  CE1 . HIS A 1 117 ? 1.324   9.690   -4.923  1.00 17.27  ? 117 HIS A CE1 1 
ATOM   924  N  NE2 . HIS A 1 117 ? 1.960   10.272  -5.933  1.00 17.21  ? 117 HIS A NE2 1 
ATOM   925  N  N   . ALA A 1 118 ? 2.745   6.090   -6.768  1.00 13.32  ? 118 ALA A N   1 
ATOM   926  C  CA  . ALA A 1 118 ? 2.408   5.784   -8.148  1.00 13.78  ? 118 ALA A CA  1 
ATOM   927  C  C   . ALA A 1 118 ? 1.205   6.599   -8.554  1.00 13.54  ? 118 ALA A C   1 
ATOM   928  O  O   . ALA A 1 118 ? 0.288   6.918   -7.805  1.00 13.44  ? 118 ALA A O   1 
ATOM   929  C  CB  . ALA A 1 118 ? 2.046   4.275   -8.266  1.00 13.82  ? 118 ALA A CB  1 
ATOM   930  N  N   . THR A 1 119 ? 1.214   6.971   -9.836  1.00 15.27  ? 119 THR A N   1 
ATOM   931  C  CA  . THR A 1 119 ? 0.121   7.681   -10.448 1.00 14.69  ? 119 THR A CA  1 
ATOM   932  C  C   . THR A 1 119 ? -0.431  6.930   -11.680 1.00 15.16  ? 119 THR A C   1 
ATOM   933  O  O   . THR A 1 119 ? -1.458  7.244   -12.142 1.00 18.70  ? 119 THR A O   1 
ATOM   934  C  CB  . THR A 1 119 ? 0.505   9.141   -10.850 1.00 15.74  ? 119 THR A CB  1 
ATOM   935  O  OG1 . THR A 1 119 ? 1.462   9.101   -11.896 1.00 20.77  ? 119 THR A OG1 1 
ATOM   936  C  CG2 . THR A 1 119 ? 1.055   9.911   -9.630  1.00 16.99  ? 119 THR A CG2 1 
ATOM   937  N  N   . SER A 1 120 ? 0.300   5.928   -12.107 1.00 30.00  ? 120 SER A N   1 
ATOM   938  C  CA  . SER A 1 120 ? -0.061  5.097   -13.220 1.00 30.00  ? 120 SER A CA  1 
ATOM   939  C  C   . SER A 1 120 ? 0.338   3.650   -12.904 1.00 30.00  ? 120 SER A C   1 
ATOM   940  O  O   . SER A 1 120 ? 1.236   3.422   -12.179 1.00 30.00  ? 120 SER A O   1 
ATOM   941  C  CB  . SER A 1 120 ? 0.692   5.611   -14.451 1.00 20.00  ? 120 SER A CB  1 
ATOM   942  O  OG  . SER A 1 120 ? 1.047   4.641   -15.309 1.00 20.00  ? 120 SER A OG  1 
ATOM   943  N  N   . LEU A 1 121 ? -0.376  2.706   -13.507 1.00 17.86  ? 121 LEU A N   1 
ATOM   944  C  CA  . LEU A 1 121 ? -0.026  1.318   -13.355 1.00 16.33  ? 121 LEU A CA  1 
ATOM   945  C  C   . LEU A 1 121 ? 1.374   0.991   -13.866 1.00 17.12  ? 121 LEU A C   1 
ATOM   946  O  O   . LEU A 1 121 ? 1.941   0.088   -13.387 1.00 18.36  ? 121 LEU A O   1 
ATOM   947  C  CB  . LEU A 1 121 ? -1.097  0.369   -13.924 1.00 18.83  ? 121 LEU A CB  1 
ATOM   948  C  CG  . LEU A 1 121 ? -2.469  0.464   -13.278 1.00 18.08  ? 121 LEU A CG  1 
ATOM   949  C  CD1 . LEU A 1 121 ? -3.460  -0.436  -13.966 1.00 25.94  ? 121 LEU A CD1 1 
ATOM   950  C  CD2 . LEU A 1 121 ? -2.474  0.179   -11.781 1.00 19.74  ? 121 LEU A CD2 1 
ATOM   951  N  N   . ASP A 1 122 ? 1.893   1.755   -14.805 1.00 16.64  ? 122 ASP A N   1 
ATOM   952  C  CA  . ASP A 1 122 ? 3.230   1.560   -15.255 1.00 21.04  ? 122 ASP A CA  1 
ATOM   953  C  C   . ASP A 1 122 ? 4.263   1.840   -14.200 1.00 16.87  ? 122 ASP A C   1 
ATOM   954  O  O   . ASP A 1 122 ? 5.357   1.521   -14.400 1.00 19.80  ? 122 ASP A O   1 
ATOM   955  C  CB  . ASP A 1 122 ? 3.529   2.441   -16.485 1.00 25.41  ? 122 ASP A CB  1 
ATOM   956  C  CG  . ASP A 1 122 ? 2.655   2.101   -17.721 1.00 42.09  ? 122 ASP A CG  1 
ATOM   957  O  OD1 . ASP A 1 122 ? 2.283   0.955   -17.925 1.00 43.20  ? 122 ASP A OD1 1 
ATOM   958  O  OD2 . ASP A 1 122 ? 2.377   3.001   -18.525 1.00 47.33  ? 122 ASP A OD2 1 
ATOM   959  N  N   . ASP A 1 123 ? 3.889   2.517   -13.118 1.00 14.86  ? 123 ASP A N   1 
ATOM   960  C  CA  . ASP A 1 123 ? 4.798   2.793   -12.043 1.00 14.94  ? 123 ASP A CA  1 
ATOM   961  C  C   . ASP A 1 123 ? 5.002   1.565   -11.167 1.00 13.81  ? 123 ASP A C   1 
ATOM   962  O  O   . ASP A 1 123 ? 5.810   1.583   -10.321 1.00 15.45  ? 123 ASP A O   1 
ATOM   963  C  CB  . ASP A 1 123 ? 4.272   3.930   -11.132 1.00 15.15  ? 123 ASP A CB  1 
ATOM   964  C  CG  . ASP A 1 123 ? 4.272   5.294   -11.799 1.00 17.88  ? 123 ASP A CG  1 
ATOM   965  O  OD1 . ASP A 1 123 ? 5.105   5.487   -12.680 1.00 22.85  ? 123 ASP A OD1 1 
ATOM   966  O  OD2 . ASP A 1 123 ? 3.453   6.103   -11.461 1.00 18.51  ? 123 ASP A OD2 1 
ATOM   967  N  N   . LEU A 1 124 ? 4.166   0.546   -11.352 1.00 13.84  ? 124 LEU A N   1 
ATOM   968  C  CA  . LEU A 1 124 ? 4.125   -0.596  -10.450 1.00 13.13  ? 124 LEU A CA  1 
ATOM   969  C  C   . LEU A 1 124 ? 4.361   -1.896  -11.213 1.00 12.78  ? 124 LEU A C   1 
ATOM   970  O  O   . LEU A 1 124 ? 3.471   -2.445  -11.791 1.00 13.76  ? 124 LEU A O   1 
ATOM   971  C  CB  . LEU A 1 124 ? 2.759   -0.649  -9.731  1.00 13.52  ? 124 LEU A CB  1 
ATOM   972  C  CG  . LEU A 1 124 ? 2.398   0.572   -8.869  1.00 13.22  ? 124 LEU A CG  1 
ATOM   973  C  CD1 . LEU A 1 124 ? 0.949   0.464   -8.446  1.00 13.56  ? 124 LEU A CD1 1 
ATOM   974  C  CD2 . LEU A 1 124 ? 3.313   0.647   -7.662  1.00 14.06  ? 124 LEU A CD2 1 
ATOM   975  N  N   . VAL A 1 125 ? 5.583   -2.356  -11.132 1.00 12.24  ? 125 VAL A N   1 
ATOM   976  C  CA  . VAL A 1 125 ? 6.079   -3.465  -12.004 1.00 12.53  ? 125 VAL A CA  1 
ATOM   977  C  C   . VAL A 1 125 ? 6.761   -4.401  -11.123 1.00 12.58  ? 125 VAL A C   1 
ATOM   978  O  O   . VAL A 1 125 ? 7.761   -4.121  -10.453 1.00 12.48  ? 125 VAL A O   1 
ATOM   979  C  CB  . VAL A 1 125 ? 6.968   -2.941  -13.149 1.00 12.06  ? 125 VAL A CB  1 
ATOM   980  C  CG1 . VAL A 1 125 ? 7.545   -4.104  -13.998 1.00 14.00  ? 125 VAL A CG1 1 
ATOM   981  C  CG2 . VAL A 1 125 ? 6.269   -1.954  -13.961 1.00 14.06  ? 125 VAL A CG2 1 
ATOM   982  N  N   . GLU A 1 126 ? 6.349   -5.665  -11.155 1.00 12.44  ? 126 GLU A N   1 
ATOM   983  C  CA  . GLU A 1 126 ? 6.868   -6.641  -10.216 1.00 13.33  ? 126 GLU A CA  1 
ATOM   984  C  C   . GLU A 1 126 ? 8.393   -6.791  -10.221 1.00 13.56  ? 126 GLU A C   1 
ATOM   985  O  O   . GLU A 1 126 ? 9.004   -6.814  -9.220  1.00 12.41  ? 126 GLU A O   1 
ATOM   986  C  CB  . GLU A 1 126 ? 6.244   -8.031  -10.528 1.00 13.85  ? 126 GLU A CB  1 
ATOM   987  C  CG  . GLU A 1 126 ? 6.848   -9.189  -9.744  1.00 14.59  ? 126 GLU A CG  1 
ATOM   988  C  CD  . GLU A 1 126 ? 6.592   -9.141  -8.245  1.00 19.38  ? 126 GLU A CD  1 
ATOM   989  O  OE1 . GLU A 1 126 ? 5.601   -8.590  -7.867  1.00 22.38  ? 126 GLU A OE1 1 
ATOM   990  O  OE2 . GLU A 1 126 ? 7.410   -9.666  -7.491  1.00 21.91  ? 126 GLU A OE2 1 
ATOM   991  N  N   . ASP A 1 127 ? 8.982   -6.867  -11.392 1.00 13.03  ? 127 ASP A N   1 
ATOM   992  C  CA  . ASP A 1 127 ? 10.412  -7.037  -11.430 1.00 13.59  ? 127 ASP A CA  1 
ATOM   993  C  C   . ASP A 1 127 ? 11.176  -5.827  -10.881 1.00 11.79  ? 127 ASP A C   1 
ATOM   994  O  O   . ASP A 1 127 ? 12.215  -5.956  -10.406 1.00 13.95  ? 127 ASP A O   1 
ATOM   995  C  CB  . ASP A 1 127 ? 10.925  -7.525  -12.816 1.00 14.44  ? 127 ASP A CB  1 
ATOM   996  C  CG  . ASP A 1 127 ? 10.929  -6.444  -13.890 1.00 13.00  ? 127 ASP A CG  1 
ATOM   997  O  OD1 . ASP A 1 127 ? 10.051  -6.400  -14.711 1.00 15.44  ? 127 ASP A OD1 1 
ATOM   998  O  OD2 . ASP A 1 127 ? 11.881  -5.671  -13.853 1.00 16.72  ? 127 ASP A OD2 1 
ATOM   999  N  N   . GLU A 1 128 ? 10.644  -4.653  -11.136 1.00 12.60  ? 128 GLU A N   1 
ATOM   1000 C  CA  . GLU A 1 128 ? 11.239  -3.425  -10.625 1.00 11.98  ? 128 GLU A CA  1 
ATOM   1001 C  C   . GLU A 1 128 ? 11.166  -3.365  -9.112  1.00 13.80  ? 128 GLU A C   1 
ATOM   1002 O  O   . GLU A 1 128 ? 12.124  -3.047  -8.481  1.00 14.15  ? 128 GLU A O   1 
ATOM   1003 C  CB  . GLU A 1 128 ? 10.553  -2.206  -11.226 1.00 12.83  ? 128 GLU A CB  1 
ATOM   1004 C  CG  . GLU A 1 128 ? 10.650  -2.091  -12.746 1.00 13.46  ? 128 GLU A CG  1 
ATOM   1005 C  CD  . GLU A 1 128 ? 9.865   -0.920  -13.316 1.00 15.00  ? 128 GLU A CD  1 
ATOM   1006 O  OE1 . GLU A 1 128 ? 9.318   -0.183  -12.556 1.00 16.38  ? 128 GLU A OE1 1 
ATOM   1007 O  OE2 . GLU A 1 128 ? 9.810   -0.758  -14.521 1.00 17.14  ? 128 GLU A OE2 1 
ATOM   1008 N  N   . ILE A 1 129 ? 10.019  -3.724  -8.555  1.00 12.77  ? 129 ILE A N   1 
ATOM   1009 C  CA  . ILE A 1 129 ? 9.877   -3.683  -7.102  1.00 14.89  ? 129 ILE A CA  1 
ATOM   1010 C  C   . ILE A 1 129 ? 10.752  -4.801  -6.494  1.00 15.74  ? 129 ILE A C   1 
ATOM   1011 O  O   . ILE A 1 129 ? 11.457  -4.616  -5.485  1.00 15.03  ? 129 ILE A O   1 
ATOM   1012 C  CB  . ILE A 1 129 ? 8.409   -3.909  -6.809  1.00 14.68  ? 129 ILE A CB  1 
ATOM   1013 C  CG1 . ILE A 1 129 ? 7.638   -2.722  -7.215  1.00 14.48  ? 129 ILE A CG1 1 
ATOM   1014 C  CG2 . ILE A 1 129 ? 8.221   -4.230  -5.299  1.00 16.41  ? 129 ILE A CG2 1 
ATOM   1015 C  CD1 . ILE A 1 129 ? 6.142   -2.839  -7.237  1.00 16.55  ? 129 ILE A CD1 1 
ATOM   1016 N  N   . ALA A 1 130 ? 10.837  -6.034  -7.020  1.00 13.72  ? 130 ALA A N   1 
ATOM   1017 C  CA  . ALA A 1 130 ? 11.678  -7.083  -6.565  1.00 13.91  ? 130 ALA A CA  1 
ATOM   1018 C  C   . ALA A 1 130 ? 13.120  -6.674  -6.567  1.00 16.01  ? 130 ALA A C   1 
ATOM   1019 O  O   . ALA A 1 130 ? 13.817  -6.953  -5.613  1.00 17.66  ? 130 ALA A O   1 
ATOM   1020 C  CB  . ALA A 1 130 ? 11.445  -8.338  -7.432  1.00 17.02  ? 130 ALA A CB  1 
ATOM   1021 N  N   . ALA A 1 131 ? 13.562  -5.959  -7.622  1.00 16.45  ? 131 ALA A N   1 
ATOM   1022 C  CA  . ALA A 1 131 ? 14.982  -5.523  -7.660  1.00 18.46  ? 131 ALA A CA  1 
ATOM   1023 C  C   . ALA A 1 131 ? 15.225  -4.459  -6.554  1.00 19.08  ? 131 ALA A C   1 
ATOM   1024 O  O   . ALA A 1 131 ? 16.261  -4.521  -5.916  1.00 22.68  ? 131 ALA A O   1 
ATOM   1025 C  CB  . ALA A 1 131 ? 15.258  -4.988  -9.029  1.00 17.09  ? 131 ALA A CB  1 
ATOM   1026 N  N   . LYS A 1 132 ? 14.282  -3.590  -6.344  1.00 18.39  ? 132 LYS A N   1 
ATOM   1027 C  CA  . LYS A 1 132 ? 14.375  -2.530  -5.283  1.00 22.06  ? 132 LYS A CA  1 
ATOM   1028 C  C   . LYS A 1 132 ? 14.469  -3.145  -3.942  1.00 23.06  ? 132 LYS A C   1 
ATOM   1029 O  O   . LYS A 1 132 ? 15.279  -2.714  -3.100  1.00 24.58  ? 132 LYS A O   1 
ATOM   1030 C  CB  . LYS A 1 132 ? 13.329  -1.500  -5.422  1.00 22.47  ? 132 LYS A CB  1 
ATOM   1031 C  CG  . LYS A 1 132 ? 13.433  -0.295  -4.475  1.00 32.18  ? 132 LYS A CG  1 
ATOM   1032 C  CD  . LYS A 1 132 ? 12.093  0.463   -4.562  1.00 38.26  ? 132 LYS A CD  1 
ATOM   1033 C  CE  . LYS A 1 132 ? 12.043  1.582   -3.517  1.00 44.70  ? 132 LYS A CE  1 
ATOM   1034 N  NZ  . LYS A 1 132 ? 12.885  2.762   -3.944  1.00 43.03  ? 132 LYS A NZ  1 
ATOM   1035 N  N   . ILE A 1 133 ? 13.660  -4.168  -3.659  1.00 19.06  ? 133 ILE A N   1 
ATOM   1036 C  CA  . ILE A 1 133 ? 13.713  -4.923  -2.413  1.00 20.55  ? 133 ILE A CA  1 
ATOM   1037 C  C   . ILE A 1 133 ? 15.069  -5.577  -2.213  1.00 22.98  ? 133 ILE A C   1 
ATOM   1038 O  O   . ILE A 1 133 ? 15.626  -5.522  -1.099  1.00 26.61  ? 133 ILE A O   1 
ATOM   1039 C  CB  . ILE A 1 133 ? 12.569  -5.951  -2.356  1.00 18.48  ? 133 ILE A CB  1 
ATOM   1040 C  CG1 . ILE A 1 133 ? 11.235  -5.278  -2.128  1.00 20.95  ? 133 ILE A CG1 1 
ATOM   1041 C  CG2 . ILE A 1 133 ? 12.717  -6.962  -1.172  1.00 25.19  ? 133 ILE A CG2 1 
ATOM   1042 C  CD1 . ILE A 1 133 ? 10.071  -6.177  -2.357  1.00 20.81  ? 133 ILE A CD1 1 
ATOM   1043 N  N   . LYS A 1 134 ? 15.589  -6.185  -3.245  1.00 22.01  ? 134 LYS A N   1 
ATOM   1044 C  CA  . LYS A 1 134 ? 16.857  -6.967  -3.219  1.00 25.50  ? 134 LYS A CA  1 
ATOM   1045 C  C   . LYS A 1 134 ? 17.978  -5.904  -2.854  1.00 28.46  ? 134 LYS A C   1 
ATOM   1046 O  O   . LYS A 1 134 ? 18.832  -6.151  -1.956  1.00 30.66  ? 134 LYS A O   1 
ATOM   1047 C  CB  . LYS A 1 134 ? 17.038  -7.817  -4.475  1.00 31.76  ? 134 LYS A CB  1 
ATOM   1048 C  CG  . LYS A 1 134 ? 18.364  -8.576  -4.676  1.00 35.54  ? 134 LYS A CG  1 
ATOM   1049 C  CD  . LYS A 1 134 ? 18.259  -9.532  -5.858  1.00 38.93  ? 134 LYS A CD  1 
ATOM   1050 C  CE  . LYS A 1 134 ? 19.371  -10.614 -5.859  1.00 47.50  ? 134 LYS A CE  1 
ATOM   1051 N  NZ  . LYS A 1 134 ? 19.291  -11.563 -7.034  1.00 47.81  ? 134 LYS A NZ  1 
ATOM   1052 N  N   . LEU A 1 135 ? 17.892  -4.713  -3.444  1.00 29.21  ? 135 LEU A N   1 
ATOM   1053 C  CA  . LEU A 1 135 ? 18.782  -3.600  -3.109  1.00 32.16  ? 135 LEU A CA  1 
ATOM   1054 C  C   . LEU A 1 135 ? 18.664  -3.125  -1.671  1.00 33.54  ? 135 LEU A C   1 
ATOM   1055 O  O   . LEU A 1 135 ? 19.715  -2.892  -1.037  1.00 36.87  ? 135 LEU A O   1 
ATOM   1056 C  CB  . LEU A 1 135 ? 18.553  -2.440  -4.119  1.00 33.43  ? 135 LEU A CB  1 
ATOM   1057 C  CG  . LEU A 1 135 ? 19.774  -1.567  -4.454  1.00 43.11  ? 135 LEU A CG  1 
ATOM   1058 C  CD1 . LEU A 1 135 ? 20.920  -2.407  -5.021  1.00 41.28  ? 135 LEU A CD1 1 
ATOM   1059 C  CD2 . LEU A 1 135 ? 19.388  -0.462  -5.428  1.00 44.95  ? 135 LEU A CD2 1 
ATOM   1060 N  N   . GLU A 1 136 ? 17.462  -2.854  -1.170  1.00 38.77  ? 136 GLU A N   1 
ATOM   1061 C  CA  A GLU A 1 136 ? 17.348  -2.371  0.206   0.50 41.61  ? 136 GLU A CA  1 
ATOM   1062 C  CA  B GLU A 1 136 ? 17.205  -2.452  0.238   0.50 39.50  ? 136 GLU A CA  1 
ATOM   1063 C  C   . GLU A 1 136 ? 17.797  -3.496  1.173   1.00 43.34  ? 136 GLU A C   1 
ATOM   1064 O  O   . GLU A 1 136 ? 18.324  -3.186  2.255   1.00 48.02  ? 136 GLU A O   1 
ATOM   1065 C  CB  A GLU A 1 136 ? 15.930  -1.848  0.566   0.50 43.55  ? 136 GLU A CB  1 
ATOM   1066 C  CB  B GLU A 1 136 ? 15.662  -2.353  0.522   0.50 38.19  ? 136 GLU A CB  1 
ATOM   1067 C  CG  A GLU A 1 136 ? 15.281  -0.809  -0.342  0.50 44.04  ? 136 GLU A CG  1 
ATOM   1068 C  CG  B GLU A 1 136 ? 15.235  -1.677  1.844   0.50 35.93  ? 136 GLU A CG  1 
ATOM   1069 C  CD  A GLU A 1 136 ? 16.212  0.215   -0.954  0.50 46.29  ? 136 GLU A CD  1 
ATOM   1070 C  CD  B GLU A 1 136 ? 14.928  -2.598  3.062   0.50 35.01  ? 136 GLU A CD  1 
ATOM   1071 O  OE1 A GLU A 1 136 ? 17.308  0.475   -0.402  0.50 51.68  ? 136 GLU A OE1 1 
ATOM   1072 O  OE1 B GLU A 1 136 ? 15.250  -3.807  3.107   0.50 28.93  ? 136 GLU A OE1 1 
ATOM   1073 O  OE2 A GLU A 1 136 ? 15.818  0.765   -2.000  0.50 37.94  ? 136 GLU A OE2 1 
ATOM   1074 O  OE2 B GLU A 1 136 ? 14.350  -2.055  4.040   0.50 38.49  ? 136 GLU A OE2 1 
ATOM   1075 N  N   . HIS A 1 137 ? 17.652  -4.772  0.781   1.00 42.86  ? 137 HIS A N   1 
ATOM   1076 C  CA  . HIS A 1 137 ? 18.048  -5.891  1.636   1.00 41.94  ? 137 HIS A CA  1 
ATOM   1077 C  C   . HIS A 1 137 ? 19.573  -5.839  1.906   1.00 55.85  ? 137 HIS A C   1 
ATOM   1078 O  O   . HIS A 1 137 ? 20.011  -6.069  3.044   1.00 58.10  ? 137 HIS A O   1 
ATOM   1079 C  CB  . HIS A 1 137 ? 17.696  -7.244  1.023   1.00 41.07  ? 137 HIS A CB  1 
ATOM   1080 C  CG  . HIS A 1 137 ? 17.998  -8.408  1.917   1.00 48.58  ? 137 HIS A CG  1 
ATOM   1081 N  ND1 . HIS A 1 137 ? 17.420  -8.571  3.160   1.00 54.24  ? 137 HIS A ND1 1 
ATOM   1082 C  CD2 . HIS A 1 137 ? 18.820  -9.475  1.744   1.00 50.78  ? 137 HIS A CD2 1 
ATOM   1083 C  CE1 . HIS A 1 137 ? 17.857  -9.694  3.709   1.00 54.33  ? 137 HIS A CE1 1 
ATOM   1084 N  NE2 . HIS A 1 137 ? 18.705  -10.264 2.867   1.00 47.24  ? 137 HIS A NE2 1 
ATOM   1085 N  N   . HIS A 1 138 ? 20.359  -5.545  0.867   1.00 62.92  ? 138 HIS A N   1 
ATOM   1086 C  CA  . HIS A 1 138 ? 21.832  -5.545  0.984   1.00 71.78  ? 138 HIS A CA  1 
ATOM   1087 C  C   . HIS A 1 138 ? 22.465  -4.151  1.159   1.00 71.05  ? 138 HIS A C   1 
ATOM   1088 O  O   . HIS A 1 138 ? 23.637  -3.956  0.836   1.00 79.38  ? 138 HIS A O   1 
ATOM   1089 C  CB  . HIS A 1 138 ? 22.448  -6.340  -0.183  1.00 79.37  ? 138 HIS A CB  1 
ATOM   1090 C  CG  . HIS A 1 138 ? 22.255  -7.823  -0.047  1.00 95.80  ? 138 HIS A CG  1 
ATOM   1091 N  ND1 . HIS A 1 138 ? 22.815  -8.552  0.983   1.00 103.76 ? 138 HIS A ND1 1 
ATOM   1092 C  CD2 . HIS A 1 138 ? 21.538  -8.708  -0.785  1.00 105.92 ? 138 HIS A CD2 1 
ATOM   1093 C  CE1 . HIS A 1 138 ? 22.467  -9.821  0.867   1.00 108.44 ? 138 HIS A CE1 1 
ATOM   1094 N  NE2 . HIS A 1 138 ? 21.694  -9.943  -0.199  1.00 110.18 ? 138 HIS A NE2 1 
ATOM   1095 N  N   . ALA A 1 139 ? 21.676  -3.202  1.678   1.00 63.73  ? 139 ALA A N   1 
ATOM   1096 C  CA  . ALA A 1 139 ? 22.152  -1.893  2.146   1.00 68.40  ? 139 ALA A CA  1 
ATOM   1097 C  C   . ALA A 1 139 ? 22.269  -1.927  3.667   1.00 63.10  ? 139 ALA A C   1 
ATOM   1098 O  O   . ALA A 1 139 ? 21.575  -2.701  4.336   1.00 68.17  ? 139 ALA A O   1 
ATOM   1099 C  CB  . ALA A 1 139 ? 21.203  -0.766  1.704   1.00 68.15  ? 139 ALA A CB  1 
HETATM 1100 N  N1  . EPE B 2 .   ? -15.307 7.127   -3.196  1.00 43.77  ? 201 EPE A N1  1 
HETATM 1101 C  C2  . EPE B 2 .   ? -14.294 7.350   -4.223  1.00 44.19  ? 201 EPE A C2  1 
HETATM 1102 C  C3  . EPE B 2 .   ? -13.321 6.183   -4.409  1.00 40.30  ? 201 EPE A C3  1 
HETATM 1103 N  N4  . EPE B 2 .   ? -13.946 4.844   -4.295  1.00 38.81  ? 201 EPE A N4  1 
HETATM 1104 C  C5  . EPE B 2 .   ? -15.374 4.708   -3.957  1.00 36.77  ? 201 EPE A C5  1 
HETATM 1105 C  C6  . EPE B 2 .   ? -15.829 5.775   -2.957  1.00 37.51  ? 201 EPE A C6  1 
HETATM 1106 C  C7  . EPE B 2 .   ? -13.340 3.601   -4.771  1.00 28.50  ? 201 EPE A C7  1 
HETATM 1107 C  C8  . EPE B 2 .   ? -11.838 3.723   -5.041  1.00 28.39  ? 201 EPE A C8  1 
HETATM 1108 O  O8  . EPE B 2 .   ? -11.196 4.044   -3.801  1.00 20.05  ? 201 EPE A O8  1 
HETATM 1109 C  C9  . EPE B 2 .   ? -15.826 8.127   -2.229  1.00 40.83  ? 201 EPE A C9  1 
HETATM 1110 C  C10 . EPE B 2 .   ? -15.401 9.589   -2.494  1.00 51.97  ? 201 EPE A C10 1 
HETATM 1111 S  S   . EPE B 2 .   ? -16.217 10.682  -1.465  1.00 53.91  ? 201 EPE A S   1 
HETATM 1112 O  O1S . EPE B 2 .   ? -15.380 11.946  -1.383  1.00 58.01  ? 201 EPE A O1S 1 
HETATM 1113 O  O2S . EPE B 2 .   ? -17.540 11.045  -2.106  1.00 58.80  ? 201 EPE A O2S 1 
HETATM 1114 O  O3S . EPE B 2 .   ? -16.409 10.132  -0.057  1.00 45.50  ? 201 EPE A O3S 1 
HETATM 1115 NA NA  . NA  C 3 .   ? -1.402  -12.565 6.500   1.00 14.50  ? 202 NA  A NA  1 
HETATM 1116 O  O   . HOH D 4 .   ? -11.944 -7.519  -1.470  1.00 15.12  ? 301 HOH A O   1 
HETATM 1117 O  O   . HOH D 4 .   ? 0.227   -9.207  12.741  1.00 16.94  ? 302 HOH A O   1 
HETATM 1118 O  O   . HOH D 4 .   ? -9.037  -6.296  10.006  1.00 14.77  ? 303 HOH A O   1 
HETATM 1119 O  O   . HOH D 4 .   ? -0.397  17.176  2.188   1.00 12.44  ? 304 HOH A O   1 
HETATM 1120 O  O   . HOH D 4 .   ? 4.240   12.276  3.858   1.00 19.96  ? 305 HOH A O   1 
HETATM 1121 O  O   . HOH D 4 .   ? 4.023   -6.398  -12.686 1.00 18.68  ? 306 HOH A O   1 
HETATM 1122 O  O   . HOH D 4 .   ? 4.825   7.655   -1.238  1.00 15.86  ? 307 HOH A O   1 
HETATM 1123 O  O   . HOH D 4 .   ? -10.328 6.413   -2.832  1.00 17.05  ? 308 HOH A O   1 
HETATM 1124 O  O   . HOH D 4 .   ? -7.999  -11.549 11.361  1.00 16.76  ? 309 HOH A O   1 
HETATM 1125 O  O   . HOH D 4 .   ? 12.849  -3.825  -15.475 1.00 14.95  ? 310 HOH A O   1 
HETATM 1126 O  O   . HOH D 4 .   ? 10.872  -2.269  -16.522 1.00 17.93  ? 311 HOH A O   1 
HETATM 1127 O  O   . HOH D 4 .   ? 7.731   -0.435  -10.260 1.00 15.19  ? 312 HOH A O   1 
HETATM 1128 O  O   . HOH D 4 .   ? -8.111  -7.061  -6.621  1.00 23.43  ? 313 HOH A O   1 
HETATM 1129 O  O   . HOH D 4 .   ? 9.587   -4.770  -16.859 1.00 19.29  ? 314 HOH A O   1 
HETATM 1130 O  O   . HOH D 4 .   ? 3.455   -9.480  -5.819  1.00 22.72  ? 315 HOH A O   1 
HETATM 1131 O  O   . HOH D 4 .   ? 7.823   -7.850  -13.970 1.00 15.75  ? 316 HOH A O   1 
HETATM 1132 O  O   . HOH D 4 .   ? 14.255  -1.504  -9.605  1.00 20.08  ? 317 HOH A O   1 
HETATM 1133 O  O   . HOH D 4 .   ? -8.696  -1.518  12.080  1.00 19.32  ? 318 HOH A O   1 
HETATM 1134 O  O   . HOH D 4 .   ? -10.507 4.434   8.714   1.00 19.11  ? 319 HOH A O   1 
HETATM 1135 O  O   . HOH D 4 .   ? -5.141  22.521  -0.906  1.00 19.28  ? 320 HOH A O   1 
HETATM 1136 O  O   . HOH D 4 .   ? -10.802 -2.517  8.519   1.00 19.05  ? 321 HOH A O   1 
HETATM 1137 O  O   . HOH D 4 .   ? -3.871  6.759   -13.359 1.00 20.51  ? 322 HOH A O   1 
HETATM 1138 O  O   . HOH D 4 .   ? 1.195   -10.361 -7.807  1.00 25.45  ? 323 HOH A O   1 
HETATM 1139 O  O   . HOH D 4 .   ? -6.311  1.982   12.690  1.00 19.87  ? 324 HOH A O   1 
HETATM 1140 O  O   . HOH D 4 .   ? 13.290  -9.268  -4.277  1.00 25.86  ? 325 HOH A O   1 
HETATM 1141 O  O   . HOH D 4 .   ? 6.922   9.526   1.882   1.00 20.75  ? 326 HOH A O   1 
HETATM 1142 O  O   . HOH D 4 .   ? -13.612 -0.723  5.601   1.00 20.62  ? 327 HOH A O   1 
HETATM 1143 O  O   . HOH D 4 .   ? 3.139   11.955  -3.126  1.00 17.99  ? 328 HOH A O   1 
HETATM 1144 O  O   . HOH D 4 .   ? 7.044   -3.954  -17.739 1.00 21.64  ? 329 HOH A O   1 
HETATM 1145 O  O   . HOH D 4 .   ? -4.900  4.193   -14.041 1.00 24.59  ? 330 HOH A O   1 
HETATM 1146 O  O   . HOH D 4 .   ? -14.492 -4.052  0.282   1.00 23.25  ? 331 HOH A O   1 
HETATM 1147 O  O   . HOH D 4 .   ? -10.294 -11.231 7.367   1.00 22.43  ? 332 HOH A O   1 
HETATM 1148 O  O   . HOH D 4 .   ? 6.110   -7.181  -5.663  1.00 23.80  ? 333 HOH A O   1 
HETATM 1149 O  O   . HOH D 4 .   ? 2.415   -10.923 13.217  1.00 21.50  ? 334 HOH A O   1 
HETATM 1150 O  O   . HOH D 4 .   ? -10.828 -11.651 -0.328  1.00 22.81  ? 335 HOH A O   1 
HETATM 1151 O  O   . HOH D 4 .   ? -10.547 8.912   -4.005  1.00 19.73  ? 336 HOH A O   1 
HETATM 1152 O  O   . HOH D 4 .   ? -8.718  -13.838 -1.169  1.00 23.61  ? 337 HOH A O   1 
HETATM 1153 O  O   . HOH D 4 .   ? 8.079   6.458   -5.461  1.00 23.78  ? 338 HOH A O   1 
HETATM 1154 O  O   . HOH D 4 .   ? -2.584  3.370   -15.331 1.00 25.35  ? 339 HOH A O   1 
HETATM 1155 O  O   . HOH D 4 .   ? -3.199  19.651  -5.734  1.00 22.91  ? 340 HOH A O   1 
HETATM 1156 O  O   . HOH D 4 .   ? 0.157   -14.040 5.503   1.00 21.31  ? 341 HOH A O   1 
HETATM 1157 O  O   . HOH D 4 .   ? -3.625  -6.599  -12.149 1.00 24.90  ? 342 HOH A O   1 
HETATM 1158 O  O   . HOH D 4 .   ? -1.686  -2.978  13.003  1.00 22.77  ? 343 HOH A O   1 
HETATM 1159 O  O   . HOH D 4 .   ? -8.030  7.869   13.240  1.00 28.58  ? 344 HOH A O   1 
HETATM 1160 O  O   . HOH D 4 .   ? 1.527   -11.892 -1.441  1.00 23.58  ? 345 HOH A O   1 
HETATM 1161 O  O   . HOH D 4 .   ? 13.815  -8.297  -10.467 1.00 21.96  ? 346 HOH A O   1 
HETATM 1162 O  O   . HOH D 4 .   ? -10.889 -1.151  -5.600  1.00 22.74  ? 347 HOH A O   1 
HETATM 1163 O  O   . HOH D 4 .   ? 10.062  5.375   2.903   1.00 26.05  ? 348 HOH A O   1 
HETATM 1164 O  O   . HOH D 4 .   ? 5.368   -11.432 9.415   1.00 23.18  ? 349 HOH A O   1 
HETATM 1165 O  O   . HOH D 4 .   ? -14.780 -2.896  9.124   1.00 26.25  ? 350 HOH A O   1 
HETATM 1166 O  O   . HOH D 4 .   ? 1.282   13.649  8.308   1.00 24.83  ? 351 HOH A O   1 
HETATM 1167 O  O   . HOH D 4 .   ? -3.950  19.692  2.051   1.00 24.15  ? 352 HOH A O   1 
HETATM 1168 O  O   . HOH D 4 .   ? -2.597  19.171  -8.204  1.00 25.89  ? 353 HOH A O   1 
HETATM 1169 O  O   . HOH D 4 .   ? 8.145   -8.931  -4.923  1.00 27.52  ? 354 HOH A O   1 
HETATM 1170 O  O   . HOH D 4 .   ? 5.886   10.485  4.987   1.00 25.04  ? 355 HOH A O   1 
HETATM 1171 O  O   . HOH D 4 .   ? -6.111  20.029  0.285   1.00 24.14  ? 356 HOH A O   1 
HETATM 1172 O  O   . HOH D 4 .   ? -10.796 -3.003  11.279  1.00 25.31  ? 357 HOH A O   1 
HETATM 1173 O  O   . HOH D 4 .   ? 11.602  2.618   -0.334  1.00 28.67  ? 358 HOH A O   1 
HETATM 1174 O  O   . HOH D 4 .   ? 9.129   -11.396 -8.426  1.00 24.78  ? 359 HOH A O   1 
HETATM 1175 O  O   . HOH D 4 .   ? 0.384   -15.836 3.621   1.00 31.07  ? 360 HOH A O   1 
HETATM 1176 O  O   . HOH D 4 .   ? -9.739  2.859   -13.262 1.00 31.26  ? 361 HOH A O   1 
HETATM 1177 O  O   . HOH D 4 .   ? -11.947 11.949  -8.719  1.00 26.33  ? 362 HOH A O   1 
HETATM 1178 O  O   . HOH D 4 .   ? 1.110   -6.710  13.700  1.00 28.69  ? 363 HOH A O   1 
HETATM 1179 O  O   . HOH D 4 .   ? 18.596  -5.280  -7.205  1.00 28.11  ? 364 HOH A O   1 
HETATM 1180 O  O   . HOH D 4 .   ? 3.672   -13.085 11.766  1.00 24.46  ? 365 HOH A O   1 
HETATM 1181 O  O   . HOH D 4 .   ? -8.093  -9.189  -8.526  1.00 30.03  ? 366 HOH A O   1 
HETATM 1182 O  O   . HOH D 4 .   ? -1.734  14.395  -7.431  1.00 32.82  ? 367 HOH A O   1 
HETATM 1183 O  O   . HOH D 4 .   ? -11.073 -5.176  8.552   1.00 23.94  ? 368 HOH A O   1 
HETATM 1184 O  O   . HOH D 4 .   ? -11.653 -3.590  -6.163  1.00 32.41  ? 369 HOH A O   1 
HETATM 1185 O  O   . HOH D 4 .   ? 2.618   -2.623  11.835  1.00 30.06  ? 370 HOH A O   1 
HETATM 1186 O  O   . HOH D 4 .   ? -6.165  2.253   -12.821 1.00 28.92  ? 371 HOH A O   1 
HETATM 1187 O  O   . HOH D 4 .   ? -11.607 10.494  -2.051  1.00 27.93  ? 372 HOH A O   1 
HETATM 1188 O  O   . HOH D 4 .   ? -14.227 2.476   11.476  1.00 32.75  ? 373 HOH A O   1 
HETATM 1189 O  O   . HOH D 4 .   ? 9.959   -0.067  -8.264  1.00 31.47  ? 374 HOH A O   1 
HETATM 1190 O  O   . HOH D 4 .   ? 8.033   2.156   -13.392 1.00 30.34  ? 375 HOH A O   1 
HETATM 1191 O  O   . HOH D 4 .   ? -7.167  17.127  -9.884  1.00 27.98  ? 376 HOH A O   1 
HETATM 1192 O  O   . HOH D 4 .   ? -15.097 -2.531  2.437   1.00 28.52  ? 377 HOH A O   1 
HETATM 1193 O  O   . HOH D 4 .   ? 3.445   -9.614  -9.211  1.00 28.81  ? 378 HOH A O   1 
HETATM 1194 O  O   . HOH D 4 .   ? 10.540  -9.600  -3.855  1.00 26.16  ? 379 HOH A O   1 
HETATM 1195 O  O   . HOH D 4 .   ? 15.404  -8.887  -8.309  1.00 29.98  ? 380 HOH A O   1 
HETATM 1196 O  O   . HOH D 4 .   ? -7.474  -14.485 11.282  1.00 25.57  ? 381 HOH A O   1 
HETATM 1197 O  O   . HOH D 4 .   ? -15.927 3.635   -0.525  1.00 30.80  ? 382 HOH A O   1 
HETATM 1198 O  O   . HOH D 4 .   ? 3.063   -1.990  8.930   1.00 22.59  ? 383 HOH A O   1 
HETATM 1199 O  O   . HOH D 4 .   ? -15.165 8.946   10.490  1.00 36.21  ? 384 HOH A O   1 
HETATM 1200 O  O   . HOH D 4 .   ? -1.148  16.148  -11.247 1.00 30.78  ? 385 HOH A O   1 
HETATM 1201 O  O   . HOH D 4 .   ? 16.648  -1.457  -7.972  1.00 25.35  ? 386 HOH A O   1 
HETATM 1202 O  O   . HOH D 4 .   ? -13.300 3.865   -1.504  1.00 24.32  ? 387 HOH A O   1 
HETATM 1203 O  O   . HOH D 4 .   ? -10.299 -5.635  -7.235  1.00 30.61  ? 388 HOH A O   1 
HETATM 1204 O  O   . HOH D 4 .   ? -12.351 9.208   -6.165  1.00 28.23  ? 389 HOH A O   1 
HETATM 1205 O  O   . HOH D 4 .   ? -7.838  -11.990 -4.087  1.00 31.40  ? 390 HOH A O   1 
HETATM 1206 O  O   . HOH D 4 .   ? -1.914  -20.605 9.912   1.00 26.66  ? 391 HOH A O   1 
HETATM 1207 O  O   . HOH D 4 .   ? -14.562 -2.122  -2.906  1.00 36.06  ? 392 HOH A O   1 
HETATM 1208 O  O   . HOH D 4 .   ? -6.815  -1.229  -11.965 1.00 30.08  ? 393 HOH A O   1 
HETATM 1209 O  O   . HOH D 4 .   ? -11.953 -10.301 -1.799  1.00 30.84  ? 394 HOH A O   1 
HETATM 1210 O  O   . HOH D 4 .   ? -12.976 5.596   -8.057  1.00 33.04  ? 395 HOH A O   1 
HETATM 1211 O  O   . HOH D 4 .   ? -1.034  16.972  -8.369  1.00 37.05  ? 396 HOH A O   1 
HETATM 1212 O  O   . HOH D 4 .   ? 4.997   8.887   -8.915  1.00 44.72  ? 397 HOH A O   1 
HETATM 1213 O  O   . HOH D 4 .   ? 3.427   -15.395 13.103  1.00 30.44  ? 398 HOH A O   1 
HETATM 1214 O  O   . HOH D 4 .   ? 0.797   -20.227 8.342   1.00 37.62  ? 399 HOH A O   1 
HETATM 1215 O  O   . HOH D 4 .   ? -5.673  -9.874  -10.057 1.00 36.77  ? 400 HOH A O   1 
HETATM 1216 O  O   . HOH D 4 .   ? -17.123 8.712   5.196   1.00 34.27  ? 401 HOH A O   1 
HETATM 1217 O  O   . HOH D 4 .   ? -11.106 -5.291  6.470   1.00 25.12  ? 402 HOH A O   1 
HETATM 1218 O  O   . HOH D 4 .   ? -1.031  -15.798 -2.692  1.00 39.16  ? 403 HOH A O   1 
HETATM 1219 O  O   . HOH D 4 .   ? -1.646  13.503  -4.687  1.00 29.63  ? 404 HOH A O   1 
HETATM 1220 O  O   . HOH D 4 .   ? 2.670   -2.187  -15.138 1.00 33.12  ? 405 HOH A O   1 
HETATM 1221 O  O   . HOH D 4 .   ? 3.522   -10.055 -11.302 1.00 43.85  ? 406 HOH A O   1 
HETATM 1222 O  O   . HOH D 4 .   ? -13.003 0.535   -5.194  1.00 35.82  ? 407 HOH A O   1 
HETATM 1223 O  O   . HOH D 4 .   ? -13.243 12.369  -2.688  1.00 37.88  ? 408 HOH A O   1 
HETATM 1224 O  O   . HOH D 4 .   ? 0.407   -4.561  12.720  1.00 30.37  ? 409 HOH A O   1 
HETATM 1225 O  O   . HOH D 4 .   ? -0.461  -12.416 -7.082  1.00 32.06  ? 410 HOH A O   1 
HETATM 1226 O  O   . HOH D 4 .   ? -1.489  7.933   12.318  1.00 26.91  ? 411 HOH A O   1 
HETATM 1227 O  O   . HOH D 4 .   ? 7.643   3.368   -9.266  1.00 35.31  ? 412 HOH A O   1 
HETATM 1228 O  O   . HOH D 4 .   ? -13.105 -1.717  12.207  1.00 33.32  ? 413 HOH A O   1 
HETATM 1229 O  O   . HOH D 4 .   ? -8.442  -15.027 1.394   1.00 34.33  ? 414 HOH A O   1 
HETATM 1230 O  O   . HOH D 4 .   ? -8.848  -14.020 7.527   1.00 32.28  ? 415 HOH A O   1 
HETATM 1231 O  O   . HOH D 4 .   ? -9.528  -12.331 2.988   1.00 31.77  ? 416 HOH A O   1 
HETATM 1232 O  O   . HOH D 4 .   ? -6.596  19.241  -11.498 1.00 40.15  ? 417 HOH A O   1 
HETATM 1233 O  O   . HOH D 4 .   ? -6.184  4.045   -16.477 1.00 37.24  ? 418 HOH A O   1 
HETATM 1234 O  O   . HOH D 4 .   ? -14.180 14.832  8.317   1.00 36.87  ? 419 HOH A O   1 
HETATM 1235 O  O   . HOH D 4 .   ? 11.267  -12.343 -6.823  1.00 32.24  ? 420 HOH A O   1 
HETATM 1236 O  O   . HOH D 4 .   ? 9.373   8.137   5.993   1.00 37.30  ? 421 HOH A O   1 
HETATM 1237 O  O   . HOH D 4 .   ? -3.226  7.304   -16.108 1.00 37.08  ? 422 HOH A O   1 
HETATM 1238 O  O   . HOH D 4 .   ? 11.502  1.155   4.725   1.00 37.47  ? 423 HOH A O   1 
HETATM 1239 O  O   . HOH D 4 .   ? 5.088   -4.878  12.551  1.00 34.44  ? 424 HOH A O   1 
HETATM 1240 O  O   . HOH D 4 .   ? 16.385  1.005   -6.797  1.00 34.64  ? 425 HOH A O   1 
HETATM 1241 O  O   . HOH D 4 .   ? 5.587   10.362  7.878   1.00 38.66  ? 426 HOH A O   1 
HETATM 1242 O  O   . HOH D 4 .   ? -5.372  9.174   13.355  1.00 44.66  ? 427 HOH A O   1 
HETATM 1243 O  O   . HOH D 4 .   ? 4.293   8.891   -11.241 1.00 36.47  ? 428 HOH A O   1 
HETATM 1244 O  O   . HOH D 4 .   ? 5.087   -13.199 1.902   1.00 30.22  ? 429 HOH A O   1 
HETATM 1245 O  O   . HOH D 4 .   ? 4.758   -9.594  13.596  1.00 33.83  ? 430 HOH A O   1 
HETATM 1246 O  O   . HOH D 4 .   ? -0.837  13.175  -11.625 1.00 35.81  ? 431 HOH A O   1 
HETATM 1247 O  O   . HOH D 4 .   ? 0.119   7.827   -17.916 1.00 55.43  ? 432 HOH A O   1 
HETATM 1248 O  O   . HOH D 4 .   ? 7.799   -14.045 -8.960  1.00 43.35  ? 433 HOH A O   1 
HETATM 1249 O  O   . HOH D 4 .   ? -5.459  11.169  11.296  1.00 33.11  ? 434 HOH A O   1 
HETATM 1250 O  O   . HOH D 4 .   ? 7.041   -1.196  -17.688 1.00 24.87  ? 435 HOH A O   1 
HETATM 1251 O  O   . HOH D 4 .   ? 5.226   -13.503 -2.836  1.00 42.06  ? 436 HOH A O   1 
HETATM 1252 O  O   . HOH D 4 .   ? -1.716  12.151  -9.328  1.00 36.68  ? 437 HOH A O   1 
HETATM 1253 O  O   . HOH D 4 .   ? -11.569 13.872  -6.822  1.00 29.04  ? 438 HOH A O   1 
HETATM 1254 O  O   . HOH D 4 .   ? -8.636  3.726   15.871  1.00 41.00  ? 439 HOH A O   1 
HETATM 1255 O  O   . HOH D 4 .   ? 3.483   -14.078 -0.532  1.00 40.41  ? 440 HOH A O   1 
HETATM 1256 O  O   . HOH D 4 .   ? -8.313  21.329  -11.851 1.00 42.13  ? 441 HOH A O   1 
HETATM 1257 O  O   . HOH D 4 .   ? -7.327  5.329   14.249  1.00 38.24  ? 442 HOH A O   1 
HETATM 1258 O  O   . HOH D 4 .   ? 7.031   5.704   -8.164  1.00 34.43  ? 443 HOH A O   1 
HETATM 1259 O  O   . HOH D 4 .   ? -7.828  0.916   14.800  1.00 34.21  ? 444 HOH A O   1 
HETATM 1260 O  O   . HOH D 4 .   ? -1.791  5.313   -16.959 1.00 38.17  ? 445 HOH A O   1 
HETATM 1261 O  O   . HOH D 4 .   ? 1.901   -12.165 -12.077 1.00 39.54  ? 446 HOH A O   1 
HETATM 1262 O  O   . HOH D 4 .   ? 0.938   -7.005  16.458  1.00 41.72  ? 447 HOH A O   1 
HETATM 1263 O  O   . HOH D 4 .   ? 7.552   -10.186 9.751   1.00 40.74  ? 448 HOH A O   1 
HETATM 1264 O  O   . HOH D 4 .   ? 5.520   -15.419 3.214   1.00 42.53  ? 449 HOH A O   1 
HETATM 1265 O  O   . HOH D 4 .   ? 2.333   -17.646 5.855   1.00 39.06  ? 450 HOH A O   1 
HETATM 1266 O  O   . HOH D 4 .   ? 9.317   0.790   7.734   1.00 43.49  ? 451 HOH A O   1 
HETATM 1267 O  O   . HOH D 4 .   ? 1.304   17.966  -8.552  1.00 44.30  ? 452 HOH A O   1 
HETATM 1268 O  O   . HOH D 4 .   ? -4.307  2.788   14.661  1.00 38.72  ? 453 HOH A O   1 
HETATM 1269 O  O   . HOH D 4 .   ? 1.086   2.285   15.082  1.00 45.10  ? 454 HOH A O   1 
HETATM 1270 O  O   . HOH D 4 .   ? -3.291  1.376   -17.127 1.00 46.10  ? 455 HOH A O   1 
HETATM 1271 O  O   . HOH D 4 .   ? 0.913   12.604  -7.326  1.00 24.52  ? 456 HOH A O   1 
HETATM 1272 O  O   . HOH D 4 .   ? 17.910  -7.362  -9.236  1.00 35.16  ? 457 HOH A O   1 
HETATM 1273 O  O   . HOH D 4 .   ? -15.891 0.861   5.991   1.00 36.41  ? 458 HOH A O   1 
HETATM 1274 O  O   . HOH D 4 .   ? 4.545   9.014   9.612   1.00 35.45  ? 459 HOH A O   1 
HETATM 1275 O  O   . HOH D 4 .   ? -4.907  -18.749 8.034   1.00 33.72  ? 460 HOH A O   1 
HETATM 1276 O  O   . HOH D 4 .   ? -12.101 -7.113  -5.548  1.00 37.15  ? 461 HOH A O   1 
HETATM 1277 O  O   . HOH D 4 .   ? 3.571   -11.243 -3.617  1.00 35.38  ? 462 HOH A O   1 
HETATM 1278 O  O   . HOH D 4 .   ? -9.098  -10.204 -2.987  1.00 43.68  ? 463 HOH A O   1 
HETATM 1279 O  O   . HOH D 4 .   ? 8.853   3.141   8.485   1.00 42.30  ? 464 HOH A O   1 
HETATM 1280 O  O   . HOH D 4 .   ? 0.339   -1.880  -16.071 1.00 40.16  ? 465 HOH A O   1 
HETATM 1281 O  O   . HOH D 4 .   ? 5.801   -17.474 11.066  1.00 39.80  ? 466 HOH A O   1 
HETATM 1282 O  O   . HOH D 4 .   ? -0.694  -5.001  14.826  1.00 47.49  ? 467 HOH A O   1 
HETATM 1283 O  O   . HOH D 4 .   ? 12.169  -7.342  8.372   1.00 57.05  ? 468 HOH A O   1 
HETATM 1284 O  O   . HOH D 4 .   ? -11.561 -12.480 9.011   1.00 38.26  ? 469 HOH A O   1 
HETATM 1285 O  O   . HOH D 4 .   ? 4.394   11.788  -8.697  1.00 44.63  ? 470 HOH A O   1 
HETATM 1286 O  O   . HOH D 4 .   ? 9.661   -9.583  7.561   1.00 51.63  ? 471 HOH A O   1 
HETATM 1287 O  O   . HOH D 4 .   ? -6.194  -13.460 -7.541  1.00 41.74  ? 472 HOH A O   1 
HETATM 1288 O  O   . HOH D 4 .   ? 13.464  -11.383 -5.891  1.00 43.05  ? 473 HOH A O   1 
HETATM 1289 O  O   . HOH D 4 .   ? 2.938   -4.869  13.553  1.00 57.41  ? 474 HOH A O   1 
HETATM 1290 O  O   . HOH D 4 .   ? 5.249   4.991   -15.406 1.00 41.66  ? 475 HOH A O   1 
HETATM 1291 O  O   . HOH D 4 .   ? -3.485  -3.977  -13.297 1.00 36.76  ? 476 HOH A O   1 
HETATM 1292 O  O   . HOH D 4 .   ? 2.320   1.973   -21.030 1.00 47.95  ? 477 HOH A O   1 
HETATM 1293 O  O   . HOH D 4 .   ? -18.302 10.052  2.948   1.00 51.07  ? 478 HOH A O   1 
HETATM 1294 O  O   . HOH D 4 .   ? -18.240 3.430   -2.117  1.00 41.12  ? 479 HOH A O   1 
HETATM 1295 O  O   . HOH D 4 .   ? 3.578   6.400   -17.202 1.00 49.00  ? 480 HOH A O   1 
HETATM 1296 O  O   . HOH D 4 .   ? -4.161  19.312  4.881   1.00 40.41  ? 481 HOH A O   1 
HETATM 1297 O  O   . HOH D 4 .   ? -16.370 -1.951  11.205  1.00 50.68  ? 482 HOH A O   1 
HETATM 1298 O  O   . HOH D 4 .   ? 0.128   10.090  13.030  1.00 45.85  ? 483 HOH A O   1 
HETATM 1299 O  O   . HOH D 4 .   ? -6.515  -17.257 7.400   1.00 42.57  ? 484 HOH A O   1 
HETATM 1300 O  O   . HOH D 4 .   ? -14.428 0.838   -7.602  1.00 60.79  ? 485 HOH A O   1 
HETATM 1301 O  O   . HOH D 4 .   ? -1.211  12.794  14.592  1.00 52.76  ? 486 HOH A O   1 
HETATM 1302 O  O   . HOH D 4 .   ? -10.878 7.481   14.651  1.00 47.92  ? 487 HOH A O   1 
HETATM 1303 O  O   . HOH D 4 .   ? -15.686 6.499   -10.485 1.00 52.33  ? 488 HOH A O   1 
HETATM 1304 O  O   . HOH D 4 .   ? -0.835  -19.937 2.009   1.00 51.49  ? 489 HOH A O   1 
HETATM 1305 O  O   . HOH D 4 .   ? -9.768  0.708   -14.356 1.00 53.13  ? 490 HOH A O   1 
HETATM 1306 O  O   . HOH D 4 .   ? -10.435 20.529  -5.420  1.00 55.86  ? 491 HOH A O   1 
HETATM 1307 O  O   . HOH D 4 .   ? -17.675 8.077   9.753   1.00 45.36  ? 492 HOH A O   1 
HETATM 1308 O  O   . HOH D 4 .   ? 5.804   -11.302 -5.396  1.00 56.05  ? 493 HOH A O   1 
HETATM 1309 O  O   . HOH D 4 .   ? -18.304 7.647   7.476   1.00 51.90  ? 494 HOH A O   1 
HETATM 1310 O  O   . HOH D 4 .   ? 16.311  -9.738  -0.414  1.00 44.04  ? 495 HOH A O   1 
HETATM 1311 O  O   . HOH D 4 .   ? 8.154   -8.072  10.639  1.00 46.56  ? 496 HOH A O   1 
HETATM 1312 O  O   . HOH D 4 .   ? -9.305  -13.328 10.117  1.00 48.40  ? 497 HOH A O   1 
HETATM 1313 O  O   . HOH D 4 .   ? 12.113  -2.236  7.129   1.00 49.15  ? 498 HOH A O   1 
HETATM 1314 O  O   . HOH D 4 .   ? 10.130  -3.159  8.221   1.00 60.25  ? 499 HOH A O   1 
HETATM 1315 O  O   . HOH D 4 .   ? -10.580 18.301  -12.701 1.00 45.53  ? 500 HOH A O   1 
HETATM 1316 O  O   . HOH D 4 .   ? 2.010   -0.727  14.586  1.00 47.77  ? 501 HOH A O   1 
HETATM 1317 O  O   . HOH D 4 .   ? -14.727 3.584   -8.256  1.00 44.96  ? 502 HOH A O   1 
HETATM 1318 O  O   . HOH D 4 .   ? 15.635  -5.874  5.142   1.00 39.22  ? 503 HOH A O   1 
HETATM 1319 O  O   . HOH D 4 .   ? -17.669 5.547   10.034  1.00 54.75  ? 504 HOH A O   1 
HETATM 1320 O  O   . HOH D 4 .   ? 18.172  -1.245  4.506   1.00 58.72  ? 505 HOH A O   1 
HETATM 1321 O  O   . HOH D 4 .   ? -8.074  -15.570 8.817   1.00 33.95  ? 506 HOH A O   1 
HETATM 1322 O  O   . HOH D 4 .   ? 2.129   12.546  -12.321 1.00 54.28  ? 507 HOH A O   1 
HETATM 1323 O  O   . HOH D 4 .   ? -16.715 1.687   -3.538  1.00 43.35  ? 508 HOH A O   1 
HETATM 1324 O  O   . HOH D 4 .   ? -5.778  -3.214  -13.832 1.00 43.32  ? 509 HOH A O   1 
HETATM 1325 O  O   . HOH D 4 .   ? -1.100  -3.309  15.903  1.00 48.11  ? 510 HOH A O   1 
HETATM 1326 O  O   . HOH D 4 .   ? -5.107  14.459  12.498  1.00 49.93  ? 511 HOH A O   1 
HETATM 1327 O  O   . HOH D 4 .   ? 10.143  5.248   -3.982  1.00 42.89  ? 512 HOH A O   1 
HETATM 1328 O  O   . HOH D 4 .   ? 1.769   -3.581  15.924  1.00 48.28  ? 513 HOH A O   1 
HETATM 1329 O  O   . HOH D 4 .   ? -6.217  10.622  -16.808 1.00 61.76  ? 514 HOH A O   1 
HETATM 1330 O  O   . HOH D 4 .   ? 13.521  0.367   5.178   1.00 61.76  ? 515 HOH A O   1 
HETATM 1331 O  O   . HOH D 4 .   ? -4.578  18.796  8.897   1.00 46.85  ? 516 HOH A O   1 
HETATM 1332 O  O   . HOH D 4 .   ? -4.817  -19.598 2.024   1.00 47.45  ? 517 HOH A O   1 
HETATM 1333 O  O   . HOH D 4 .   ? 12.316  4.434   -1.518  1.00 44.53  ? 518 HOH A O   1 
HETATM 1334 O  O   . HOH D 4 .   ? -1.787  2.616   15.348  1.00 86.70  ? 519 HOH A O   1 
HETATM 1335 O  O   . HOH D 4 .   ? -5.342  -14.437 -5.085  1.00 43.33  ? 520 HOH A O   1 
HETATM 1336 O  O   . HOH D 4 .   ? 4.469   -1.072  -17.621 1.00 49.57  ? 521 HOH A O   1 
HETATM 1337 O  O   . HOH D 4 .   ? 18.726  -10.939 -1.929  1.00 58.92  ? 522 HOH A O   1 
HETATM 1338 O  O   . HOH D 4 .   ? -14.139 -3.819  13.609  1.00 42.26  ? 523 HOH A O   1 
HETATM 1339 O  O   . HOH D 4 .   ? 6.694   7.036   9.202   1.00 46.31  ? 524 HOH A O   1 
HETATM 1340 O  O   . HOH D 4 .   ? 0.505   -13.745 -4.977  1.00 46.81  ? 525 HOH A O   1 
HETATM 1341 O  O   . HOH D 4 .   ? 14.349  -5.405  1.697   1.00 30.54  ? 526 HOH A O   1 
HETATM 1342 O  O   . HOH D 4 .   ? -2.086  -4.220  -15.347 1.00 48.25  ? 527 HOH A O   1 
# 
